data_5H06
#
_entry.id   5H06
#
_cell.length_a   79.870
_cell.length_b   130.532
_cell.length_c   217.530
_cell.angle_alpha   90.000
_cell.angle_beta   90.000
_cell.angle_gamma   90.000
#
_symmetry.space_group_name_H-M   'P 21 21 21'
#
loop_
_entity.id
_entity.type
_entity.pdbx_description
1 polymer AmyP
2 branched alpha-D-glucopyranose-(1-4)-alpha-D-glucopyranose
3 non-polymer 'CALCIUM ION'
4 water water
#
_entity_poly.entity_id   1
_entity_poly.type   'polypeptide(L)'
_entity_poly.pdbx_seq_one_letter_code
;HMCDSALTAQANDLRIYQVMVESFVNGDDAIGHGTGYGTSHHKGDLQGIIDSLDYIESLGMNAIWLTPIFDSIPVEGQDH
WADRLDATGYFTSNYFAVDPRFGTMEQAKELVEKAHEKGLYVFFDGVFGHHKDNVVPSPEGRLPVGENNPVSYPESLAFY
QEVATFWIEELKIDGWRLDQAYQVPTEAWTAIRASVDEASKSVTYVNSKGEAVNPLGYMVAEIWNNENYIKETGYGAEGE
PALCSAFDFPVRYRVVETFAANENGIGNKGGKWLDEGMNLHRLYPSHAQPNLMLGNHDLVRFGDLLQRGNIASPEQAEYW
ERHKAALSFQAAYSGPITLYYGEEIGDELEGYAQKVEQDCAVQGLCDDHVARTSANIDGLTVNLNEKQRDLKQYVSQLMT
LRAAHPALSRGERTNIVANETVYIDHKQADDDALIYMVSTTADQDTVELKASDIASDGQLVDLLTGKVHSAINGEYQISL
APFEAKFLLIETPSASGLTKVATVSAASSLIGEGFMAQCDNPTIEGDGPIGKTLYVVGDFADASWKQKPHRAYRYVGENT
YQAVVDEKAGAFRMQYASKDWSPQFTADGLELTPGKTASLKRGGYGQDTAVTLPEAGQYVWSLKFTDSGDPEQIMVSKCP
;
_entity_poly.pdbx_strand_id   A,B,C,D
#
# COMPACT_ATOMS: atom_id res chain seq x y z
N HIS A 1 11.42 -37.85 29.12
CA HIS A 1 10.69 -38.95 29.72
C HIS A 1 9.33 -39.12 29.04
N MET A 2 8.66 -40.21 29.39
CA MET A 2 7.50 -40.68 28.66
C MET A 2 6.32 -39.71 28.77
N CYS A 3 5.47 -39.76 27.75
CA CYS A 3 4.16 -39.13 27.83
C CYS A 3 3.40 -39.73 29.00
N ASP A 4 2.97 -38.89 29.93
CA ASP A 4 2.38 -39.43 31.15
C ASP A 4 1.02 -40.03 30.82
N SER A 5 0.84 -41.31 31.19
CA SER A 5 -0.19 -42.12 30.58
C SER A 5 -1.60 -41.80 31.09
N ALA A 6 -1.73 -41.14 32.25
CA ALA A 6 -3.04 -40.72 32.69
C ALA A 6 -3.59 -39.61 31.81
N LEU A 7 -2.73 -38.65 31.45
CA LEU A 7 -3.11 -37.62 30.50
C LEU A 7 -3.53 -38.22 29.16
N THR A 8 -2.85 -39.27 28.73
CA THR A 8 -3.16 -39.85 27.41
C THR A 8 -4.63 -40.25 27.33
N ALA A 9 -5.13 -40.95 28.34
CA ALA A 9 -6.55 -41.32 28.34
C ALA A 9 -7.44 -40.09 28.37
N GLN A 10 -7.06 -39.09 29.18
CA GLN A 10 -7.86 -37.87 29.25
C GLN A 10 -7.86 -37.14 27.93
N ALA A 11 -6.70 -37.11 27.25
CA ALA A 11 -6.59 -36.32 26.02
C ALA A 11 -7.48 -36.88 24.91
N ASN A 12 -7.66 -38.20 24.84
CA ASN A 12 -8.52 -38.76 23.80
C ASN A 12 -9.97 -38.30 23.96
N ASP A 13 -10.35 -37.83 25.14
CA ASP A 13 -11.70 -37.35 25.39
C ASP A 13 -11.87 -35.86 25.13
N LEU A 14 -10.86 -35.16 24.64
CA LEU A 14 -10.98 -33.71 24.55
C LEU A 14 -11.82 -33.31 23.33
N ARG A 15 -12.77 -32.41 23.56
CA ARG A 15 -13.57 -31.80 22.50
C ARG A 15 -13.41 -30.29 22.70
N ILE A 16 -12.50 -29.69 21.95
CA ILE A 16 -12.03 -28.34 22.22
C ILE A 16 -12.75 -27.35 21.32
N TYR A 17 -13.15 -26.23 21.90
CA TYR A 17 -13.73 -25.11 21.15
C TYR A 17 -12.70 -23.99 21.10
N GLN A 18 -12.27 -23.62 19.89
CA GLN A 18 -11.25 -22.58 19.73
C GLN A 18 -11.91 -21.21 19.56
N VAL A 19 -11.49 -20.22 20.35
CA VAL A 19 -11.94 -18.84 20.17
C VAL A 19 -10.73 -17.97 19.85
N MET A 20 -10.86 -17.16 18.80
CA MET A 20 -9.95 -16.03 18.57
C MET A 20 -10.46 -14.86 19.39
N VAL A 21 -9.71 -14.43 20.40
CA VAL A 21 -10.28 -13.54 21.41
C VAL A 21 -10.79 -12.24 20.78
N GLU A 22 -9.94 -11.55 20.00
CA GLU A 22 -10.29 -10.20 19.54
C GLU A 22 -11.51 -10.19 18.63
N SER A 23 -11.74 -11.27 17.90
CA SER A 23 -12.85 -11.35 16.96
C SER A 23 -14.05 -12.14 17.48
N PHE A 24 -14.03 -12.56 18.75
CA PHE A 24 -15.09 -13.46 19.23
C PHE A 24 -16.29 -12.66 19.75
N VAL A 25 -16.36 -12.34 21.04
CA VAL A 25 -17.55 -11.68 21.59
C VAL A 25 -17.13 -10.43 22.36
N ASN A 26 -17.61 -9.26 21.91
CA ASN A 26 -17.37 -7.98 22.56
C ASN A 26 -18.30 -7.92 23.78
N GLY A 27 -17.83 -8.51 24.88
CA GLY A 27 -18.64 -8.59 26.09
C GLY A 27 -18.62 -7.35 26.95
N ASP A 28 -17.61 -6.49 26.80
CA ASP A 28 -17.52 -5.23 27.54
C ASP A 28 -17.15 -4.15 26.52
N ASP A 29 -18.14 -3.36 26.09
CA ASP A 29 -17.93 -2.41 25.01
C ASP A 29 -17.00 -1.25 25.40
N ALA A 30 -16.63 -1.16 26.68
CA ALA A 30 -15.71 -0.11 27.10
C ALA A 30 -14.27 -0.41 26.73
N ILE A 31 -13.93 -1.66 26.41
CA ILE A 31 -12.54 -2.02 26.11
C ILE A 31 -12.52 -2.77 24.79
N GLY A 32 -11.35 -2.78 24.17
CA GLY A 32 -11.13 -3.58 22.99
C GLY A 32 -10.12 -2.92 22.08
N HIS A 33 -9.40 -3.75 21.33
CA HIS A 33 -8.41 -3.21 20.41
C HIS A 33 -9.06 -2.27 19.39
N GLY A 34 -10.20 -2.65 18.83
CA GLY A 34 -10.87 -1.80 17.87
C GLY A 34 -10.27 -1.80 16.49
N THR A 35 -9.12 -2.46 16.31
CA THR A 35 -8.54 -2.71 15.01
C THR A 35 -7.82 -4.05 15.06
N GLY A 36 -7.47 -4.59 13.91
CA GLY A 36 -6.84 -5.89 13.86
C GLY A 36 -6.82 -6.43 12.45
N TYR A 37 -6.53 -7.73 12.34
CA TYR A 37 -6.48 -8.42 11.06
C TYR A 37 -7.72 -9.28 10.93
N GLY A 38 -8.66 -8.84 10.08
CA GLY A 38 -9.93 -9.52 9.95
C GLY A 38 -11.07 -8.52 9.80
N THR A 39 -12.29 -9.01 9.61
CA THR A 39 -13.45 -8.14 9.41
C THR A 39 -14.29 -7.97 10.67
N SER A 40 -13.83 -8.50 11.80
CA SER A 40 -14.63 -8.53 13.02
C SER A 40 -14.70 -7.15 13.66
N HIS A 41 -15.44 -7.07 14.76
CA HIS A 41 -15.52 -5.85 15.55
C HIS A 41 -14.22 -5.52 16.26
N HIS A 42 -13.26 -6.45 16.34
CA HIS A 42 -11.95 -6.23 16.97
C HIS A 42 -12.05 -5.78 18.42
N LYS A 43 -13.21 -5.98 19.06
CA LYS A 43 -13.38 -5.66 20.48
C LYS A 43 -13.74 -6.90 21.29
N GLY A 44 -13.40 -8.09 20.80
CA GLY A 44 -13.61 -9.29 21.60
C GLY A 44 -12.76 -9.28 22.86
N ASP A 45 -13.30 -9.86 23.94
CA ASP A 45 -12.65 -9.72 25.22
C ASP A 45 -12.96 -10.92 26.11
N LEU A 46 -12.41 -10.90 27.33
CA LEU A 46 -12.61 -12.02 28.23
C LEU A 46 -14.06 -12.09 28.72
N GLN A 47 -14.69 -10.94 28.97
CA GLN A 47 -16.09 -10.97 29.39
C GLN A 47 -16.96 -11.67 28.36
N GLY A 48 -16.70 -11.42 27.07
CA GLY A 48 -17.45 -12.09 26.02
C GLY A 48 -17.28 -13.60 26.03
N ILE A 49 -16.09 -14.09 26.41
CA ILE A 49 -15.90 -15.52 26.54
C ILE A 49 -16.64 -16.03 27.76
N ILE A 50 -16.51 -15.32 28.89
CA ILE A 50 -17.26 -15.68 30.08
C ILE A 50 -18.74 -15.75 29.77
N ASP A 51 -19.25 -14.81 28.97
CA ASP A 51 -20.66 -14.81 28.59
C ASP A 51 -21.02 -16.01 27.71
N SER A 52 -20.04 -16.64 27.08
CA SER A 52 -20.34 -17.69 26.11
C SER A 52 -20.18 -19.09 26.67
N LEU A 53 -19.81 -19.24 27.95
CA LEU A 53 -19.45 -20.57 28.46
C LEU A 53 -20.66 -21.51 28.49
N ASP A 54 -21.86 -20.99 28.80
CA ASP A 54 -23.05 -21.82 28.77
C ASP A 54 -23.32 -22.35 27.37
N TYR A 55 -23.17 -21.48 26.36
CA TYR A 55 -23.32 -21.90 24.97
C TYR A 55 -22.30 -22.98 24.61
N ILE A 56 -21.03 -22.77 24.99
CA ILE A 56 -20.01 -23.73 24.58
C ILE A 56 -20.26 -25.08 25.21
N GLU A 57 -20.66 -25.09 26.49
CA GLU A 57 -20.95 -26.35 27.16
C GLU A 57 -22.15 -27.04 26.54
N SER A 58 -23.20 -26.29 26.21
CA SER A 58 -24.40 -26.90 25.65
C SER A 58 -24.14 -27.52 24.29
N LEU A 59 -23.09 -27.09 23.60
CA LEU A 59 -22.67 -27.71 22.35
C LEU A 59 -22.11 -29.11 22.55
N GLY A 60 -21.80 -29.49 23.79
CA GLY A 60 -21.14 -30.75 24.08
C GLY A 60 -19.63 -30.70 24.11
N MET A 61 -19.03 -29.51 23.98
CA MET A 61 -17.59 -29.36 24.16
C MET A 61 -17.24 -29.54 25.63
N ASN A 62 -16.00 -29.99 25.89
CA ASN A 62 -15.53 -30.08 27.27
C ASN A 62 -14.23 -29.32 27.49
N ALA A 63 -13.88 -28.40 26.59
CA ALA A 63 -12.66 -27.61 26.76
C ALA A 63 -12.73 -26.39 25.85
N ILE A 64 -11.99 -25.34 26.22
CA ILE A 64 -11.86 -24.14 25.39
C ILE A 64 -10.40 -23.79 25.22
N TRP A 65 -10.02 -23.42 24.00
CA TRP A 65 -8.68 -22.93 23.71
C TRP A 65 -8.80 -21.46 23.30
N LEU A 66 -8.15 -20.57 24.08
CA LEU A 66 -8.08 -19.15 23.78
C LEU A 66 -6.77 -18.83 23.09
N THR A 67 -6.84 -18.01 22.04
CA THR A 67 -5.64 -17.46 21.45
C THR A 67 -4.99 -16.53 22.50
N PRO A 68 -3.74 -16.09 22.29
CA PRO A 68 -2.99 -15.51 23.41
C PRO A 68 -3.67 -14.28 23.99
N ILE A 69 -3.71 -14.20 25.31
CA ILE A 69 -4.35 -13.08 26.00
C ILE A 69 -3.34 -12.22 26.75
N PHE A 70 -2.04 -12.41 26.51
CA PHE A 70 -1.03 -11.69 27.27
C PHE A 70 -0.81 -10.27 26.71
N ASP A 71 -0.09 -9.46 27.47
CA ASP A 71 -0.07 -8.00 27.26
C ASP A 71 0.88 -7.62 26.13
N SER A 72 0.32 -7.25 24.99
CA SER A 72 1.09 -6.74 23.84
C SER A 72 1.10 -5.22 23.97
N ILE A 73 2.20 -4.68 24.49
CA ILE A 73 2.27 -3.28 24.87
C ILE A 73 2.58 -2.42 23.66
N PRO A 74 1.74 -1.44 23.33
CA PRO A 74 2.04 -0.58 22.18
C PRO A 74 3.20 0.36 22.50
N VAL A 75 3.99 0.63 21.47
CA VAL A 75 5.15 1.51 21.57
C VAL A 75 4.80 2.83 20.91
N GLU A 76 5.21 3.94 21.54
CA GLU A 76 4.87 5.27 21.04
C GLU A 76 5.24 5.41 19.57
N GLY A 77 4.27 5.83 18.77
CA GLY A 77 4.52 6.06 17.36
C GLY A 77 4.53 4.82 16.49
N GLN A 78 4.13 3.66 17.00
CA GLN A 78 4.10 2.47 16.13
C GLN A 78 3.01 2.62 15.07
N ASP A 79 3.16 1.89 13.97
CA ASP A 79 2.21 2.08 12.87
C ASP A 79 0.96 1.26 13.09
N HIS A 80 0.00 1.38 12.16
CA HIS A 80 -1.28 0.70 12.35
C HIS A 80 -1.13 -0.81 12.19
N TRP A 81 -0.18 -1.26 11.39
CA TRP A 81 0.11 -2.70 11.31
C TRP A 81 0.49 -3.23 12.69
N ALA A 82 1.28 -2.46 13.44
CA ALA A 82 1.66 -2.91 14.77
C ALA A 82 0.45 -2.89 15.70
N ASP A 83 -0.40 -1.86 15.57
CA ASP A 83 -1.67 -1.85 16.31
C ASP A 83 -2.48 -3.10 16.02
N ARG A 84 -2.57 -3.49 14.74
CA ARG A 84 -3.32 -4.68 14.39
C ARG A 84 -2.65 -5.94 14.94
N LEU A 85 -1.33 -6.00 14.91
CA LEU A 85 -0.66 -7.19 15.41
C LEU A 85 -0.86 -7.34 16.92
N ASP A 86 -0.88 -6.23 17.68
CA ASP A 86 -1.20 -6.32 19.11
C ASP A 86 -2.54 -6.97 19.35
N ALA A 87 -3.51 -6.76 18.45
CA ALA A 87 -4.82 -7.36 18.63
C ALA A 87 -4.78 -8.90 18.48
N THR A 88 -3.80 -9.46 17.76
CA THR A 88 -3.78 -10.91 17.61
C THR A 88 -3.24 -11.65 18.82
N GLY A 89 -2.43 -10.99 19.65
CA GLY A 89 -1.82 -11.65 20.79
C GLY A 89 -0.57 -12.47 20.47
N TYR A 90 -0.23 -12.66 19.20
CA TYR A 90 0.85 -13.60 18.89
C TYR A 90 2.25 -12.99 18.94
N PHE A 91 2.37 -11.67 19.13
CA PHE A 91 3.66 -11.00 19.33
C PHE A 91 3.52 -10.15 20.59
N THR A 92 3.74 -10.78 21.74
CA THR A 92 3.38 -10.18 23.01
C THR A 92 4.60 -9.54 23.65
N SER A 93 4.35 -8.75 24.70
CA SER A 93 5.39 -8.08 25.45
C SER A 93 5.53 -8.62 26.86
N ASN A 94 4.43 -8.71 27.59
CA ASN A 94 4.47 -9.19 28.97
C ASN A 94 3.71 -10.52 29.03
N TYR A 95 4.46 -11.61 29.04
CA TYR A 95 3.84 -12.93 29.10
C TYR A 95 3.14 -13.20 30.43
N PHE A 96 3.35 -12.37 31.44
CA PHE A 96 2.86 -12.63 32.78
C PHE A 96 1.71 -11.69 33.18
N ALA A 97 1.16 -10.94 32.24
CA ALA A 97 0.03 -10.06 32.51
C ALA A 97 -1.01 -10.21 31.41
N VAL A 98 -2.24 -9.83 31.71
CA VAL A 98 -3.30 -9.88 30.72
C VAL A 98 -3.33 -8.57 29.94
N ASP A 99 -3.48 -8.64 28.62
CA ASP A 99 -3.67 -7.43 27.82
C ASP A 99 -4.93 -6.70 28.28
N PRO A 100 -4.83 -5.42 28.67
CA PRO A 100 -6.03 -4.70 29.15
C PRO A 100 -7.09 -4.47 28.08
N ARG A 101 -6.79 -4.67 26.80
CA ARG A 101 -7.86 -4.60 25.82
C ARG A 101 -8.73 -5.86 25.85
N PHE A 102 -8.24 -6.94 26.46
CA PHE A 102 -9.02 -8.15 26.73
C PHE A 102 -9.63 -8.18 28.13
N GLY A 103 -8.91 -7.72 29.14
CA GLY A 103 -9.45 -7.71 30.49
C GLY A 103 -8.32 -7.65 31.51
N THR A 104 -8.66 -8.07 32.72
CA THR A 104 -7.73 -8.03 33.85
C THR A 104 -7.33 -9.44 34.26
N MET A 105 -6.32 -9.50 35.13
CA MET A 105 -5.93 -10.78 35.74
C MET A 105 -7.11 -11.40 36.48
N GLU A 106 -7.88 -10.57 37.20
CA GLU A 106 -9.03 -11.08 37.95
C GLU A 106 -10.09 -11.69 37.04
N GLN A 107 -10.32 -11.07 35.87
CA GLN A 107 -11.27 -11.65 34.91
C GLN A 107 -10.73 -12.93 34.28
N ALA A 108 -9.41 -13.00 34.05
CA ALA A 108 -8.83 -14.25 33.54
C ALA A 108 -8.97 -15.35 34.58
N LYS A 109 -8.76 -15.02 35.85
CA LYS A 109 -9.01 -15.97 36.92
C LYS A 109 -10.48 -16.39 36.95
N GLU A 110 -11.40 -15.41 36.94
CA GLU A 110 -12.82 -15.68 36.91
C GLU A 110 -13.20 -16.59 35.74
N LEU A 111 -12.63 -16.34 34.56
CA LEU A 111 -12.96 -17.15 33.39
C LEU A 111 -12.58 -18.62 33.62
N VAL A 112 -11.37 -18.86 34.13
CA VAL A 112 -10.94 -20.25 34.28
C VAL A 112 -11.77 -20.96 35.34
N GLU A 113 -12.05 -20.27 36.45
CA GLU A 113 -12.87 -20.85 37.52
C GLU A 113 -14.27 -21.19 37.01
N LYS A 114 -14.91 -20.27 36.27
CA LYS A 114 -16.25 -20.55 35.79
C LYS A 114 -16.25 -21.64 34.73
N ALA A 115 -15.22 -21.68 33.88
CA ALA A 115 -15.13 -22.77 32.91
C ALA A 115 -15.04 -24.11 33.62
N HIS A 116 -14.14 -24.22 34.61
CA HIS A 116 -14.05 -25.44 35.40
C HIS A 116 -15.38 -25.76 36.09
N GLU A 117 -16.04 -24.74 36.65
CA GLU A 117 -17.36 -24.95 37.25
C GLU A 117 -18.30 -25.65 36.29
N LYS A 118 -18.28 -25.25 35.01
CA LYS A 118 -19.19 -25.81 34.03
C LYS A 118 -18.63 -27.04 33.34
N GLY A 119 -17.51 -27.57 33.83
CA GLY A 119 -16.99 -28.82 33.30
C GLY A 119 -16.14 -28.70 32.06
N LEU A 120 -15.51 -27.55 31.86
CA LEU A 120 -14.67 -27.30 30.70
C LEU A 120 -13.20 -27.18 31.11
N TYR A 121 -12.32 -27.86 30.38
CA TYR A 121 -10.90 -27.57 30.47
C TYR A 121 -10.59 -26.24 29.79
N VAL A 122 -9.53 -25.57 30.25
CA VAL A 122 -9.08 -24.32 29.64
C VAL A 122 -7.63 -24.46 29.19
N PHE A 123 -7.38 -24.17 27.91
CA PHE A 123 -6.04 -24.13 27.35
C PHE A 123 -5.70 -22.72 26.90
N PHE A 124 -4.50 -22.25 27.25
CA PHE A 124 -3.99 -20.97 26.77
C PHE A 124 -3.06 -21.21 25.58
N ASP A 125 -2.69 -20.11 24.92
CA ASP A 125 -1.95 -20.17 23.66
C ASP A 125 -0.54 -19.66 23.94
N GLY A 126 0.44 -20.54 23.87
CA GLY A 126 1.82 -20.22 24.21
C GLY A 126 2.67 -20.06 22.98
N VAL A 127 3.22 -18.86 22.80
CA VAL A 127 4.09 -18.55 21.68
C VAL A 127 5.51 -18.52 22.25
N PHE A 128 6.23 -19.64 22.14
CA PHE A 128 7.50 -19.77 22.82
C PHE A 128 8.69 -19.62 21.87
N GLY A 129 8.45 -19.23 20.63
CA GLY A 129 9.51 -19.03 19.67
C GLY A 129 9.73 -17.57 19.27
N HIS A 130 8.78 -16.69 19.59
CA HIS A 130 8.90 -15.30 19.17
C HIS A 130 8.00 -14.42 20.04
N HIS A 131 8.23 -13.11 19.95
CA HIS A 131 7.58 -12.12 20.79
C HIS A 131 7.83 -10.74 20.19
N LYS A 132 7.19 -9.74 20.77
CA LYS A 132 7.38 -8.36 20.32
C LYS A 132 8.73 -7.83 20.83
N ASP A 133 9.26 -6.83 20.13
CA ASP A 133 10.59 -6.33 20.47
C ASP A 133 10.70 -5.78 21.89
N ASN A 134 9.60 -5.27 22.46
CA ASN A 134 9.65 -4.65 23.78
C ASN A 134 9.31 -5.64 24.90
N VAL A 135 9.76 -6.90 24.79
CA VAL A 135 9.43 -7.90 25.80
C VAL A 135 9.96 -7.46 27.17
N VAL A 136 9.21 -7.79 28.22
CA VAL A 136 9.59 -7.32 29.56
C VAL A 136 9.99 -8.50 30.42
N PRO A 137 10.87 -8.28 31.40
CA PRO A 137 11.39 -9.40 32.19
C PRO A 137 10.29 -10.08 33.00
N SER A 138 10.47 -11.38 33.18
CA SER A 138 9.61 -12.23 33.99
C SER A 138 9.62 -11.76 35.44
N PRO A 139 8.64 -12.20 36.25
CA PRO A 139 8.69 -11.87 37.69
C PRO A 139 9.98 -12.29 38.35
N GLU A 140 10.58 -13.40 37.92
CA GLU A 140 11.81 -13.89 38.51
C GLU A 140 13.04 -13.33 37.80
N GLY A 141 12.88 -12.28 36.98
CA GLY A 141 13.98 -11.55 36.41
C GLY A 141 14.58 -12.13 35.15
N ARG A 142 13.83 -12.93 34.41
CA ARG A 142 14.35 -13.65 33.26
C ARG A 142 13.95 -12.95 31.96
N LEU A 143 14.75 -13.16 30.92
CA LEU A 143 14.41 -12.67 29.58
C LEU A 143 14.70 -13.76 28.56
N PRO A 144 13.94 -13.81 27.46
CA PRO A 144 14.36 -14.62 26.32
C PRO A 144 15.61 -14.01 25.72
N VAL A 145 16.32 -14.82 24.93
CA VAL A 145 17.63 -14.44 24.43
C VAL A 145 17.63 -14.57 22.91
N GLY A 146 18.25 -13.59 22.23
CA GLY A 146 18.45 -13.68 20.80
C GLY A 146 17.63 -12.72 19.99
N GLU A 147 17.28 -13.09 18.77
CA GLU A 147 16.35 -12.31 17.98
C GLU A 147 14.97 -12.33 18.61
N ASN A 148 14.11 -11.41 18.16
CA ASN A 148 12.70 -11.46 18.56
C ASN A 148 11.96 -12.60 17.88
N ASN A 149 12.44 -13.04 16.71
CA ASN A 149 11.78 -14.06 15.91
C ASN A 149 12.74 -14.69 14.91
N PRO A 150 13.20 -15.92 15.18
CA PRO A 150 12.93 -16.72 16.37
C PRO A 150 13.92 -16.47 17.51
N VAL A 151 13.49 -16.70 18.74
CA VAL A 151 14.40 -16.60 19.89
C VAL A 151 15.39 -17.77 19.88
N SER A 152 16.48 -17.60 20.63
CA SER A 152 17.54 -18.61 20.67
C SER A 152 17.31 -19.62 21.78
N TYR A 153 17.47 -20.89 21.44
CA TYR A 153 17.50 -21.98 22.40
C TYR A 153 18.89 -22.61 22.40
N PRO A 154 19.37 -23.09 23.55
CA PRO A 154 18.64 -23.21 24.82
C PRO A 154 18.66 -21.95 25.69
N GLU A 155 19.22 -20.85 25.19
CA GLU A 155 19.36 -19.67 26.05
C GLU A 155 18.02 -19.18 26.56
N SER A 156 16.95 -19.30 25.76
CA SER A 156 15.64 -18.82 26.13
C SER A 156 14.83 -19.81 26.96
N LEU A 157 15.35 -21.02 27.21
CA LEU A 157 14.53 -22.08 27.79
C LEU A 157 14.02 -21.72 29.19
N ALA A 158 14.91 -21.24 30.06
CA ALA A 158 14.51 -20.93 31.43
C ALA A 158 13.35 -19.92 31.45
N PHE A 159 13.40 -18.92 30.57
CA PHE A 159 12.32 -17.95 30.50
C PHE A 159 10.99 -18.61 30.17
N TYR A 160 10.97 -19.47 29.15
CA TYR A 160 9.70 -20.03 28.71
C TYR A 160 9.22 -21.15 29.61
N GLN A 161 10.13 -21.83 30.31
CA GLN A 161 9.69 -22.69 31.40
C GLN A 161 8.93 -21.88 32.44
N GLU A 162 9.41 -20.66 32.74
CA GLU A 162 8.73 -19.82 33.73
C GLU A 162 7.36 -19.38 33.25
N VAL A 163 7.26 -18.98 31.98
CA VAL A 163 5.97 -18.66 31.38
C VAL A 163 5.02 -19.83 31.49
N ALA A 164 5.47 -21.02 31.07
CA ALA A 164 4.57 -22.16 30.92
C ALA A 164 4.03 -22.65 32.26
N THR A 165 4.81 -22.53 33.33
CA THR A 165 4.35 -22.98 34.64
C THR A 165 3.60 -21.89 35.39
N PHE A 166 3.91 -20.62 35.13
CA PHE A 166 3.24 -19.50 35.80
C PHE A 166 1.72 -19.58 35.68
N TRP A 167 1.21 -19.74 34.44
CA TRP A 167 -0.23 -19.70 34.27
C TRP A 167 -0.91 -20.93 34.83
N ILE A 168 -0.19 -22.05 34.86
CA ILE A 168 -0.71 -23.25 35.51
C ILE A 168 -0.80 -23.03 37.01
N GLU A 169 0.29 -22.54 37.63
CA GLU A 169 0.31 -22.39 39.08
C GLU A 169 -0.61 -21.26 39.55
N GLU A 170 -0.77 -20.20 38.76
CA GLU A 170 -1.59 -19.07 39.19
C GLU A 170 -3.07 -19.28 38.87
N LEU A 171 -3.40 -19.69 37.65
CA LEU A 171 -4.79 -19.81 37.19
C LEU A 171 -5.29 -21.24 37.05
N LYS A 172 -4.44 -22.24 37.24
CA LYS A 172 -4.83 -23.65 37.12
C LYS A 172 -5.33 -23.99 35.71
N ILE A 173 -4.78 -23.35 34.66
CA ILE A 173 -5.15 -23.74 33.30
C ILE A 173 -4.69 -25.17 33.03
N ASP A 174 -5.38 -25.85 32.12
CA ASP A 174 -5.16 -27.26 31.88
C ASP A 174 -4.13 -27.54 30.79
N GLY A 175 -3.48 -26.52 30.23
CA GLY A 175 -2.39 -26.78 29.33
C GLY A 175 -2.25 -25.70 28.29
N TRP A 176 -1.52 -26.05 27.23
CA TRP A 176 -1.01 -25.10 26.26
C TRP A 176 -1.19 -25.60 24.85
N ARG A 177 -1.71 -24.74 23.97
CA ARG A 177 -1.52 -24.87 22.54
C ARG A 177 -0.23 -24.12 22.21
N LEU A 178 0.62 -24.72 21.38
CA LEU A 178 1.98 -24.24 21.17
C LEU A 178 2.13 -23.72 19.74
N ASP A 179 2.20 -22.40 19.60
CA ASP A 179 2.28 -21.76 18.30
C ASP A 179 3.61 -22.04 17.60
N GLN A 180 3.54 -22.36 16.31
CA GLN A 180 4.74 -22.51 15.47
C GLN A 180 5.83 -23.31 16.18
N ALA A 181 5.46 -24.50 16.62
CA ALA A 181 6.24 -25.21 17.64
C ALA A 181 7.59 -25.67 17.14
N TYR A 182 7.78 -25.79 15.82
CA TYR A 182 9.08 -26.16 15.29
C TYR A 182 10.14 -25.08 15.50
N GLN A 183 9.75 -23.87 15.94
CA GLN A 183 10.75 -22.87 16.32
C GLN A 183 11.46 -23.23 17.61
N VAL A 184 10.92 -24.18 18.37
CA VAL A 184 11.47 -24.61 19.65
C VAL A 184 12.01 -26.03 19.45
N PRO A 185 13.29 -26.28 19.69
CA PRO A 185 13.85 -27.61 19.42
C PRO A 185 13.24 -28.66 20.34
N THR A 186 13.29 -29.91 19.87
CA THR A 186 12.66 -31.01 20.60
C THR A 186 13.24 -31.18 22.00
N GLU A 187 14.54 -30.94 22.18
CA GLU A 187 15.10 -31.03 23.53
C GLU A 187 14.47 -30.01 24.46
N ALA A 188 14.16 -28.82 23.93
CA ALA A 188 13.49 -27.83 24.77
C ALA A 188 12.06 -28.25 25.07
N TRP A 189 11.34 -28.81 24.10
CA TRP A 189 9.97 -29.25 24.38
C TRP A 189 9.94 -30.31 25.47
N THR A 190 10.90 -31.25 25.45
CA THR A 190 10.95 -32.26 26.50
C THR A 190 11.06 -31.61 27.88
N ALA A 191 11.93 -30.60 28.00
CA ALA A 191 12.12 -29.92 29.29
C ALA A 191 10.93 -29.04 29.64
N ILE A 192 10.33 -28.37 28.65
CA ILE A 192 9.15 -27.54 28.93
C ILE A 192 7.99 -28.43 29.36
N ARG A 193 7.82 -29.58 28.71
CA ARG A 193 6.79 -30.53 29.10
C ARG A 193 7.02 -31.07 30.50
N ALA A 194 8.28 -31.31 30.87
CA ALA A 194 8.55 -31.71 32.25
C ALA A 194 8.17 -30.61 33.23
N SER A 195 8.50 -29.35 32.90
CA SER A 195 8.07 -28.23 33.72
C SER A 195 6.55 -28.17 33.83
N VAL A 196 5.85 -28.33 32.70
CA VAL A 196 4.39 -28.30 32.70
C VAL A 196 3.82 -29.43 33.55
N ASP A 197 4.37 -30.64 33.43
CA ASP A 197 3.84 -31.76 34.20
C ASP A 197 4.05 -31.54 35.68
N GLU A 198 5.24 -31.06 36.06
CA GLU A 198 5.53 -30.79 37.46
C GLU A 198 4.64 -29.69 38.04
N ALA A 199 4.45 -28.59 37.29
CA ALA A 199 3.57 -27.54 37.78
C ALA A 199 2.13 -28.04 37.92
N SER A 200 1.66 -28.80 36.92
CA SER A 200 0.29 -29.30 36.97
C SER A 200 0.07 -30.22 38.16
N LYS A 201 1.03 -31.09 38.46
CA LYS A 201 0.88 -32.01 39.58
C LYS A 201 1.03 -31.32 40.92
N SER A 202 1.45 -30.06 40.94
CA SER A 202 1.68 -29.34 42.18
C SER A 202 0.47 -28.53 42.65
N VAL A 203 -0.59 -28.41 41.85
CA VAL A 203 -1.79 -27.67 42.22
C VAL A 203 -3.01 -28.52 41.90
N THR A 204 -4.14 -28.18 42.52
CA THR A 204 -5.41 -28.80 42.17
C THR A 204 -6.51 -27.77 42.06
N TYR A 205 -7.60 -28.18 41.42
CA TYR A 205 -8.86 -27.43 41.46
C TYR A 205 -10.00 -28.44 41.59
N VAL A 206 -11.17 -27.96 41.99
CA VAL A 206 -12.36 -28.79 42.08
C VAL A 206 -13.07 -28.79 40.73
N ASN A 207 -13.16 -29.95 40.09
CA ASN A 207 -13.88 -30.05 38.82
C ASN A 207 -15.37 -30.05 39.07
N SER A 208 -16.15 -30.10 37.98
CA SER A 208 -17.61 -30.01 38.10
C SER A 208 -18.20 -31.23 38.79
N LYS A 209 -17.46 -32.34 38.87
CA LYS A 209 -17.96 -33.53 39.55
C LYS A 209 -17.72 -33.48 41.05
N GLY A 210 -17.04 -32.46 41.54
CA GLY A 210 -16.72 -32.35 42.96
C GLY A 210 -15.41 -32.98 43.38
N GLU A 211 -14.56 -33.37 42.43
CA GLU A 211 -13.28 -34.00 42.72
C GLU A 211 -12.15 -32.98 42.59
N ALA A 212 -11.18 -33.05 43.51
CA ALA A 212 -9.95 -32.27 43.37
C ALA A 212 -9.07 -32.94 42.33
N VAL A 213 -8.73 -32.21 41.27
CA VAL A 213 -7.97 -32.77 40.16
C VAL A 213 -6.77 -31.88 39.87
N ASN A 214 -5.69 -32.50 39.36
CA ASN A 214 -4.63 -31.66 38.82
C ASN A 214 -5.03 -31.14 37.45
N PRO A 215 -4.59 -29.93 37.10
CA PRO A 215 -4.72 -29.50 35.71
C PRO A 215 -4.14 -30.56 34.77
N LEU A 216 -4.73 -30.68 33.58
CA LEU A 216 -4.35 -31.77 32.68
C LEU A 216 -2.87 -31.76 32.35
N GLY A 217 -2.28 -30.58 32.12
CA GLY A 217 -0.95 -30.54 31.55
C GLY A 217 -0.92 -30.87 30.06
N TYR A 218 -2.05 -30.72 29.37
CA TYR A 218 -2.10 -31.06 27.96
C TYR A 218 -1.29 -30.04 27.16
N MET A 219 -0.56 -30.52 26.15
CA MET A 219 0.19 -29.65 25.24
C MET A 219 -0.01 -30.13 23.81
N VAL A 220 -0.45 -29.24 22.93
CA VAL A 220 -0.68 -29.61 21.54
C VAL A 220 0.08 -28.63 20.65
N ALA A 221 0.94 -29.16 19.80
CA ALA A 221 1.80 -28.34 18.95
C ALA A 221 1.08 -27.95 17.67
N GLU A 222 1.27 -26.70 17.24
CA GLU A 222 0.89 -26.30 15.89
C GLU A 222 2.12 -26.43 15.01
N ILE A 223 2.12 -27.43 14.14
CA ILE A 223 3.17 -27.65 13.16
C ILE A 223 2.48 -27.82 11.82
N TRP A 224 2.40 -26.72 11.06
CA TRP A 224 1.67 -26.66 9.80
C TRP A 224 2.54 -27.30 8.72
N ASN A 225 2.47 -28.63 8.64
CA ASN A 225 3.35 -29.38 7.74
C ASN A 225 2.83 -30.81 7.68
N ASN A 226 3.52 -31.66 6.91
CA ASN A 226 3.10 -33.05 6.75
C ASN A 226 3.64 -33.91 7.90
N GLU A 227 3.25 -35.19 7.89
CA GLU A 227 3.52 -36.07 9.04
C GLU A 227 5.01 -36.19 9.34
N ASN A 228 5.85 -36.20 8.31
CA ASN A 228 7.27 -36.39 8.59
C ASN A 228 7.84 -35.21 9.37
N TYR A 229 7.35 -34.00 9.11
CA TYR A 229 7.79 -32.82 9.85
C TYR A 229 7.13 -32.72 11.21
N ILE A 230 5.87 -33.13 11.34
CA ILE A 230 5.24 -33.14 12.65
C ILE A 230 5.96 -34.13 13.56
N LYS A 231 6.42 -35.26 13.00
CA LYS A 231 7.23 -36.17 13.79
C LYS A 231 8.59 -35.57 14.12
N GLU A 232 9.30 -35.06 13.11
CA GLU A 232 10.65 -34.56 13.34
C GLU A 232 10.68 -33.43 14.38
N THR A 233 9.71 -32.51 14.34
CA THR A 233 9.81 -31.30 15.16
C THR A 233 8.78 -31.25 16.29
N GLY A 234 7.90 -32.24 16.40
CA GLY A 234 6.89 -32.20 17.43
C GLY A 234 6.88 -33.45 18.28
N TYR A 235 6.56 -34.61 17.69
CA TYR A 235 6.45 -35.83 18.51
C TYR A 235 7.80 -36.37 18.96
N GLY A 236 8.85 -36.17 18.19
CA GLY A 236 10.12 -36.80 18.47
C GLY A 236 10.13 -38.28 18.10
N ALA A 237 11.28 -38.91 18.36
CA ALA A 237 11.44 -40.30 17.99
C ALA A 237 10.67 -41.23 18.91
N GLU A 238 10.39 -42.43 18.40
CA GLU A 238 9.91 -43.53 19.23
C GLU A 238 10.88 -43.77 20.39
N GLY A 239 10.33 -43.82 21.60
CA GLY A 239 11.13 -44.01 22.80
C GLY A 239 11.75 -42.75 23.36
N GLU A 240 11.75 -41.64 22.62
CA GLU A 240 12.29 -40.36 23.08
C GLU A 240 11.30 -39.25 22.79
N PRO A 241 10.14 -39.24 23.46
CA PRO A 241 9.08 -38.27 23.12
C PRO A 241 9.49 -36.84 23.40
N ALA A 242 9.18 -35.96 22.45
CA ALA A 242 9.31 -34.52 22.65
C ALA A 242 7.99 -33.97 23.17
N LEU A 243 6.98 -33.86 22.29
CA LEU A 243 5.62 -33.58 22.69
C LEU A 243 4.72 -34.77 22.40
N CYS A 244 3.54 -34.78 23.02
CA CYS A 244 2.64 -35.92 22.90
C CYS A 244 1.45 -35.69 21.97
N SER A 245 1.16 -34.43 21.62
CA SER A 245 0.01 -34.14 20.78
C SER A 245 0.35 -33.00 19.84
N ALA A 246 -0.13 -33.10 18.60
CA ALA A 246 0.01 -32.04 17.60
C ALA A 246 -1.23 -32.06 16.71
N PHE A 247 -1.54 -30.89 16.13
CA PHE A 247 -2.72 -30.80 15.28
C PHE A 247 -2.54 -31.63 14.03
N ASP A 248 -3.63 -32.26 13.59
CA ASP A 248 -3.58 -33.13 12.42
C ASP A 248 -3.89 -32.30 11.18
N PHE A 249 -2.94 -31.43 10.82
CA PHE A 249 -3.06 -30.73 9.54
C PHE A 249 -3.24 -31.66 8.37
N PRO A 250 -2.46 -32.75 8.22
CA PRO A 250 -2.65 -33.62 7.04
C PRO A 250 -4.07 -34.13 6.88
N VAL A 251 -4.70 -34.61 7.95
CA VAL A 251 -6.07 -35.12 7.79
C VAL A 251 -7.07 -33.99 7.63
N ARG A 252 -6.84 -32.84 8.28
CA ARG A 252 -7.66 -31.65 7.99
C ARG A 252 -7.73 -31.41 6.49
N TYR A 253 -6.57 -31.40 5.84
CA TYR A 253 -6.56 -31.16 4.40
C TYR A 253 -7.29 -32.26 3.65
N ARG A 254 -7.09 -33.53 4.04
CA ARG A 254 -7.83 -34.60 3.38
C ARG A 254 -9.33 -34.42 3.54
N VAL A 255 -9.77 -33.97 4.72
CA VAL A 255 -11.21 -33.82 4.96
C VAL A 255 -11.79 -32.70 4.10
N VAL A 256 -11.15 -31.52 4.11
CA VAL A 256 -11.70 -30.44 3.30
C VAL A 256 -11.55 -30.74 1.81
N GLU A 257 -10.54 -31.53 1.42
CA GLU A 257 -10.41 -31.88 0.01
C GLU A 257 -11.45 -32.91 -0.41
N THR A 258 -12.04 -33.62 0.54
CA THR A 258 -13.13 -34.54 0.24
C THR A 258 -14.49 -33.83 0.25
N PHE A 259 -14.80 -33.12 1.33
CA PHE A 259 -16.14 -32.58 1.49
C PHE A 259 -16.27 -31.15 0.98
N ALA A 260 -15.16 -30.49 0.65
CA ALA A 260 -15.16 -29.16 0.06
C ALA A 260 -14.06 -29.08 -0.99
N ALA A 261 -13.23 -28.04 -0.91
CA ALA A 261 -11.93 -28.01 -1.58
C ALA A 261 -11.00 -27.19 -0.68
N ASN A 262 -9.70 -27.45 -0.76
CA ASN A 262 -8.78 -26.72 0.11
C ASN A 262 -8.57 -25.31 -0.45
N GLU A 263 -7.74 -24.51 0.24
CA GLU A 263 -7.61 -23.10 -0.13
C GLU A 263 -7.09 -22.94 -1.55
N ASN A 264 -6.27 -23.88 -2.01
CA ASN A 264 -5.67 -23.86 -3.35
C ASN A 264 -6.56 -24.50 -4.41
N GLY A 265 -7.72 -25.04 -4.01
CA GLY A 265 -8.70 -25.52 -4.96
C GLY A 265 -8.73 -27.02 -5.19
N ILE A 266 -7.90 -27.80 -4.50
CA ILE A 266 -7.95 -29.26 -4.64
C ILE A 266 -9.16 -29.77 -3.86
N GLY A 267 -10.05 -30.50 -4.55
CA GLY A 267 -11.30 -30.91 -3.94
C GLY A 267 -11.96 -32.02 -4.73
N ASN A 268 -13.22 -32.30 -4.36
CA ASN A 268 -14.01 -33.34 -5.01
C ASN A 268 -13.39 -34.73 -4.84
N LYS A 269 -12.64 -34.93 -3.75
CA LYS A 269 -12.06 -36.24 -3.49
C LYS A 269 -13.09 -37.17 -2.83
N GLY A 270 -12.71 -38.44 -2.66
CA GLY A 270 -13.61 -39.43 -2.10
C GLY A 270 -13.11 -40.17 -0.85
N GLY A 271 -13.83 -41.23 -0.47
CA GLY A 271 -13.41 -42.02 0.68
C GLY A 271 -12.00 -42.57 0.58
N LYS A 272 -11.58 -42.92 -0.65
CA LYS A 272 -10.22 -43.42 -0.85
C LYS A 272 -9.18 -42.40 -0.40
N TRP A 273 -9.45 -41.12 -0.66
CA TRP A 273 -8.54 -40.05 -0.25
C TRP A 273 -8.49 -39.93 1.27
N LEU A 274 -9.65 -39.98 1.93
CA LEU A 274 -9.70 -39.91 3.39
C LEU A 274 -8.97 -41.07 4.02
N ASP A 275 -9.21 -42.29 3.53
CA ASP A 275 -8.55 -43.48 4.09
C ASP A 275 -7.03 -43.36 3.96
N GLU A 276 -6.55 -42.94 2.79
CA GLU A 276 -5.11 -42.77 2.58
C GLU A 276 -4.52 -41.80 3.60
N GLY A 277 -5.28 -40.74 3.92
CA GLY A 277 -4.80 -39.79 4.91
C GLY A 277 -4.74 -40.38 6.31
N MET A 278 -5.81 -41.07 6.71
CA MET A 278 -5.83 -41.70 8.03
C MET A 278 -4.74 -42.75 8.16
N ASN A 279 -4.47 -43.47 7.06
CA ASN A 279 -3.45 -44.52 7.09
C ASN A 279 -2.06 -43.97 7.37
N LEU A 280 -1.81 -42.69 7.06
CA LEU A 280 -0.50 -42.11 7.30
C LEU A 280 -0.22 -41.89 8.78
N HIS A 281 -1.21 -42.10 9.65
CA HIS A 281 -0.93 -42.12 11.07
C HIS A 281 0.10 -43.17 11.44
N ARG A 282 0.27 -44.20 10.60
CA ARG A 282 1.29 -45.21 10.83
C ARG A 282 2.71 -44.64 10.84
N LEU A 283 2.92 -43.43 10.31
CA LEU A 283 4.25 -42.85 10.34
C LEU A 283 4.62 -42.32 11.72
N TYR A 284 3.62 -42.08 12.58
CA TYR A 284 3.86 -41.46 13.87
C TYR A 284 4.38 -42.47 14.89
N PRO A 285 5.17 -42.03 15.86
CA PRO A 285 5.58 -42.93 16.95
C PRO A 285 4.39 -43.30 17.82
N SER A 286 4.59 -44.35 18.62
CA SER A 286 3.49 -44.95 19.37
C SER A 286 2.82 -43.97 20.31
N HIS A 287 3.52 -42.94 20.77
CA HIS A 287 2.98 -42.01 21.76
C HIS A 287 2.23 -40.83 21.14
N ALA A 288 2.19 -40.71 19.83
CA ALA A 288 1.59 -39.54 19.21
C ALA A 288 0.07 -39.59 19.36
N GLN A 289 -0.53 -38.43 19.69
CA GLN A 289 -1.97 -38.26 19.79
C GLN A 289 -2.40 -37.10 18.90
N PRO A 290 -2.61 -37.35 17.62
CA PRO A 290 -2.98 -36.27 16.69
C PRO A 290 -4.33 -35.68 17.07
N ASN A 291 -4.47 -34.38 16.82
CA ASN A 291 -5.65 -33.61 17.22
C ASN A 291 -6.27 -33.06 15.95
N LEU A 292 -7.45 -33.55 15.58
CA LEU A 292 -8.06 -33.16 14.31
C LEU A 292 -8.90 -31.90 14.47
N MET A 293 -8.59 -30.88 13.67
CA MET A 293 -9.47 -29.74 13.46
C MET A 293 -9.87 -29.69 12.00
N LEU A 294 -10.94 -28.97 11.71
CA LEU A 294 -11.33 -28.69 10.33
C LEU A 294 -10.84 -27.33 9.87
N GLY A 295 -10.64 -26.40 10.81
CA GLY A 295 -10.23 -25.05 10.49
C GLY A 295 -9.61 -24.44 11.73
N ASN A 296 -9.14 -23.21 11.56
CA ASN A 296 -8.69 -22.40 12.70
C ASN A 296 -8.65 -20.94 12.25
N HIS A 297 -7.96 -20.10 13.00
CA HIS A 297 -7.88 -18.67 12.74
C HIS A 297 -6.91 -18.30 11.62
N ASP A 298 -6.20 -19.29 11.07
CA ASP A 298 -5.26 -19.09 9.96
C ASP A 298 -5.76 -19.70 8.65
N LEU A 299 -6.92 -20.36 8.65
CA LEU A 299 -7.45 -21.09 7.51
C LEU A 299 -8.82 -20.53 7.13
N VAL A 300 -9.13 -20.55 5.83
CA VAL A 300 -10.42 -20.08 5.36
C VAL A 300 -11.53 -20.93 5.98
N ARG A 301 -12.63 -20.27 6.38
CA ARG A 301 -13.77 -21.00 6.90
C ARG A 301 -14.24 -22.06 5.92
N PHE A 302 -14.66 -23.21 6.45
CA PHE A 302 -15.15 -24.31 5.61
C PHE A 302 -16.22 -23.84 4.63
N GLY A 303 -17.17 -23.02 5.10
CA GLY A 303 -18.25 -22.55 4.22
C GLY A 303 -17.77 -21.61 3.13
N ASP A 304 -16.74 -20.82 3.41
CA ASP A 304 -16.16 -20.02 2.34
C ASP A 304 -15.38 -20.88 1.36
N LEU A 305 -14.73 -21.94 1.86
CA LEU A 305 -14.09 -22.90 0.95
C LEU A 305 -15.10 -23.53 0.01
N LEU A 306 -16.31 -23.81 0.52
CA LEU A 306 -17.35 -24.39 -0.35
C LEU A 306 -17.72 -23.42 -1.46
N GLN A 307 -17.84 -22.13 -1.13
CA GLN A 307 -18.18 -21.13 -2.13
C GLN A 307 -17.01 -20.89 -3.09
N ARG A 308 -15.78 -20.88 -2.55
CA ARG A 308 -14.60 -20.65 -3.36
C ARG A 308 -14.47 -21.70 -4.45
N GLY A 309 -14.76 -22.96 -4.11
CA GLY A 309 -14.74 -23.98 -5.13
C GLY A 309 -15.99 -24.08 -5.96
N ASN A 310 -16.89 -23.12 -5.83
CA ASN A 310 -18.15 -23.12 -6.55
C ASN A 310 -18.90 -24.43 -6.32
N ILE A 311 -18.78 -24.95 -5.10
CA ILE A 311 -19.38 -26.22 -4.72
C ILE A 311 -20.79 -26.02 -4.15
N ALA A 312 -20.93 -25.09 -3.20
CA ALA A 312 -22.21 -24.86 -2.54
C ALA A 312 -22.13 -23.53 -1.80
N SER A 313 -23.30 -22.95 -1.54
CA SER A 313 -23.45 -21.73 -0.76
C SER A 313 -24.64 -21.93 0.18
N PRO A 314 -24.76 -21.10 1.23
CA PRO A 314 -25.74 -21.39 2.29
C PRO A 314 -27.18 -21.49 1.82
N GLU A 315 -27.53 -20.95 0.65
CA GLU A 315 -28.90 -21.09 0.18
C GLU A 315 -29.21 -22.51 -0.30
N GLN A 316 -28.22 -23.38 -0.44
CA GLN A 316 -28.43 -24.73 -0.93
C GLN A 316 -28.30 -25.77 0.18
N ALA A 317 -29.17 -26.78 0.12
CA ALA A 317 -29.15 -27.83 1.15
C ALA A 317 -27.79 -28.52 1.23
N GLU A 318 -27.13 -28.71 0.08
CA GLU A 318 -25.87 -29.46 0.04
C GLU A 318 -24.76 -28.75 0.83
N TYR A 319 -24.80 -27.42 0.90
CA TYR A 319 -23.90 -26.70 1.78
C TYR A 319 -23.95 -27.25 3.20
N TRP A 320 -25.14 -27.54 3.70
CA TRP A 320 -25.27 -28.00 5.07
C TRP A 320 -24.94 -29.49 5.18
N GLU A 321 -25.33 -30.29 4.17
CA GLU A 321 -24.98 -31.71 4.15
CA GLU A 321 -24.99 -31.70 4.21
C GLU A 321 -23.47 -31.90 4.18
N ARG A 322 -22.74 -31.09 3.42
CA ARG A 322 -21.29 -31.23 3.40
C ARG A 322 -20.66 -30.81 4.73
N HIS A 323 -21.17 -29.75 5.36
CA HIS A 323 -20.74 -29.44 6.73
C HIS A 323 -20.97 -30.64 7.65
N LYS A 324 -22.17 -31.22 7.59
CA LYS A 324 -22.47 -32.36 8.46
C LYS A 324 -21.53 -33.52 8.20
N ALA A 325 -21.23 -33.80 6.92
CA ALA A 325 -20.36 -34.93 6.63
C ALA A 325 -18.96 -34.70 7.17
N ALA A 326 -18.42 -33.49 6.97
CA ALA A 326 -17.09 -33.18 7.48
C ALA A 326 -17.05 -33.21 9.00
N LEU A 327 -18.08 -32.66 9.66
CA LEU A 327 -18.12 -32.69 11.11
C LEU A 327 -18.34 -34.09 11.64
N SER A 328 -19.10 -34.92 10.91
CA SER A 328 -19.28 -36.30 11.32
C SER A 328 -17.97 -37.07 11.25
N PHE A 329 -17.11 -36.76 10.26
CA PHE A 329 -15.81 -37.42 10.19
C PHE A 329 -14.99 -37.12 11.43
N GLN A 330 -15.00 -35.86 11.86
CA GLN A 330 -14.34 -35.49 13.10
C GLN A 330 -14.93 -36.24 14.29
N ALA A 331 -16.24 -36.40 14.34
CA ALA A 331 -16.87 -37.09 15.46
C ALA A 331 -16.49 -38.57 15.54
N ALA A 332 -16.10 -39.19 14.42
CA ALA A 332 -15.66 -40.59 14.41
C ALA A 332 -14.16 -40.77 14.56
N TYR A 333 -13.41 -39.67 14.69
CA TYR A 333 -11.96 -39.71 14.68
C TYR A 333 -11.44 -39.93 16.10
N SER A 334 -10.63 -40.96 16.30
CA SER A 334 -10.11 -41.25 17.64
C SER A 334 -9.05 -40.23 18.04
N GLY A 335 -9.15 -39.72 19.27
CA GLY A 335 -8.19 -38.76 19.79
C GLY A 335 -8.79 -37.38 19.95
N PRO A 336 -8.02 -36.43 20.47
CA PRO A 336 -8.57 -35.08 20.69
C PRO A 336 -9.04 -34.45 19.39
N ILE A 337 -10.10 -33.65 19.48
CA ILE A 337 -10.63 -32.90 18.34
C ILE A 337 -10.89 -31.46 18.76
N THR A 338 -10.86 -30.56 17.76
CA THR A 338 -10.95 -29.12 18.00
C THR A 338 -11.91 -28.51 16.98
N LEU A 339 -12.88 -27.77 17.48
CA LEU A 339 -13.87 -27.10 16.66
C LEU A 339 -13.59 -25.59 16.67
N TYR A 340 -13.54 -24.98 15.50
CA TYR A 340 -13.27 -23.55 15.39
C TYR A 340 -14.60 -22.81 15.46
N TYR A 341 -14.66 -21.74 16.26
CA TYR A 341 -15.95 -21.11 16.54
C TYR A 341 -16.65 -20.73 15.24
N GLY A 342 -17.93 -21.07 15.15
CA GLY A 342 -18.72 -20.76 13.98
C GLY A 342 -18.86 -21.90 13.00
N GLU A 343 -18.00 -22.92 13.06
CA GLU A 343 -18.21 -24.08 12.20
C GLU A 343 -19.52 -24.79 12.54
N GLU A 344 -19.90 -24.77 13.82
CA GLU A 344 -21.11 -25.43 14.29
C GLU A 344 -22.38 -24.81 13.73
N ILE A 345 -22.31 -23.61 13.13
CA ILE A 345 -23.45 -22.97 12.48
C ILE A 345 -23.18 -22.67 11.01
N GLY A 346 -22.13 -23.25 10.44
CA GLY A 346 -21.86 -23.04 9.02
C GLY A 346 -21.53 -21.60 8.68
N ASP A 347 -20.79 -20.90 9.54
CA ASP A 347 -20.40 -19.52 9.28
C ASP A 347 -19.64 -19.36 7.97
N GLU A 348 -19.76 -18.18 7.39
CA GLU A 348 -19.04 -17.81 6.17
C GLU A 348 -19.13 -16.30 6.05
N LEU A 349 -18.07 -15.71 5.50
CA LEU A 349 -18.02 -14.26 5.38
C LEU A 349 -18.86 -13.82 4.19
N GLU A 350 -19.91 -13.05 4.47
CA GLU A 350 -20.75 -12.51 3.40
C GLU A 350 -19.93 -11.65 2.45
N GLY A 351 -20.18 -11.82 1.15
CA GLY A 351 -19.49 -11.02 0.15
C GLY A 351 -18.11 -11.50 -0.18
N TYR A 352 -17.67 -12.63 0.36
CA TYR A 352 -16.31 -13.11 0.22
C TYR A 352 -16.30 -14.59 -0.14
N ALA A 353 -15.40 -15.00 -1.03
CA ALA A 353 -15.15 -16.43 -1.22
C ALA A 353 -13.81 -16.65 -1.91
N GLN A 354 -13.65 -16.07 -3.09
CA GLN A 354 -12.42 -16.19 -3.84
C GLN A 354 -11.27 -15.56 -3.06
N LYS A 355 -10.07 -16.09 -3.29
CA LYS A 355 -8.88 -15.59 -2.59
C LYS A 355 -8.66 -14.14 -2.95
N VAL A 356 -8.31 -13.33 -1.94
CA VAL A 356 -8.04 -11.91 -2.13
C VAL A 356 -6.58 -11.68 -1.78
N GLU A 357 -5.82 -11.09 -2.70
CA GLU A 357 -4.38 -10.94 -2.53
C GLU A 357 -4.00 -9.48 -2.36
N GLN A 358 -4.13 -8.65 -3.40
CA GLN A 358 -3.70 -7.27 -3.30
C GLN A 358 -4.47 -6.55 -2.20
N ASP A 359 -3.73 -5.82 -1.33
CA ASP A 359 -4.33 -5.05 -0.25
C ASP A 359 -5.22 -5.88 0.65
N CYS A 360 -4.96 -7.17 0.80
CA CYS A 360 -5.92 -7.99 1.52
C CYS A 360 -5.91 -7.69 3.01
N ALA A 361 -4.76 -7.31 3.58
CA ALA A 361 -4.65 -7.22 5.04
C ALA A 361 -5.42 -6.02 5.58
N VAL A 362 -5.32 -4.85 4.94
CA VAL A 362 -6.11 -3.72 5.40
C VAL A 362 -7.61 -3.96 5.25
N GLN A 363 -8.00 -4.93 4.41
CA GLN A 363 -9.40 -5.30 4.26
C GLN A 363 -9.86 -6.40 5.19
N GLY A 364 -8.93 -7.11 5.84
CA GLY A 364 -9.33 -8.26 6.65
C GLY A 364 -9.63 -9.50 5.85
N LEU A 365 -9.13 -9.59 4.62
CA LEU A 365 -9.54 -10.62 3.67
C LEU A 365 -8.43 -11.59 3.24
N CYS A 366 -7.20 -11.46 3.76
CA CYS A 366 -6.17 -12.44 3.42
C CYS A 366 -6.57 -13.84 3.91
N ASP A 367 -6.11 -14.87 3.19
CA ASP A 367 -6.43 -16.24 3.59
C ASP A 367 -6.02 -16.53 5.03
N ASP A 368 -4.95 -15.91 5.51
CA ASP A 368 -4.42 -16.30 6.81
C ASP A 368 -5.12 -15.62 7.98
N HIS A 369 -6.10 -14.76 7.74
CA HIS A 369 -6.90 -14.23 8.83
C HIS A 369 -8.37 -13.99 8.48
N VAL A 370 -8.80 -14.24 7.25
CA VAL A 370 -10.17 -13.94 6.86
C VAL A 370 -11.19 -14.68 7.73
N ALA A 371 -10.80 -15.80 8.36
CA ALA A 371 -11.76 -16.50 9.20
C ALA A 371 -12.01 -15.81 10.54
N ARG A 372 -11.30 -14.72 10.84
CA ARG A 372 -11.45 -14.05 12.13
C ARG A 372 -12.62 -13.08 12.06
N THR A 373 -13.80 -13.68 11.93
CA THR A 373 -15.05 -12.96 11.76
C THR A 373 -15.77 -12.82 13.10
N SER A 374 -16.64 -11.81 13.20
CA SER A 374 -17.40 -11.60 14.44
C SER A 374 -18.20 -12.85 14.77
N ALA A 375 -18.10 -13.32 16.01
CA ALA A 375 -18.77 -14.57 16.37
C ALA A 375 -20.28 -14.42 16.43
N ASN A 376 -20.99 -15.45 15.99
CA ASN A 376 -22.45 -15.53 16.00
C ASN A 376 -22.83 -16.54 17.08
N ILE A 377 -23.06 -16.05 18.28
CA ILE A 377 -23.34 -16.90 19.44
C ILE A 377 -24.83 -16.76 19.75
N ASP A 378 -25.58 -17.85 19.54
CA ASP A 378 -27.02 -17.85 19.72
C ASP A 378 -27.42 -17.30 21.07
N GLY A 379 -28.39 -16.38 21.07
CA GLY A 379 -28.87 -15.76 22.29
C GLY A 379 -27.96 -14.67 22.85
N LEU A 380 -26.77 -14.50 22.31
CA LEU A 380 -25.81 -13.52 22.78
C LEU A 380 -25.53 -12.45 21.75
N THR A 381 -25.17 -12.84 20.52
CA THR A 381 -24.90 -11.89 19.45
C THR A 381 -25.71 -12.14 18.19
N VAL A 382 -26.61 -13.11 18.19
CA VAL A 382 -27.32 -13.49 16.97
C VAL A 382 -28.55 -14.28 17.37
N ASN A 383 -29.57 -14.24 16.52
CA ASN A 383 -30.66 -15.21 16.57
C ASN A 383 -30.52 -16.10 15.35
N LEU A 384 -30.23 -17.37 15.57
CA LEU A 384 -29.95 -18.28 14.47
C LEU A 384 -31.19 -18.51 13.62
N ASN A 385 -30.96 -18.80 12.34
CA ASN A 385 -32.03 -19.21 11.45
C ASN A 385 -32.22 -20.73 11.53
N GLU A 386 -33.18 -21.25 10.77
CA GLU A 386 -33.55 -22.65 10.86
C GLU A 386 -32.39 -23.58 10.49
N LYS A 387 -31.69 -23.29 9.38
CA LYS A 387 -30.57 -24.14 8.96
C LYS A 387 -29.41 -24.06 9.95
N GLN A 388 -29.12 -22.86 10.46
CA GLN A 388 -28.10 -22.71 11.48
C GLN A 388 -28.46 -23.49 12.73
N ARG A 389 -29.71 -23.38 13.19
CA ARG A 389 -30.11 -24.15 14.36
C ARG A 389 -30.02 -25.65 14.09
N ASP A 390 -30.33 -26.08 12.87
CA ASP A 390 -30.31 -27.51 12.54
C ASP A 390 -28.89 -28.06 12.58
N LEU A 391 -27.91 -27.31 12.08
CA LEU A 391 -26.53 -27.81 12.12
C LEU A 391 -25.99 -27.80 13.54
N LYS A 392 -26.29 -26.74 14.31
CA LYS A 392 -25.81 -26.66 15.69
C LYS A 392 -26.38 -27.78 16.55
N GLN A 393 -27.64 -28.13 16.31
CA GLN A 393 -28.21 -29.28 17.02
C GLN A 393 -27.54 -30.57 16.58
N TYR A 394 -27.20 -30.69 15.30
CA TYR A 394 -26.50 -31.88 14.83
C TYR A 394 -25.14 -32.03 15.50
N VAL A 395 -24.40 -30.92 15.61
CA VAL A 395 -23.09 -30.96 16.27
C VAL A 395 -23.22 -31.34 17.72
N SER A 396 -24.23 -30.79 18.40
CA SER A 396 -24.51 -31.19 19.79
C SER A 396 -24.77 -32.69 19.88
N GLN A 397 -25.51 -33.24 18.91
CA GLN A 397 -25.72 -34.69 18.87
C GLN A 397 -24.40 -35.45 18.72
N LEU A 398 -23.53 -34.99 17.81
CA LEU A 398 -22.24 -35.65 17.60
C LEU A 398 -21.38 -35.64 18.85
N MET A 399 -21.26 -34.46 19.50
CA MET A 399 -20.44 -34.37 20.70
C MET A 399 -21.01 -35.21 21.82
N THR A 400 -22.35 -35.24 21.94
CA THR A 400 -22.98 -36.11 22.92
C THR A 400 -22.71 -37.59 22.61
N LEU A 401 -22.93 -38.00 21.35
CA LEU A 401 -22.64 -39.37 20.95
C LEU A 401 -21.19 -39.73 21.24
N ARG A 402 -20.28 -38.82 20.93
CA ARG A 402 -18.86 -39.05 21.17
C ARG A 402 -18.59 -39.28 22.65
N ALA A 403 -19.19 -38.46 23.51
CA ALA A 403 -18.99 -38.61 24.95
C ALA A 403 -19.45 -39.97 25.46
N ALA A 404 -20.51 -40.53 24.87
CA ALA A 404 -21.09 -41.77 25.36
C ALA A 404 -20.47 -43.02 24.77
N HIS A 405 -19.61 -42.90 23.75
CA HIS A 405 -19.14 -44.06 23.01
C HIS A 405 -17.63 -44.08 22.88
N PRO A 406 -16.94 -44.86 23.71
CA PRO A 406 -15.47 -44.97 23.61
C PRO A 406 -14.97 -45.39 22.25
N ALA A 407 -15.76 -46.17 21.49
CA ALA A 407 -15.37 -46.51 20.12
C ALA A 407 -15.09 -45.28 19.27
N LEU A 408 -15.77 -44.16 19.53
CA LEU A 408 -15.54 -42.98 18.70
C LEU A 408 -14.27 -42.25 19.13
N SER A 409 -14.08 -42.03 20.43
CA SER A 409 -12.98 -41.20 20.91
C SER A 409 -11.67 -41.97 21.08
N ARG A 410 -11.74 -43.25 21.41
CA ARG A 410 -10.48 -44.00 21.59
C ARG A 410 -10.55 -45.38 20.95
N GLY A 411 -11.45 -45.60 19.99
CA GLY A 411 -11.58 -46.91 19.39
C GLY A 411 -10.50 -47.20 18.37
N GLU A 412 -10.22 -48.49 18.17
CA GLU A 412 -9.35 -48.92 17.10
C GLU A 412 -10.08 -48.82 15.77
N ARG A 413 -9.42 -48.24 14.78
CA ARG A 413 -10.02 -47.99 13.48
C ARG A 413 -9.66 -49.11 12.53
N THR A 414 -10.65 -49.65 11.83
CA THR A 414 -10.41 -50.56 10.71
C THR A 414 -11.24 -50.11 9.54
N ASN A 415 -10.60 -49.73 8.43
CA ASN A 415 -11.39 -49.29 7.30
C ASN A 415 -12.03 -50.47 6.60
N ILE A 416 -13.31 -50.34 6.27
CA ILE A 416 -14.08 -51.39 5.60
C ILE A 416 -14.24 -51.08 4.11
N VAL A 417 -14.63 -49.85 3.78
CA VAL A 417 -14.77 -49.42 2.39
C VAL A 417 -14.20 -48.01 2.27
N ALA A 418 -13.46 -47.75 1.19
CA ALA A 418 -12.98 -46.40 0.89
C ALA A 418 -12.87 -46.30 -0.63
N ASN A 419 -13.94 -45.82 -1.27
CA ASN A 419 -13.93 -45.72 -2.72
C ASN A 419 -14.35 -44.29 -3.07
N GLU A 420 -14.80 -44.07 -4.30
CA GLU A 420 -15.11 -42.69 -4.67
C GLU A 420 -16.40 -42.19 -4.07
N THR A 421 -17.28 -43.06 -3.60
CA THR A 421 -18.62 -42.64 -3.19
C THR A 421 -18.93 -42.84 -1.71
N VAL A 422 -18.14 -43.60 -0.96
CA VAL A 422 -18.46 -43.88 0.43
C VAL A 422 -17.17 -44.18 1.19
N TYR A 423 -17.23 -43.95 2.50
CA TYR A 423 -16.14 -44.23 3.41
C TYR A 423 -16.77 -44.92 4.61
N ILE A 424 -16.30 -46.11 4.95
CA ILE A 424 -16.88 -46.89 6.03
C ILE A 424 -15.74 -47.36 6.92
N ASP A 425 -15.74 -46.92 8.18
CA ASP A 425 -14.80 -47.38 9.19
C ASP A 425 -15.51 -48.22 10.24
N HIS A 426 -14.84 -49.28 10.67
CA HIS A 426 -15.25 -50.02 11.86
C HIS A 426 -14.48 -49.43 13.06
N LYS A 427 -15.20 -49.03 14.10
CA LYS A 427 -14.58 -48.51 15.32
C LYS A 427 -14.90 -49.43 16.49
N GLN A 428 -13.90 -49.79 17.27
CA GLN A 428 -14.15 -50.68 18.40
C GLN A 428 -13.28 -50.29 19.58
N ALA A 429 -13.91 -50.16 20.75
CA ALA A 429 -13.21 -50.03 22.02
C ALA A 429 -13.88 -50.94 23.00
N ASP A 430 -13.11 -51.85 23.61
CA ASP A 430 -13.64 -52.85 24.53
C ASP A 430 -14.91 -53.52 23.99
N ASP A 431 -16.05 -53.27 24.64
CA ASP A 431 -17.32 -53.87 24.24
C ASP A 431 -18.24 -52.82 23.61
N ASP A 432 -17.67 -52.04 22.69
CA ASP A 432 -18.38 -50.95 22.01
C ASP A 432 -17.87 -51.03 20.58
N ALA A 433 -18.69 -51.56 19.66
CA ALA A 433 -18.30 -51.68 18.26
C ALA A 433 -19.37 -51.04 17.40
N LEU A 434 -18.95 -50.24 16.43
CA LEU A 434 -19.90 -49.52 15.59
C LEU A 434 -19.30 -49.36 14.21
N ILE A 435 -20.17 -48.96 13.28
CA ILE A 435 -19.76 -48.61 11.92
C ILE A 435 -19.97 -47.11 11.76
N TYR A 436 -18.97 -46.42 11.22
CA TYR A 436 -19.13 -45.05 10.77
C TYR A 436 -19.13 -45.07 9.25
N MET A 437 -20.21 -44.59 8.63
CA MET A 437 -20.25 -44.50 7.18
C MET A 437 -20.73 -43.13 6.73
N VAL A 438 -20.06 -42.59 5.71
CA VAL A 438 -20.37 -41.26 5.20
C VAL A 438 -20.26 -41.29 3.68
N SER A 439 -21.27 -40.73 3.02
CA SER A 439 -21.24 -40.58 1.57
C SER A 439 -20.24 -39.52 1.18
N THR A 440 -19.53 -39.74 0.07
CA THR A 440 -18.59 -38.76 -0.46
C THR A 440 -18.97 -38.34 -1.88
N THR A 441 -20.27 -38.34 -2.17
CA THR A 441 -20.78 -38.09 -3.52
C THR A 441 -22.10 -37.33 -3.43
N ALA A 442 -22.36 -36.51 -4.45
CA ALA A 442 -23.62 -35.78 -4.51
C ALA A 442 -24.78 -36.65 -4.99
N ASP A 443 -24.54 -37.94 -5.22
CA ASP A 443 -25.57 -38.87 -5.66
C ASP A 443 -26.05 -39.74 -4.51
N GLN A 444 -27.37 -39.88 -4.38
CA GLN A 444 -27.94 -40.93 -3.56
C GLN A 444 -27.38 -42.28 -3.99
N ASP A 445 -27.15 -43.16 -3.02
CA ASP A 445 -26.67 -44.50 -3.34
C ASP A 445 -27.12 -45.45 -2.25
N THR A 446 -27.20 -46.72 -2.59
CA THR A 446 -27.56 -47.76 -1.63
C THR A 446 -26.36 -48.69 -1.47
N VAL A 447 -25.88 -48.83 -0.23
CA VAL A 447 -24.64 -49.53 0.06
C VAL A 447 -24.96 -50.96 0.46
N GLU A 448 -24.42 -51.91 -0.29
CA GLU A 448 -24.51 -53.32 0.05
C GLU A 448 -23.31 -53.69 0.91
N LEU A 449 -23.57 -54.20 2.12
CA LEU A 449 -22.53 -54.44 3.11
C LEU A 449 -22.74 -55.80 3.76
N LYS A 450 -21.74 -56.68 3.66
CA LYS A 450 -21.82 -58.01 4.24
C LYS A 450 -21.62 -57.94 5.74
N ALA A 451 -22.51 -58.58 6.49
CA ALA A 451 -22.32 -58.66 7.94
C ALA A 451 -20.98 -59.30 8.28
N SER A 452 -20.55 -60.26 7.46
CA SER A 452 -19.29 -60.95 7.68
C SER A 452 -18.09 -60.05 7.41
N ASP A 453 -18.27 -58.94 6.70
CA ASP A 453 -17.17 -58.02 6.51
C ASP A 453 -17.02 -57.04 7.67
N ILE A 454 -17.94 -57.03 8.63
CA ILE A 454 -17.86 -56.06 9.73
C ILE A 454 -18.00 -56.74 11.09
N ALA A 455 -17.88 -58.06 11.13
CA ALA A 455 -18.01 -58.82 12.37
C ALA A 455 -19.31 -58.48 13.09
N SER A 456 -20.40 -58.49 12.35
CA SER A 456 -21.73 -58.29 12.91
C SER A 456 -22.49 -59.60 12.87
N ASP A 457 -22.99 -60.03 14.03
CA ASP A 457 -23.80 -61.24 14.16
C ASP A 457 -25.29 -60.95 14.22
N GLY A 458 -25.70 -59.69 14.17
CA GLY A 458 -27.11 -59.37 14.25
C GLY A 458 -27.51 -58.14 13.44
N GLN A 459 -28.28 -57.25 14.05
CA GLN A 459 -28.72 -56.02 13.41
C GLN A 459 -27.73 -54.89 13.62
N LEU A 460 -27.89 -53.84 12.83
CA LEU A 460 -27.24 -52.55 13.06
C LEU A 460 -28.30 -51.53 13.45
N VAL A 461 -27.99 -50.68 14.42
CA VAL A 461 -28.94 -49.69 14.92
C VAL A 461 -28.32 -48.31 14.82
N ASP A 462 -28.99 -47.39 14.12
CA ASP A 462 -28.54 -46.01 14.03
C ASP A 462 -28.53 -45.38 15.42
N LEU A 463 -27.38 -44.86 15.82
CA LEU A 463 -27.27 -44.33 17.18
C LEU A 463 -27.88 -42.95 17.34
N LEU A 464 -28.21 -42.25 16.26
CA LEU A 464 -28.87 -40.95 16.36
C LEU A 464 -30.37 -41.00 16.08
N THR A 465 -30.82 -41.86 15.17
CA THR A 465 -32.22 -41.94 14.82
C THR A 465 -32.91 -43.20 15.32
N GLY A 466 -32.14 -44.23 15.69
CA GLY A 466 -32.72 -45.47 16.14
C GLY A 466 -33.26 -46.38 15.06
N LYS A 467 -33.10 -46.00 13.78
CA LYS A 467 -33.51 -46.89 12.70
C LYS A 467 -32.73 -48.18 12.75
N VAL A 468 -33.43 -49.31 12.61
CA VAL A 468 -32.84 -50.64 12.65
C VAL A 468 -32.58 -51.08 11.23
N HIS A 469 -31.38 -51.63 10.99
CA HIS A 469 -31.01 -52.12 9.67
C HIS A 469 -30.77 -53.62 9.79
N SER A 470 -31.67 -54.42 9.23
CA SER A 470 -31.60 -55.87 9.29
C SER A 470 -30.94 -56.45 8.05
N ALA A 471 -30.28 -57.59 8.23
CA ALA A 471 -29.64 -58.29 7.13
C ALA A 471 -30.60 -59.29 6.47
N ILE A 472 -30.45 -59.42 5.15
CA ILE A 472 -31.09 -60.47 4.38
C ILE A 472 -29.98 -61.27 3.73
N ASN A 473 -29.93 -62.57 4.02
CA ASN A 473 -28.88 -63.45 3.52
C ASN A 473 -27.50 -62.90 3.91
N GLY A 474 -27.40 -62.36 5.13
CA GLY A 474 -26.12 -61.88 5.63
C GLY A 474 -25.66 -60.55 5.06
N GLU A 475 -26.52 -59.80 4.38
CA GLU A 475 -26.13 -58.55 3.74
C GLU A 475 -27.10 -57.43 4.12
N TYR A 476 -26.56 -56.28 4.50
CA TYR A 476 -27.38 -55.08 4.71
C TYR A 476 -27.43 -54.23 3.46
N GLN A 477 -28.57 -53.59 3.22
CA GLN A 477 -28.74 -52.62 2.14
C GLN A 477 -29.05 -51.28 2.80
N ILE A 478 -28.08 -50.36 2.77
CA ILE A 478 -28.19 -49.08 3.50
C ILE A 478 -28.28 -47.96 2.47
N SER A 479 -29.39 -47.23 2.51
CA SER A 479 -29.56 -46.08 1.64
C SER A 479 -28.83 -44.88 2.24
N LEU A 480 -27.88 -44.32 1.50
CA LEU A 480 -27.17 -43.12 1.91
C LEU A 480 -27.51 -41.95 0.99
N ALA A 481 -28.11 -40.91 1.55
CA ALA A 481 -28.33 -39.68 0.83
C ALA A 481 -27.00 -39.01 0.53
N PRO A 482 -26.97 -38.06 -0.40
CA PRO A 482 -25.70 -37.36 -0.72
C PRO A 482 -25.08 -36.73 0.53
N PHE A 483 -23.85 -37.14 0.81
CA PHE A 483 -23.04 -36.66 1.93
C PHE A 483 -23.70 -36.90 3.27
N GLU A 484 -24.61 -37.88 3.33
CA GLU A 484 -25.17 -38.33 4.60
C GLU A 484 -24.16 -39.17 5.36
N ALA A 485 -24.15 -39.02 6.68
CA ALA A 485 -23.40 -39.86 7.60
C ALA A 485 -24.34 -40.66 8.50
N LYS A 486 -23.90 -41.88 8.85
CA LYS A 486 -24.64 -42.73 9.77
C LYS A 486 -23.66 -43.34 10.76
N PHE A 487 -24.03 -43.30 12.04
CA PHE A 487 -23.35 -43.97 13.13
C PHE A 487 -24.18 -45.19 13.54
N LEU A 488 -23.72 -46.38 13.17
CA LEU A 488 -24.52 -47.60 13.28
C LEU A 488 -23.90 -48.52 14.33
N LEU A 489 -24.61 -48.72 15.43
CA LEU A 489 -24.16 -49.65 16.45
C LEU A 489 -24.20 -51.08 15.91
N ILE A 490 -23.11 -51.83 16.12
CA ILE A 490 -23.11 -53.28 15.86
C ILE A 490 -23.70 -53.95 17.09
N GLU A 491 -25.00 -54.27 17.04
CA GLU A 491 -25.69 -54.64 18.28
C GLU A 491 -25.18 -55.95 18.85
N THR A 492 -24.72 -56.86 18.01
CA THR A 492 -24.22 -58.16 18.44
C THR A 492 -22.95 -58.45 17.66
N PRO A 493 -21.79 -58.00 18.18
CA PRO A 493 -20.52 -58.25 17.48
C PRO A 493 -20.16 -59.72 17.47
N SER A 494 -19.45 -60.12 16.43
CA SER A 494 -19.01 -61.50 16.30
C SER A 494 -18.02 -61.87 17.39
N ALA A 495 -17.91 -63.18 17.64
CA ALA A 495 -16.94 -63.67 18.63
C ALA A 495 -15.56 -63.11 18.38
N SER A 496 -15.11 -63.16 17.12
CA SER A 496 -13.87 -62.54 16.69
C SER A 496 -14.17 -61.51 15.59
N GLY A 497 -13.48 -60.37 15.66
CA GLY A 497 -13.67 -59.32 14.67
C GLY A 497 -12.40 -58.89 13.95
N HIS B 1 -0.40 -44.41 -23.95
CA HIS B 1 -0.44 -43.60 -22.73
C HIS B 1 0.86 -43.73 -21.91
N MET B 2 1.71 -44.71 -22.22
CA MET B 2 2.97 -44.86 -21.51
C MET B 2 3.86 -43.63 -21.69
N CYS B 3 4.74 -43.39 -20.71
CA CYS B 3 5.76 -42.37 -20.88
C CYS B 3 6.71 -42.75 -22.00
N ASP B 4 7.01 -41.79 -22.87
CA ASP B 4 7.92 -42.00 -24.00
C ASP B 4 9.28 -42.50 -23.52
N SER B 5 9.69 -43.68 -23.99
CA SER B 5 10.88 -44.31 -23.41
C SER B 5 12.16 -43.59 -23.81
N ALA B 6 12.26 -43.16 -25.09
CA ALA B 6 13.38 -42.32 -25.50
C ALA B 6 13.49 -41.09 -24.62
N LEU B 7 12.36 -40.41 -24.40
CA LEU B 7 12.36 -39.19 -23.58
C LEU B 7 12.84 -39.46 -22.17
N THR B 8 12.50 -40.62 -21.61
CA THR B 8 12.93 -40.97 -20.25
C THR B 8 14.44 -40.90 -20.13
N ALA B 9 15.15 -41.53 -21.08
CA ALA B 9 16.61 -41.50 -21.02
C ALA B 9 17.14 -40.09 -21.30
N GLN B 10 16.54 -39.38 -22.25
CA GLN B 10 16.99 -38.02 -22.53
C GLN B 10 16.81 -37.13 -21.30
N ALA B 11 15.70 -37.30 -20.58
CA ALA B 11 15.38 -36.43 -19.45
C ALA B 11 16.36 -36.59 -18.29
N ASN B 12 16.89 -37.80 -18.08
CA ASN B 12 17.85 -37.96 -16.99
C ASN B 12 19.10 -37.13 -17.23
N ASP B 13 19.39 -36.76 -18.47
CA ASP B 13 20.56 -35.97 -18.84
C ASP B 13 20.33 -34.47 -18.75
N LEU B 14 19.14 -34.02 -18.35
CA LEU B 14 18.83 -32.60 -18.41
C LEU B 14 19.48 -31.86 -17.26
N ARG B 15 20.16 -30.77 -17.58
CA ARG B 15 20.74 -29.83 -16.62
C ARG B 15 20.17 -28.46 -16.99
N ILE B 16 19.10 -28.06 -16.30
CA ILE B 16 18.27 -26.94 -16.74
C ILE B 16 18.64 -25.67 -16.00
N TYR B 17 18.73 -24.57 -16.73
CA TYR B 17 18.99 -23.25 -16.16
C TYR B 17 17.70 -22.45 -16.26
N GLN B 18 17.16 -22.02 -15.12
CA GLN B 18 15.90 -21.28 -15.13
C GLN B 18 16.17 -19.78 -15.14
N VAL B 19 15.50 -19.07 -16.06
CA VAL B 19 15.54 -17.61 -16.09
C VAL B 19 14.12 -17.07 -15.87
N MET B 20 14.01 -16.14 -14.92
CA MET B 20 12.84 -15.27 -14.80
C MET B 20 13.04 -14.08 -15.74
N VAL B 21 12.27 -14.04 -16.82
CA VAL B 21 12.64 -13.18 -17.96
C VAL B 21 12.71 -11.72 -17.55
N GLU B 22 11.65 -11.20 -16.89
CA GLU B 22 11.61 -9.76 -16.60
C GLU B 22 12.74 -9.32 -15.68
N SER B 23 13.23 -10.22 -14.83
CA SER B 23 14.24 -9.87 -13.84
C SER B 23 15.64 -10.32 -14.24
N PHE B 24 15.82 -10.88 -15.42
CA PHE B 24 17.09 -11.49 -15.81
C PHE B 24 18.03 -10.44 -16.39
N VAL B 25 18.03 -10.27 -17.71
CA VAL B 25 19.00 -9.41 -18.37
C VAL B 25 18.26 -8.45 -19.30
N ASN B 26 18.34 -7.15 -19.00
CA ASN B 26 17.82 -6.09 -19.86
C ASN B 26 18.77 -5.95 -21.05
N GLY B 27 18.49 -6.70 -22.11
CA GLY B 27 19.36 -6.72 -23.27
C GLY B 27 19.09 -5.62 -24.27
N ASP B 28 17.86 -5.07 -24.23
CA ASP B 28 17.45 -3.97 -25.10
C ASP B 28 16.79 -2.91 -24.23
N ASP B 29 17.53 -1.85 -23.91
CA ASP B 29 17.02 -0.88 -22.96
C ASP B 29 15.80 -0.13 -23.49
N ALA B 30 15.47 -0.27 -24.77
CA ALA B 30 14.32 0.43 -25.32
C ALA B 30 12.99 -0.26 -25.00
N ILE B 31 12.99 -1.51 -24.52
CA ILE B 31 11.75 -2.19 -24.16
C ILE B 31 11.88 -2.74 -22.75
N GLY B 32 10.74 -2.98 -22.13
CA GLY B 32 10.74 -3.61 -20.82
C GLY B 32 9.51 -3.22 -20.04
N HIS B 33 9.11 -4.10 -19.12
CA HIS B 33 7.92 -3.80 -18.32
C HIS B 33 8.16 -2.58 -17.45
N GLY B 34 9.34 -2.47 -16.83
CA GLY B 34 9.66 -1.35 -15.97
C GLY B 34 9.03 -1.41 -14.60
N THR B 35 8.15 -2.38 -14.35
CA THR B 35 7.62 -2.65 -13.03
C THR B 35 7.40 -4.15 -12.92
N GLY B 36 7.13 -4.59 -11.71
CA GLY B 36 6.86 -5.99 -11.47
C GLY B 36 6.97 -6.31 -10.00
N TYR B 37 7.14 -7.61 -9.71
CA TYR B 37 7.23 -8.14 -8.35
C TYR B 37 8.66 -8.59 -8.09
N GLY B 38 9.42 -7.76 -7.40
CA GLY B 38 10.83 -8.04 -7.15
C GLY B 38 11.60 -6.74 -7.16
N THR B 39 12.90 -6.80 -6.92
CA THR B 39 13.74 -5.62 -6.84
C THR B 39 14.54 -5.38 -8.11
N SER B 40 14.29 -6.16 -9.16
CA SER B 40 15.11 -6.12 -10.35
C SER B 40 14.79 -4.88 -11.19
N HIS B 41 15.55 -4.72 -12.27
CA HIS B 41 15.30 -3.65 -13.22
C HIS B 41 13.95 -3.77 -13.90
N HIS B 42 13.33 -4.95 -13.89
CA HIS B 42 12.04 -5.21 -14.54
C HIS B 42 12.08 -4.93 -16.04
N LYS B 43 13.26 -4.87 -16.65
CA LYS B 43 13.38 -4.67 -18.09
C LYS B 43 14.06 -5.85 -18.78
N GLY B 44 14.05 -7.02 -18.14
CA GLY B 44 14.60 -8.21 -18.79
C GLY B 44 13.83 -8.57 -20.03
N ASP B 45 14.53 -9.12 -21.02
CA ASP B 45 13.94 -9.30 -22.33
C ASP B 45 14.58 -10.50 -23.03
N LEU B 46 14.06 -10.81 -24.22
CA LEU B 46 14.60 -11.91 -25.02
C LEU B 46 16.03 -11.62 -25.48
N GLN B 47 16.30 -10.39 -25.92
CA GLN B 47 17.68 -10.04 -26.29
C GLN B 47 18.66 -10.36 -25.17
N GLY B 48 18.25 -10.13 -23.91
CA GLY B 48 19.16 -10.40 -22.81
C GLY B 48 19.49 -11.88 -22.64
N ILE B 49 18.49 -12.74 -22.85
CA ILE B 49 18.74 -14.18 -22.79
C ILE B 49 19.63 -14.61 -23.96
N ILE B 50 19.32 -14.13 -25.18
CA ILE B 50 20.18 -14.39 -26.32
C ILE B 50 21.62 -14.03 -25.98
N ASP B 51 21.83 -12.87 -25.35
CA ASP B 51 23.18 -12.44 -25.01
C ASP B 51 23.84 -13.33 -23.95
N SER B 52 23.06 -14.11 -23.20
CA SER B 52 23.59 -14.91 -22.11
C SER B 52 23.73 -16.38 -22.43
N LEU B 53 23.44 -16.80 -23.66
CA LEU B 53 23.45 -18.23 -23.99
C LEU B 53 24.85 -18.82 -23.86
N ASP B 54 25.89 -18.11 -24.32
CA ASP B 54 27.25 -18.64 -24.20
C ASP B 54 27.63 -18.86 -22.75
N TYR B 55 27.22 -17.93 -21.88
CA TYR B 55 27.47 -18.07 -20.45
C TYR B 55 26.79 -19.31 -19.88
N ILE B 56 25.51 -19.48 -20.17
CA ILE B 56 24.76 -20.61 -19.64
C ILE B 56 25.40 -21.93 -20.08
N GLU B 57 25.82 -22.01 -21.34
CA GLU B 57 26.45 -23.23 -21.82
C GLU B 57 27.85 -23.43 -21.24
N SER B 58 28.56 -22.35 -20.93
CA SER B 58 29.86 -22.50 -20.30
C SER B 58 29.74 -23.06 -18.88
N LEU B 59 28.58 -22.93 -18.24
CA LEU B 59 28.33 -23.54 -16.93
C LEU B 59 28.19 -25.06 -17.02
N GLY B 60 28.07 -25.60 -18.22
CA GLY B 60 27.80 -27.01 -18.39
C GLY B 60 26.32 -27.35 -18.45
N MET B 61 25.44 -26.36 -18.42
CA MET B 61 24.01 -26.62 -18.60
C MET B 61 23.75 -27.06 -20.04
N ASN B 62 22.71 -27.86 -20.23
CA ASN B 62 22.31 -28.24 -21.58
C ASN B 62 20.86 -27.86 -21.87
N ALA B 63 20.26 -26.95 -21.09
CA ALA B 63 18.89 -26.55 -21.34
C ALA B 63 18.60 -25.25 -20.60
N ILE B 64 17.69 -24.46 -21.17
CA ILE B 64 17.19 -23.24 -20.54
C ILE B 64 15.67 -23.34 -20.41
N TRP B 65 15.15 -22.92 -19.27
CA TRP B 65 13.71 -22.82 -19.03
C TRP B 65 13.40 -21.34 -18.83
N LEU B 66 12.54 -20.80 -19.70
CA LEU B 66 12.05 -19.43 -19.59
C LEU B 66 10.67 -19.41 -18.94
N THR B 67 10.45 -18.49 -18.01
CA THR B 67 9.12 -18.23 -17.49
C THR B 67 8.28 -17.66 -18.65
N PRO B 68 6.96 -17.50 -18.50
CA PRO B 68 6.14 -17.26 -19.70
C PRO B 68 6.51 -15.98 -20.43
N ILE B 69 6.55 -16.05 -21.77
CA ILE B 69 6.90 -14.91 -22.58
C ILE B 69 5.73 -14.43 -23.41
N PHE B 70 4.52 -14.92 -23.13
CA PHE B 70 3.37 -14.65 -23.97
C PHE B 70 2.73 -13.31 -23.58
N ASP B 71 1.87 -12.82 -24.47
CA ASP B 71 1.43 -11.43 -24.44
C ASP B 71 0.41 -11.24 -23.33
N SER B 72 0.81 -10.59 -22.24
CA SER B 72 -0.13 -10.16 -21.21
C SER B 72 -0.54 -8.73 -21.55
N ILE B 73 -1.76 -8.56 -22.05
CA ILE B 73 -2.19 -7.32 -22.67
C ILE B 73 -2.78 -6.41 -21.59
N PRO B 74 -2.24 -5.21 -21.40
CA PRO B 74 -2.82 -4.30 -20.41
C PRO B 74 -4.22 -3.86 -20.79
N VAL B 75 -5.05 -3.63 -19.77
CA VAL B 75 -6.41 -3.15 -19.94
C VAL B 75 -6.44 -1.69 -19.49
N GLU B 76 -7.08 -0.84 -20.29
CA GLU B 76 -7.17 0.58 -19.95
C GLU B 76 -7.65 0.74 -18.51
N GLY B 77 -6.91 1.53 -17.74
CA GLY B 77 -7.28 1.83 -16.36
C GLY B 77 -6.95 0.77 -15.33
N GLN B 78 -6.28 -0.32 -15.72
CA GLN B 78 -5.92 -1.34 -14.73
C GLN B 78 -4.91 -0.77 -13.72
N ASP B 79 -4.95 -1.31 -12.50
CA ASP B 79 -4.14 -0.74 -11.42
C ASP B 79 -2.69 -1.19 -11.53
N HIS B 80 -1.83 -0.66 -10.64
CA HIS B 80 -0.41 -0.98 -10.74
C HIS B 80 -0.12 -2.44 -10.39
N TRP B 81 -0.97 -3.08 -9.58
CA TRP B 81 -0.80 -4.51 -9.33
C TRP B 81 -0.91 -5.32 -10.63
N ALA B 82 -1.91 -4.99 -11.47
CA ALA B 82 -2.05 -5.69 -12.74
C ALA B 82 -0.88 -5.41 -13.68
N ASP B 83 -0.34 -4.17 -13.67
CA ASP B 83 0.87 -3.88 -14.43
C ASP B 83 2.02 -4.79 -13.97
N ARG B 84 2.17 -4.97 -12.65
CA ARG B 84 3.21 -5.85 -12.14
C ARG B 84 2.94 -7.30 -12.52
N LEU B 85 1.68 -7.73 -12.50
CA LEU B 85 1.37 -9.11 -12.81
C LEU B 85 1.61 -9.41 -14.29
N ASP B 86 1.38 -8.43 -15.18
CA ASP B 86 1.73 -8.59 -16.59
C ASP B 86 3.22 -8.88 -16.76
N ALA B 87 4.08 -8.32 -15.90
CA ALA B 87 5.51 -8.53 -16.04
C ALA B 87 5.94 -9.95 -15.69
N THR B 88 5.19 -10.65 -14.83
CA THR B 88 5.54 -12.03 -14.49
C THR B 88 5.25 -13.01 -15.62
N GLY B 89 4.29 -12.69 -16.49
CA GLY B 89 3.89 -13.63 -17.54
C GLY B 89 2.87 -14.68 -17.14
N TYR B 90 2.61 -14.90 -15.84
CA TYR B 90 1.80 -16.03 -15.42
C TYR B 90 0.29 -15.84 -15.60
N PHE B 91 -0.18 -14.64 -15.95
CA PHE B 91 -1.59 -14.38 -16.24
C PHE B 91 -1.64 -13.70 -17.59
N THR B 92 -1.59 -14.50 -18.65
CA THR B 92 -1.38 -13.93 -19.96
C THR B 92 -2.70 -13.77 -20.70
N SER B 93 -2.63 -13.08 -21.84
CA SER B 93 -3.80 -12.80 -22.65
C SER B 93 -3.78 -13.55 -23.97
N ASN B 94 -2.68 -13.46 -24.70
CA ASN B 94 -2.52 -14.13 -25.99
C ASN B 94 -1.44 -15.18 -25.83
N TYR B 95 -1.86 -16.44 -25.70
CA TYR B 95 -0.91 -17.55 -25.58
C TYR B 95 -0.12 -17.80 -26.85
N PHE B 96 -0.45 -17.12 -27.95
CA PHE B 96 0.13 -17.40 -29.25
C PHE B 96 0.95 -16.23 -29.80
N ALA B 97 1.24 -15.23 -28.96
CA ALA B 97 2.05 -14.09 -29.36
C ALA B 97 3.05 -13.81 -28.26
N VAL B 98 4.16 -13.22 -28.62
CA VAL B 98 5.17 -12.84 -27.64
C VAL B 98 4.81 -11.49 -27.04
N ASP B 99 5.04 -11.34 -25.75
CA ASP B 99 4.81 -10.05 -25.12
C ASP B 99 5.80 -9.03 -25.68
N PRO B 100 5.33 -7.91 -26.21
CA PRO B 100 6.25 -6.91 -26.79
C PRO B 100 7.19 -6.29 -25.78
N ARG B 101 6.89 -6.36 -24.48
CA ARG B 101 7.85 -5.91 -23.47
C ARG B 101 9.03 -6.86 -23.36
N PHE B 102 8.91 -8.09 -23.90
CA PHE B 102 10.01 -9.03 -23.97
C PHE B 102 10.67 -9.10 -25.33
N GLY B 103 9.92 -8.89 -26.41
CA GLY B 103 10.46 -8.95 -27.74
C GLY B 103 9.40 -9.32 -28.75
N THR B 104 9.85 -9.87 -29.87
CA THR B 104 8.98 -10.23 -30.98
C THR B 104 9.05 -11.73 -31.25
N MET B 105 8.07 -12.19 -32.01
CA MET B 105 8.07 -13.58 -32.46
C MET B 105 9.35 -13.93 -33.20
N GLU B 106 9.89 -12.99 -33.97
CA GLU B 106 11.13 -13.27 -34.68
C GLU B 106 12.31 -13.42 -33.72
N GLN B 107 12.35 -12.60 -32.66
CA GLN B 107 13.42 -12.78 -31.67
C GLN B 107 13.27 -14.09 -30.90
N ALA B 108 12.05 -14.48 -30.55
CA ALA B 108 11.86 -15.75 -29.87
C ALA B 108 12.33 -16.90 -30.74
N LYS B 109 12.03 -16.83 -32.05
CA LYS B 109 12.55 -17.83 -32.97
C LYS B 109 14.08 -17.78 -32.99
N GLU B 110 14.65 -16.57 -33.09
CA GLU B 110 16.10 -16.44 -33.05
C GLU B 110 16.68 -17.05 -31.78
N LEU B 111 16.00 -16.85 -30.64
CA LEU B 111 16.50 -17.37 -29.37
C LEU B 111 16.60 -18.90 -29.40
N VAL B 112 15.54 -19.57 -29.84
CA VAL B 112 15.55 -21.03 -29.82
C VAL B 112 16.57 -21.57 -30.81
N GLU B 113 16.70 -20.93 -31.98
CA GLU B 113 17.70 -21.36 -32.96
C GLU B 113 19.11 -21.24 -32.40
N LYS B 114 19.44 -20.09 -31.77
CA LYS B 114 20.79 -19.92 -31.24
C LYS B 114 21.06 -20.83 -30.05
N ALA B 115 20.03 -21.09 -29.23
CA ALA B 115 20.19 -22.04 -28.13
C ALA B 115 20.49 -23.43 -28.68
N HIS B 116 19.71 -23.88 -29.66
CA HIS B 116 19.96 -25.19 -30.25
C HIS B 116 21.35 -25.27 -30.87
N GLU B 117 21.76 -24.22 -31.60
CA GLU B 117 23.10 -24.21 -32.20
C GLU B 117 24.19 -24.30 -31.13
N LYS B 118 23.96 -23.76 -29.94
CA LYS B 118 24.93 -23.83 -28.87
C LYS B 118 24.76 -25.08 -28.00
N GLY B 119 23.79 -25.93 -28.29
CA GLY B 119 23.62 -27.17 -27.55
C GLY B 119 22.71 -27.08 -26.35
N LEU B 120 21.78 -26.13 -26.34
CA LEU B 120 20.83 -25.98 -25.25
C LEU B 120 19.43 -26.35 -25.73
N TYR B 121 18.77 -27.27 -25.02
CA TYR B 121 17.33 -27.42 -25.18
C TYR B 121 16.63 -26.18 -24.63
N VAL B 122 15.43 -25.91 -25.13
CA VAL B 122 14.63 -24.77 -24.68
C VAL B 122 13.26 -25.27 -24.21
N PHE B 123 12.90 -24.91 -22.97
CA PHE B 123 11.55 -25.15 -22.46
C PHE B 123 10.85 -23.83 -22.20
N PHE B 124 9.57 -23.76 -22.59
CA PHE B 124 8.71 -22.65 -22.21
C PHE B 124 7.90 -23.02 -20.98
N ASP B 125 7.18 -22.03 -20.46
CA ASP B 125 6.45 -22.15 -19.20
C ASP B 125 4.96 -22.05 -19.53
N GLY B 126 4.26 -23.17 -19.39
CA GLY B 126 2.87 -23.27 -19.79
C GLY B 126 1.94 -23.19 -18.60
N VAL B 127 1.08 -22.18 -18.60
CA VAL B 127 0.10 -21.97 -17.54
C VAL B 127 -1.27 -22.36 -18.09
N PHE B 128 -1.67 -23.60 -17.87
CA PHE B 128 -2.85 -24.16 -18.52
C PHE B 128 -4.04 -24.27 -17.57
N GLY B 129 -3.95 -23.71 -16.36
CA GLY B 129 -5.06 -23.68 -15.44
C GLY B 129 -5.62 -22.29 -15.20
N HIS B 130 -4.92 -21.24 -15.63
CA HIS B 130 -5.47 -19.91 -15.41
C HIS B 130 -4.86 -18.92 -16.40
N HIS B 131 -5.49 -17.74 -16.49
CA HIS B 131 -5.12 -16.74 -17.48
C HIS B 131 -5.74 -15.42 -17.07
N LYS B 132 -5.33 -14.36 -17.76
CA LYS B 132 -5.91 -13.04 -17.51
C LYS B 132 -7.31 -12.96 -18.11
N ASP B 133 -8.12 -12.06 -17.56
CA ASP B 133 -9.53 -12.02 -17.96
C ASP B 133 -9.73 -11.69 -19.42
N ASN B 134 -8.76 -11.02 -20.07
CA ASN B 134 -8.92 -10.56 -21.44
C ASN B 134 -8.26 -11.52 -22.45
N VAL B 135 -8.30 -12.82 -22.15
CA VAL B 135 -7.71 -13.82 -23.03
C VAL B 135 -8.33 -13.72 -24.41
N VAL B 136 -7.53 -14.00 -25.43
CA VAL B 136 -8.00 -13.84 -26.80
C VAL B 136 -8.08 -15.20 -27.47
N PRO B 137 -8.95 -15.37 -28.47
CA PRO B 137 -9.08 -16.68 -29.12
C PRO B 137 -7.81 -17.11 -29.83
N SER B 138 -7.67 -18.43 -29.95
CA SER B 138 -6.54 -19.07 -30.57
C SER B 138 -6.55 -18.85 -32.08
N PRO B 139 -5.45 -19.17 -32.78
CA PRO B 139 -5.48 -19.06 -34.25
C PRO B 139 -6.61 -19.87 -34.87
N GLU B 140 -6.91 -21.03 -34.30
CA GLU B 140 -7.93 -21.88 -34.86
C GLU B 140 -9.32 -21.58 -34.30
N GLY B 141 -9.43 -20.58 -33.43
CA GLY B 141 -10.71 -20.10 -32.97
C GLY B 141 -11.21 -20.68 -31.67
N ARG B 142 -10.30 -21.13 -30.80
CA ARG B 142 -10.65 -21.76 -29.53
C ARG B 142 -10.44 -20.78 -28.38
N LEU B 143 -11.17 -21.03 -27.29
CA LEU B 143 -11.02 -20.26 -26.06
C LEU B 143 -11.04 -21.20 -24.88
N PRO B 144 -10.33 -20.86 -23.80
CA PRO B 144 -10.55 -21.55 -22.53
C PRO B 144 -11.95 -21.25 -22.03
N VAL B 145 -12.44 -22.11 -21.14
CA VAL B 145 -13.84 -22.09 -20.72
C VAL B 145 -13.91 -22.00 -19.19
N GLY B 146 -14.81 -21.16 -18.70
CA GLY B 146 -15.08 -21.10 -17.28
C GLY B 146 -14.59 -19.83 -16.62
N GLU B 147 -14.24 -19.95 -15.35
CA GLU B 147 -13.59 -18.84 -14.66
C GLU B 147 -12.20 -18.63 -15.20
N ASN B 148 -11.65 -17.45 -14.93
CA ASN B 148 -10.27 -17.16 -15.29
C ASN B 148 -9.28 -17.96 -14.44
N ASN B 149 -9.66 -18.37 -13.25
CA ASN B 149 -8.74 -19.06 -12.35
C ASN B 149 -9.50 -19.79 -11.26
N PRO B 150 -9.64 -21.13 -11.39
CA PRO B 150 -9.09 -21.94 -12.47
C PRO B 150 -10.10 -22.14 -13.61
N VAL B 151 -9.60 -22.49 -14.79
CA VAL B 151 -10.47 -22.73 -15.93
C VAL B 151 -11.14 -24.09 -15.73
N SER B 152 -12.17 -24.37 -16.52
CA SER B 152 -12.89 -25.62 -16.43
C SER B 152 -12.32 -26.64 -17.39
N TYR B 153 -12.11 -27.86 -16.91
CA TYR B 153 -11.81 -28.99 -17.76
C TYR B 153 -12.99 -29.94 -17.67
N PRO B 154 -13.27 -30.67 -18.77
CA PRO B 154 -12.53 -30.78 -20.03
C PRO B 154 -12.77 -29.68 -21.05
N GLU B 155 -13.63 -28.70 -20.74
CA GLU B 155 -14.03 -27.73 -21.75
C GLU B 155 -12.85 -26.92 -22.28
N SER B 156 -11.84 -26.65 -21.46
CA SER B 156 -10.64 -25.91 -21.88
C SER B 156 -9.57 -26.80 -22.53
N LEU B 157 -9.75 -28.11 -22.57
CA LEU B 157 -8.67 -29.01 -22.99
C LEU B 157 -8.21 -28.70 -24.42
N ALA B 158 -9.16 -28.53 -25.35
CA ALA B 158 -8.79 -28.37 -26.75
C ALA B 158 -7.95 -27.10 -26.96
N PHE B 159 -8.31 -26.02 -26.27
CA PHE B 159 -7.56 -24.78 -26.36
C PHE B 159 -6.11 -24.98 -25.93
N TYR B 160 -5.90 -25.63 -24.78
CA TYR B 160 -4.54 -25.78 -24.27
C TYR B 160 -3.75 -26.83 -25.02
N GLN B 161 -4.41 -27.83 -25.61
CA GLN B 161 -3.70 -28.68 -26.57
C GLN B 161 -3.19 -27.85 -27.73
N GLU B 162 -4.01 -26.91 -28.20
CA GLU B 162 -3.57 -26.05 -29.31
C GLU B 162 -2.39 -25.19 -28.87
N VAL B 163 -2.45 -24.63 -27.65
CA VAL B 163 -1.32 -23.87 -27.11
C VAL B 163 -0.09 -24.74 -27.03
N ALA B 164 -0.23 -25.92 -26.43
CA ALA B 164 0.93 -26.74 -26.16
C ALA B 164 1.64 -27.14 -27.45
N THR B 165 0.88 -27.37 -28.52
CA THR B 165 1.46 -27.84 -29.78
C THR B 165 1.94 -26.70 -30.66
N PHE B 166 1.33 -25.51 -30.54
CA PHE B 166 1.71 -24.37 -31.36
C PHE B 166 3.21 -24.07 -31.26
N TRP B 167 3.73 -23.90 -30.05
CA TRP B 167 5.11 -23.45 -29.92
C TRP B 167 6.11 -24.55 -30.29
N ILE B 168 5.73 -25.81 -30.15
CA ILE B 168 6.58 -26.89 -30.64
C ILE B 168 6.60 -26.90 -32.16
N GLU B 169 5.44 -26.76 -32.80
CA GLU B 169 5.40 -26.80 -34.26
C GLU B 169 6.00 -25.53 -34.87
N GLU B 170 5.79 -24.37 -34.24
CA GLU B 170 6.27 -23.11 -34.82
C GLU B 170 7.74 -22.85 -34.51
N LEU B 171 8.14 -22.99 -33.25
CA LEU B 171 9.49 -22.62 -32.82
C LEU B 171 10.38 -23.81 -32.49
N LYS B 172 9.84 -25.02 -32.47
CA LYS B 172 10.59 -26.23 -32.15
C LYS B 172 11.15 -26.22 -30.72
N ILE B 173 10.43 -25.60 -29.78
CA ILE B 173 10.82 -25.73 -28.38
C ILE B 173 10.81 -27.21 -27.98
N ASP B 174 11.58 -27.54 -26.95
CA ASP B 174 11.78 -28.91 -26.52
C ASP B 174 10.81 -29.36 -25.43
N GLY B 175 9.88 -28.50 -25.02
CA GLY B 175 8.86 -28.91 -24.09
C GLY B 175 8.46 -27.77 -23.16
N TRP B 176 7.88 -28.18 -22.04
CA TRP B 176 7.08 -27.28 -21.20
C TRP B 176 7.33 -27.55 -19.72
N ARG B 177 7.51 -26.48 -18.95
CA ARG B 177 7.28 -26.54 -17.52
C ARG B 177 5.83 -26.13 -17.28
N LEU B 178 5.13 -26.85 -16.40
CA LEU B 178 3.68 -26.75 -16.24
C LEU B 178 3.35 -26.08 -14.90
N ASP B 179 2.89 -24.84 -14.98
CA ASP B 179 2.60 -24.06 -13.78
C ASP B 179 1.40 -24.64 -13.04
N GLN B 180 1.51 -24.66 -11.70
CA GLN B 180 0.41 -25.01 -10.82
C GLN B 180 -0.40 -26.18 -11.39
N ALA B 181 0.31 -27.28 -11.66
CA ALA B 181 -0.22 -28.31 -12.55
C ALA B 181 -1.45 -29.00 -11.98
N TYR B 182 -1.65 -28.97 -10.65
CA TYR B 182 -2.81 -29.63 -10.06
C TYR B 182 -4.12 -28.94 -10.45
N GLN B 183 -4.08 -27.76 -11.06
CA GLN B 183 -5.33 -27.18 -11.53
C GLN B 183 -5.89 -27.93 -12.73
N VAL B 184 -5.07 -28.71 -13.40
CA VAL B 184 -5.46 -29.44 -14.62
C VAL B 184 -5.60 -30.90 -14.23
N PRO B 185 -6.73 -31.56 -14.51
CA PRO B 185 -6.91 -32.94 -14.05
C PRO B 185 -6.01 -33.92 -14.82
N THR B 186 -5.74 -35.05 -14.16
CA THR B 186 -4.79 -36.03 -14.71
C THR B 186 -5.21 -36.52 -16.10
N GLU B 187 -6.52 -36.72 -16.34
CA GLU B 187 -6.90 -37.17 -17.67
C GLU B 187 -6.63 -36.09 -18.73
N ALA B 188 -6.69 -34.82 -18.35
CA ALA B 188 -6.30 -33.75 -19.27
C ALA B 188 -4.79 -33.79 -19.55
N TRP B 189 -3.96 -34.05 -18.53
CA TRP B 189 -2.52 -34.09 -18.76
C TRP B 189 -2.13 -35.24 -19.69
N THR B 190 -2.73 -36.41 -19.48
CA THR B 190 -2.51 -37.53 -20.37
C THR B 190 -2.77 -37.17 -21.82
N ALA B 191 -3.87 -36.47 -22.08
CA ALA B 191 -4.19 -36.04 -23.44
C ALA B 191 -3.25 -34.95 -23.92
N ILE B 192 -2.92 -33.98 -23.06
CA ILE B 192 -1.97 -32.96 -23.47
C ILE B 192 -0.61 -33.56 -23.76
N ARG B 193 -0.18 -34.52 -22.92
CA ARG B 193 1.09 -35.21 -23.15
C ARG B 193 1.11 -35.90 -24.52
N ALA B 194 0.02 -36.60 -24.87
CA ALA B 194 -0.04 -37.22 -26.20
C ALA B 194 0.10 -36.17 -27.30
N SER B 195 -0.54 -35.00 -27.14
CA SER B 195 -0.43 -33.95 -28.15
C SER B 195 0.99 -33.45 -28.26
N VAL B 196 1.67 -33.29 -27.11
CA VAL B 196 3.03 -32.79 -27.11
C VAL B 196 3.97 -33.79 -27.76
N ASP B 197 3.80 -35.08 -27.46
CA ASP B 197 4.67 -36.11 -28.05
C ASP B 197 4.51 -36.14 -29.56
N GLU B 198 3.27 -36.09 -30.05
CA GLU B 198 3.02 -36.11 -31.50
C GLU B 198 3.62 -34.90 -32.18
N ALA B 199 3.41 -33.70 -31.64
CA ALA B 199 3.95 -32.51 -32.29
C ALA B 199 5.47 -32.53 -32.28
N SER B 200 6.07 -33.04 -31.21
CA SER B 200 7.53 -33.05 -31.13
C SER B 200 8.14 -34.00 -32.15
N LYS B 201 7.46 -35.12 -32.43
CA LYS B 201 7.91 -36.02 -33.48
C LYS B 201 7.65 -35.48 -34.88
N SER B 202 6.83 -34.45 -35.03
CA SER B 202 6.44 -33.97 -36.35
C SER B 202 7.42 -32.95 -36.92
N VAL B 203 8.45 -32.54 -36.18
CA VAL B 203 9.38 -31.53 -36.66
C VAL B 203 10.81 -31.89 -36.24
N THR B 204 11.76 -31.22 -36.87
CA THR B 204 13.17 -31.54 -36.69
C THR B 204 13.97 -30.26 -36.71
N TYR B 205 15.05 -30.23 -35.93
CA TYR B 205 16.04 -29.18 -36.00
C TYR B 205 17.42 -29.82 -35.95
N VAL B 206 18.44 -29.07 -36.35
CA VAL B 206 19.81 -29.57 -36.33
C VAL B 206 20.47 -29.17 -35.02
N ASN B 207 21.01 -30.15 -34.30
CA ASN B 207 21.58 -29.86 -32.98
C ASN B 207 23.00 -29.32 -33.16
N SER B 208 23.71 -29.12 -32.05
CA SER B 208 25.03 -28.50 -32.11
C SER B 208 26.08 -29.41 -32.69
N LYS B 209 25.83 -30.73 -32.71
CA LYS B 209 26.74 -31.70 -33.30
C LYS B 209 26.41 -31.98 -34.77
N GLY B 210 25.48 -31.25 -35.35
CA GLY B 210 25.14 -31.38 -36.76
C GLY B 210 24.09 -32.41 -37.10
N GLU B 211 23.66 -33.24 -36.15
CA GLU B 211 22.64 -34.24 -36.48
C GLU B 211 21.24 -33.66 -36.31
N ALA B 212 20.31 -34.20 -37.10
CA ALA B 212 18.92 -33.75 -37.09
C ALA B 212 18.15 -34.51 -36.02
N VAL B 213 17.43 -33.77 -35.17
CA VAL B 213 16.74 -34.34 -34.02
C VAL B 213 15.33 -33.76 -33.93
N ASN B 214 14.43 -34.54 -33.33
CA ASN B 214 13.14 -33.99 -32.94
C ASN B 214 13.26 -33.26 -31.61
N PRO B 215 12.45 -32.23 -31.38
CA PRO B 215 12.34 -31.65 -30.02
C PRO B 215 11.99 -32.73 -29.00
N LEU B 216 12.40 -32.51 -27.74
CA LEU B 216 12.31 -33.57 -26.73
C LEU B 216 10.86 -33.92 -26.39
N GLY B 217 9.99 -32.93 -26.26
CA GLY B 217 8.68 -33.20 -25.71
C GLY B 217 8.68 -33.34 -24.21
N TYR B 218 9.68 -32.81 -23.54
CA TYR B 218 9.77 -32.89 -22.09
C TYR B 218 8.69 -32.07 -21.42
N MET B 219 8.08 -32.63 -20.37
CA MET B 219 7.10 -31.90 -19.57
C MET B 219 7.38 -32.11 -18.11
N VAL B 220 7.56 -31.03 -17.36
CA VAL B 220 7.80 -31.10 -15.92
C VAL B 220 6.74 -30.27 -15.21
N ALA B 221 6.02 -30.92 -14.28
CA ALA B 221 4.95 -30.27 -13.53
C ALA B 221 5.49 -29.55 -12.30
N GLU B 222 4.91 -28.38 -11.99
CA GLU B 222 5.13 -27.72 -10.71
C GLU B 222 3.95 -28.02 -9.81
N ILE B 223 4.15 -28.89 -8.83
CA ILE B 223 3.12 -29.20 -7.84
C ILE B 223 3.78 -28.99 -6.49
N TRP B 224 3.53 -27.83 -5.89
CA TRP B 224 4.20 -27.43 -4.66
C TRP B 224 3.51 -28.10 -3.47
N ASN B 225 3.89 -29.35 -3.22
CA ASN B 225 3.22 -30.17 -2.23
C ASN B 225 4.10 -31.39 -1.97
N ASN B 226 3.65 -32.29 -1.09
CA ASN B 226 4.44 -33.46 -0.73
C ASN B 226 4.23 -34.61 -1.72
N GLU B 227 4.92 -35.73 -1.50
CA GLU B 227 4.96 -36.82 -2.48
C GLU B 227 3.56 -37.35 -2.82
N ASN B 228 2.70 -37.53 -1.81
CA ASN B 228 1.38 -38.09 -2.07
C ASN B 228 0.56 -37.19 -2.98
N TYR B 229 0.70 -35.86 -2.81
CA TYR B 229 -0.04 -34.93 -3.66
C TYR B 229 0.57 -34.84 -5.06
N ILE B 230 1.89 -34.99 -5.17
CA ILE B 230 2.52 -34.97 -6.49
C ILE B 230 2.14 -36.22 -7.28
N LYS B 231 2.01 -37.38 -6.61
CA LYS B 231 1.51 -38.56 -7.30
C LYS B 231 0.05 -38.38 -7.70
N GLU B 232 -0.78 -37.92 -6.76
CA GLU B 232 -2.22 -37.85 -6.99
C GLU B 232 -2.57 -36.91 -8.13
N THR B 233 -1.91 -35.75 -8.21
CA THR B 233 -2.29 -34.74 -9.19
C THR B 233 -1.29 -34.61 -10.33
N GLY B 234 -0.18 -35.35 -10.28
CA GLY B 234 0.87 -35.20 -11.28
C GLY B 234 1.22 -36.50 -12.00
N TYR B 235 1.85 -37.44 -11.28
CA TYR B 235 2.32 -38.65 -11.92
C TYR B 235 1.17 -39.57 -12.30
N GLY B 236 0.14 -39.64 -11.46
CA GLY B 236 -0.96 -40.56 -11.68
C GLY B 236 -0.61 -41.96 -11.20
N ALA B 237 -1.55 -42.87 -11.40
CA ALA B 237 -1.44 -44.22 -10.87
C ALA B 237 -0.40 -45.05 -11.62
N GLU B 238 0.08 -46.10 -10.96
CA GLU B 238 0.95 -47.05 -11.64
C GLU B 238 0.20 -47.67 -12.82
N GLY B 239 0.85 -47.73 -13.98
CA GLY B 239 0.23 -48.23 -15.19
C GLY B 239 -0.68 -47.25 -15.91
N GLU B 240 -0.93 -46.07 -15.35
CA GLU B 240 -1.79 -45.07 -15.98
C GLU B 240 -1.15 -43.70 -15.84
N PRO B 241 0.02 -43.51 -16.44
CA PRO B 241 0.77 -42.27 -16.19
C PRO B 241 -0.01 -41.06 -16.70
N ALA B 242 0.01 -40.01 -15.89
CA ALA B 242 -0.56 -38.74 -16.29
C ALA B 242 0.58 -37.88 -16.83
N LEU B 243 1.45 -37.38 -15.94
CA LEU B 243 2.71 -36.77 -16.36
C LEU B 243 3.87 -37.64 -15.92
N CYS B 244 5.03 -37.39 -16.51
CA CYS B 244 6.20 -38.23 -16.30
C CYS B 244 7.29 -37.57 -15.46
N SER B 245 7.17 -36.28 -15.18
CA SER B 245 8.22 -35.56 -14.46
C SER B 245 7.57 -34.43 -13.67
N ALA B 246 8.02 -34.24 -12.43
CA ALA B 246 7.55 -33.13 -11.62
C ALA B 246 8.71 -32.65 -10.77
N PHE B 247 8.66 -31.39 -10.35
CA PHE B 247 9.74 -30.88 -9.51
C PHE B 247 9.75 -31.59 -8.15
N ASP B 248 10.95 -31.85 -7.64
CA ASP B 248 11.12 -32.54 -6.37
C ASP B 248 11.12 -31.52 -5.23
N PHE B 249 9.96 -30.93 -4.99
CA PHE B 249 9.84 -30.03 -3.85
C PHE B 249 10.20 -30.72 -2.53
N PRO B 250 9.80 -31.96 -2.25
CA PRO B 250 10.19 -32.55 -0.96
C PRO B 250 11.69 -32.60 -0.75
N VAL B 251 12.46 -33.05 -1.76
CA VAL B 251 13.90 -33.14 -1.56
C VAL B 251 14.53 -31.75 -1.59
N ARG B 252 14.01 -30.80 -2.38
CA ARG B 252 14.47 -29.43 -2.26
C ARG B 252 14.44 -28.98 -0.80
N TYR B 253 13.30 -29.20 -0.13
CA TYR B 253 13.20 -28.78 1.26
C TYR B 253 14.20 -29.52 2.14
N ARG B 254 14.36 -30.84 1.95
CA ARG B 254 15.37 -31.56 2.72
C ARG B 254 16.75 -30.95 2.51
N VAL B 255 17.09 -30.60 1.27
CA VAL B 255 18.43 -30.09 0.98
C VAL B 255 18.65 -28.73 1.64
N VAL B 256 17.72 -27.79 1.50
CA VAL B 256 17.97 -26.51 2.18
C VAL B 256 17.90 -26.66 3.69
N GLU B 257 17.09 -27.59 4.20
CA GLU B 257 17.02 -27.79 5.65
C GLU B 257 18.29 -28.43 6.21
N THR B 258 19.08 -29.06 5.35
CA THR B 258 20.35 -29.69 5.75
C THR B 258 21.53 -28.71 5.63
N PHE B 259 21.62 -28.00 4.51
CA PHE B 259 22.78 -27.14 4.27
C PHE B 259 22.51 -25.68 4.56
N ALA B 260 21.26 -25.30 4.79
CA ALA B 260 20.91 -23.94 5.20
C ALA B 260 19.76 -24.04 6.18
N ALA B 261 18.69 -23.26 5.96
CA ALA B 261 17.42 -23.47 6.62
C ALA B 261 16.33 -23.12 5.61
N ASN B 262 15.14 -23.66 5.80
CA ASN B 262 14.09 -23.30 4.84
C ASN B 262 13.51 -21.93 5.19
N GLU B 263 12.52 -21.51 4.40
CA GLU B 263 11.96 -20.17 4.56
C GLU B 263 11.39 -19.96 5.97
N ASN B 264 10.88 -21.03 6.59
CA ASN B 264 10.33 -20.96 7.94
C ASN B 264 11.37 -21.15 9.03
N GLY B 265 12.63 -21.39 8.70
CA GLY B 265 13.67 -21.52 9.70
C GLY B 265 14.01 -22.92 10.17
N ILE B 266 13.40 -23.97 9.61
CA ILE B 266 13.81 -25.32 9.96
C ILE B 266 15.15 -25.59 9.28
N GLY B 267 16.18 -25.85 10.08
CA GLY B 267 17.49 -26.05 9.51
C GLY B 267 18.38 -26.89 10.40
N ASN B 268 19.66 -26.92 10.05
CA ASN B 268 20.67 -27.61 10.85
C ASN B 268 20.44 -29.12 10.88
N LYS B 269 19.79 -29.67 9.84
CA LYS B 269 19.60 -31.12 9.77
C LYS B 269 20.85 -31.79 9.17
N GLY B 270 20.87 -33.12 9.17
CA GLY B 270 22.03 -33.85 8.70
C GLY B 270 21.78 -34.87 7.60
N GLY B 271 22.75 -35.77 7.38
CA GLY B 271 22.60 -36.75 6.30
C GLY B 271 21.39 -37.65 6.49
N LYS B 272 21.09 -38.00 7.74
CA LYS B 272 19.88 -38.76 8.04
C LYS B 272 18.64 -38.11 7.44
N TRP B 273 18.56 -36.78 7.52
CA TRP B 273 17.40 -36.04 6.99
C TRP B 273 17.37 -36.07 5.46
N LEU B 274 18.53 -35.93 4.81
CA LEU B 274 18.58 -36.05 3.36
C LEU B 274 18.15 -37.45 2.92
N ASP B 275 18.65 -38.48 3.60
CA ASP B 275 18.35 -39.85 3.20
C ASP B 275 16.87 -40.16 3.34
N GLU B 276 16.24 -39.73 4.44
CA GLU B 276 14.80 -39.93 4.59
C GLU B 276 14.02 -39.28 3.46
N GLY B 277 14.50 -38.15 2.95
CA GLY B 277 13.83 -37.51 1.83
C GLY B 277 13.96 -38.31 0.55
N MET B 278 15.18 -38.77 0.24
CA MET B 278 15.39 -39.54 -0.98
C MET B 278 14.64 -40.87 -0.95
N ASN B 279 14.50 -41.48 0.23
CA ASN B 279 13.81 -42.75 0.35
C ASN B 279 12.32 -42.62 0.00
N LEU B 280 11.73 -41.46 0.25
CA LEU B 280 10.30 -41.29 -0.04
C LEU B 280 10.01 -41.31 -1.54
N HIS B 281 11.03 -41.34 -2.40
CA HIS B 281 10.80 -41.62 -3.82
C HIS B 281 10.12 -42.97 -4.03
N ARG B 282 10.18 -43.85 -3.04
CA ARG B 282 9.44 -45.11 -3.10
C ARG B 282 7.94 -44.90 -3.21
N LEU B 283 7.43 -43.74 -2.80
CA LEU B 283 6.00 -43.48 -2.91
C LEU B 283 5.56 -43.23 -4.34
N TYR B 284 6.50 -42.93 -5.27
CA TYR B 284 6.15 -42.57 -6.65
C TYR B 284 5.95 -43.82 -7.50
N PRO B 285 5.12 -43.73 -8.54
CA PRO B 285 5.01 -44.85 -9.48
C PRO B 285 6.28 -44.98 -10.30
N SER B 286 6.40 -46.13 -10.97
CA SER B 286 7.67 -46.52 -11.59
C SER B 286 8.08 -45.58 -12.70
N HIS B 287 7.14 -44.88 -13.33
CA HIS B 287 7.46 -43.97 -14.42
C HIS B 287 7.89 -42.58 -13.95
N ALA B 288 7.89 -42.31 -12.65
CA ALA B 288 8.11 -40.95 -12.18
C ALA B 288 9.57 -40.56 -12.32
N GLN B 289 9.83 -39.36 -12.88
CA GLN B 289 11.17 -38.78 -12.98
C GLN B 289 11.21 -37.45 -12.24
N PRO B 290 11.42 -37.48 -10.91
CA PRO B 290 11.46 -36.22 -10.16
C PRO B 290 12.61 -35.34 -10.64
N ASN B 291 12.38 -34.02 -10.62
CA ASN B 291 13.33 -33.02 -11.12
C ASN B 291 13.74 -32.16 -9.93
N LEU B 292 15.02 -32.23 -9.54
CA LEU B 292 15.50 -31.54 -8.34
C LEU B 292 16.00 -30.14 -8.65
N MET B 293 15.41 -29.14 -7.99
CA MET B 293 15.94 -27.79 -7.91
C MET B 293 16.28 -27.44 -6.47
N LEU B 294 17.10 -26.42 -6.30
CA LEU B 294 17.35 -25.86 -4.98
C LEU B 294 16.52 -24.62 -4.70
N GLY B 295 16.14 -23.92 -5.76
CA GLY B 295 15.43 -22.66 -5.66
C GLY B 295 14.67 -22.45 -6.96
N ASN B 296 13.89 -21.38 -6.99
CA ASN B 296 13.24 -20.92 -8.21
C ASN B 296 12.72 -19.50 -7.91
N HIS B 297 11.88 -18.99 -8.80
CA HIS B 297 11.42 -17.62 -8.70
C HIS B 297 10.38 -17.41 -7.59
N ASP B 298 9.92 -18.49 -6.96
CA ASP B 298 8.94 -18.41 -5.88
C ASP B 298 9.55 -18.68 -4.51
N LEU B 299 10.85 -18.96 -4.45
CA LEU B 299 11.53 -19.38 -3.23
C LEU B 299 12.63 -18.39 -2.91
N VAL B 300 12.93 -18.21 -1.62
CA VAL B 300 14.01 -17.30 -1.24
C VAL B 300 15.34 -17.86 -1.73
N ARG B 301 16.24 -16.97 -2.16
CA ARG B 301 17.56 -17.40 -2.60
C ARG B 301 18.30 -18.15 -1.50
N PHE B 302 19.00 -19.22 -1.89
CA PHE B 302 19.76 -20.03 -0.94
C PHE B 302 20.65 -19.15 -0.05
N GLY B 303 21.38 -18.21 -0.64
CA GLY B 303 22.26 -17.35 0.16
C GLY B 303 21.49 -16.51 1.17
N ASP B 304 20.29 -16.05 0.80
CA ASP B 304 19.48 -15.29 1.75
C ASP B 304 18.92 -16.18 2.85
N LEU B 305 18.65 -17.46 2.55
CA LEU B 305 18.24 -18.40 3.59
C LEU B 305 19.36 -18.61 4.59
N LEU B 306 20.61 -18.65 4.11
CA LEU B 306 21.75 -18.74 5.01
C LEU B 306 21.79 -17.55 5.95
N GLN B 307 21.56 -16.35 5.42
CA GLN B 307 21.56 -15.16 6.27
C GLN B 307 20.34 -15.12 7.18
N ARG B 308 19.19 -15.58 6.68
CA ARG B 308 17.96 -15.56 7.47
C ARG B 308 18.12 -16.35 8.76
N GLY B 309 18.68 -17.55 8.67
CA GLY B 309 18.94 -18.44 9.79
C GLY B 309 20.12 -18.05 10.64
N ASN B 310 20.77 -16.93 10.34
CA ASN B 310 22.02 -16.53 10.99
C ASN B 310 23.05 -17.65 10.88
N ILE B 311 23.05 -18.35 9.75
CA ILE B 311 23.99 -19.43 9.49
C ILE B 311 25.29 -18.89 8.90
N ALA B 312 25.21 -18.11 7.82
CA ALA B 312 26.42 -17.70 7.13
C ALA B 312 26.10 -16.50 6.26
N SER B 313 27.14 -15.76 5.90
CA SER B 313 27.06 -14.54 5.15
C SER B 313 28.20 -14.55 4.14
N PRO B 314 28.05 -13.85 3.00
CA PRO B 314 29.04 -14.03 1.92
C PRO B 314 30.48 -13.71 2.31
N GLU B 315 30.70 -12.95 3.38
CA GLU B 315 32.09 -12.70 3.76
C GLU B 315 32.74 -13.86 4.49
N GLN B 316 31.96 -14.89 4.85
CA GLN B 316 32.48 -16.07 5.54
C GLN B 316 32.67 -17.24 4.58
N ALA B 317 33.76 -17.99 4.76
CA ALA B 317 34.01 -19.16 3.91
C ALA B 317 32.86 -20.16 4.00
N GLU B 318 32.28 -20.32 5.20
CA GLU B 318 31.23 -21.32 5.40
C GLU B 318 30.03 -21.08 4.50
N TYR B 319 29.77 -19.81 4.13
CA TYR B 319 28.70 -19.50 3.19
C TYR B 319 28.93 -20.18 1.85
N TRP B 320 30.16 -20.11 1.37
CA TRP B 320 30.48 -20.71 0.08
C TRP B 320 30.56 -22.22 0.18
N GLU B 321 31.05 -22.76 1.30
CA GLU B 321 31.10 -24.21 1.42
C GLU B 321 29.70 -24.80 1.47
N ARG B 322 28.75 -24.10 2.09
CA ARG B 322 27.40 -24.64 2.17
C ARG B 322 26.71 -24.62 0.81
N HIS B 323 26.97 -23.59 -0.01
CA HIS B 323 26.52 -23.62 -1.39
C HIS B 323 27.08 -24.84 -2.12
N LYS B 324 28.40 -25.04 -2.02
CA LYS B 324 29.04 -26.14 -2.74
C LYS B 324 28.48 -27.48 -2.31
N ALA B 325 28.21 -27.66 -1.01
CA ALA B 325 27.61 -28.91 -0.55
C ALA B 325 26.24 -29.12 -1.19
N ALA B 326 25.37 -28.10 -1.12
CA ALA B 326 24.01 -28.26 -1.65
C ALA B 326 24.02 -28.51 -3.15
N LEU B 327 24.85 -27.76 -3.87
CA LEU B 327 24.98 -27.98 -5.30
C LEU B 327 25.60 -29.34 -5.61
N SER B 328 26.51 -29.83 -4.76
CA SER B 328 27.08 -31.15 -5.00
C SER B 328 26.03 -32.24 -4.82
N PHE B 329 25.11 -32.04 -3.88
CA PHE B 329 24.04 -33.01 -3.71
C PHE B 329 23.21 -33.12 -4.97
N GLN B 330 22.88 -31.98 -5.57
CA GLN B 330 22.11 -31.98 -6.80
C GLN B 330 22.86 -32.69 -7.91
N ALA B 331 24.18 -32.46 -7.99
CA ALA B 331 25.00 -33.09 -9.03
C ALA B 331 25.05 -34.60 -8.89
N ALA B 332 24.81 -35.14 -7.70
CA ALA B 332 24.81 -36.59 -7.48
C ALA B 332 23.42 -37.20 -7.60
N TYR B 333 22.40 -36.37 -7.79
CA TYR B 333 21.00 -36.80 -7.83
C TYR B 333 20.66 -37.35 -9.21
N SER B 334 20.25 -38.62 -9.28
CA SER B 334 19.81 -39.23 -10.53
C SER B 334 18.52 -38.57 -11.03
N GLY B 335 18.52 -38.20 -12.32
CA GLY B 335 17.35 -37.60 -12.94
C GLY B 335 17.60 -36.17 -13.33
N PRO B 336 16.60 -35.53 -13.95
CA PRO B 336 16.77 -34.14 -14.37
C PRO B 336 16.95 -33.21 -13.17
N ILE B 337 17.76 -32.16 -13.37
CA ILE B 337 18.03 -31.17 -12.34
C ILE B 337 17.89 -29.78 -12.94
N THR B 338 17.57 -28.80 -12.08
CA THR B 338 17.31 -27.45 -12.52
C THR B 338 18.02 -26.48 -11.59
N LEU B 339 18.76 -25.54 -12.16
CA LEU B 339 19.47 -24.54 -11.39
C LEU B 339 18.85 -23.16 -11.62
N TYR B 340 18.56 -22.45 -10.54
CA TYR B 340 17.98 -21.11 -10.62
C TYR B 340 19.10 -20.07 -10.82
N TYR B 341 18.92 -19.17 -11.80
CA TYR B 341 19.97 -18.23 -12.17
C TYR B 341 20.46 -17.47 -10.95
N GLY B 342 21.78 -17.39 -10.81
CA GLY B 342 22.42 -16.76 -9.68
C GLY B 342 22.84 -17.72 -8.58
N GLU B 343 22.23 -18.91 -8.52
CA GLU B 343 22.69 -19.89 -7.54
C GLU B 343 24.17 -20.24 -7.77
N GLU B 344 24.62 -20.20 -9.02
CA GLU B 344 25.98 -20.62 -9.36
C GLU B 344 27.05 -19.65 -8.89
N ILE B 345 26.69 -18.43 -8.50
CA ILE B 345 27.61 -17.46 -7.94
C ILE B 345 27.25 -17.07 -6.52
N GLY B 346 26.30 -17.78 -5.90
CA GLY B 346 25.95 -17.50 -4.52
C GLY B 346 25.26 -16.17 -4.35
N ASP B 347 24.39 -15.81 -5.31
CA ASP B 347 23.68 -14.55 -5.25
C ASP B 347 22.83 -14.44 -3.99
N GLU B 348 22.60 -13.21 -3.56
CA GLU B 348 21.74 -12.92 -2.42
C GLU B 348 21.40 -11.44 -2.49
N LEU B 349 20.20 -11.09 -2.05
CA LEU B 349 19.77 -9.70 -2.14
C LEU B 349 20.42 -8.88 -1.02
N GLU B 350 21.19 -7.86 -1.42
CA GLU B 350 21.86 -7.00 -0.45
C GLU B 350 20.87 -6.29 0.46
N GLY B 351 21.19 -6.26 1.76
CA GLY B 351 20.33 -5.58 2.70
C GLY B 351 19.06 -6.31 3.04
N TYR B 352 18.99 -7.60 2.76
CA TYR B 352 17.78 -8.38 2.99
C TYR B 352 18.15 -9.77 3.49
N ALA B 353 17.38 -10.29 4.44
CA ALA B 353 17.49 -11.69 4.86
C ALA B 353 16.21 -12.14 5.57
N GLN B 354 15.86 -11.47 6.66
CA GLN B 354 14.69 -11.86 7.42
C GLN B 354 13.45 -11.66 6.57
N LYS B 355 12.43 -12.47 6.88
CA LYS B 355 11.18 -12.40 6.14
C LYS B 355 10.56 -11.03 6.33
N VAL B 356 10.08 -10.45 5.21
CA VAL B 356 9.39 -9.16 5.22
C VAL B 356 7.93 -9.40 4.88
N GLU B 357 7.03 -8.89 5.72
CA GLU B 357 5.60 -9.16 5.60
C GLU B 357 4.82 -7.92 5.21
N GLN B 358 4.68 -6.94 6.11
CA GLN B 358 3.89 -5.76 5.79
C GLN B 358 4.49 -5.04 4.57
N ASP B 359 3.61 -4.69 3.62
CA ASP B 359 3.99 -3.92 2.43
C ASP B 359 5.11 -4.60 1.65
N CYS B 360 5.21 -5.93 1.71
CA CYS B 360 6.38 -6.55 1.10
C CYS B 360 6.34 -6.46 -0.42
N ALA B 361 5.15 -6.43 -1.02
CA ALA B 361 5.07 -6.50 -2.48
C ALA B 361 5.56 -5.21 -3.13
N VAL B 362 5.19 -4.05 -2.58
CA VAL B 362 5.70 -2.82 -3.19
C VAL B 362 7.20 -2.70 -3.01
N GLN B 363 7.78 -3.44 -2.06
CA GLN B 363 9.22 -3.39 -1.85
C GLN B 363 9.96 -4.45 -2.65
N GLY B 364 9.23 -5.37 -3.28
CA GLY B 364 9.87 -6.48 -3.96
C GLY B 364 10.46 -7.51 -3.02
N LEU B 365 9.95 -7.61 -1.79
CA LEU B 365 10.61 -8.37 -0.74
C LEU B 365 9.78 -9.53 -0.18
N CYS B 366 8.61 -9.81 -0.74
CA CYS B 366 7.85 -10.96 -0.28
C CYS B 366 8.59 -12.26 -0.59
N ASP B 367 8.43 -13.25 0.29
CA ASP B 367 9.13 -14.51 0.08
C ASP B 367 8.83 -15.12 -1.29
N ASP B 368 7.61 -14.91 -1.81
CA ASP B 368 7.25 -15.59 -3.05
C ASP B 368 7.78 -14.88 -4.30
N HIS B 369 8.53 -13.78 -4.16
CA HIS B 369 9.16 -13.20 -5.33
C HIS B 369 10.50 -12.53 -5.06
N VAL B 370 10.98 -12.49 -3.81
CA VAL B 370 12.20 -11.75 -3.50
C VAL B 370 13.39 -12.29 -4.28
N ALA B 371 13.34 -13.55 -4.73
CA ALA B 371 14.44 -14.10 -5.52
C ALA B 371 14.49 -13.56 -6.94
N ARG B 372 13.55 -12.72 -7.37
CA ARG B 372 13.54 -12.20 -8.74
C ARG B 372 14.38 -10.93 -8.81
N THR B 373 15.68 -11.14 -8.64
CA THR B 373 16.67 -10.06 -8.57
C THR B 373 17.38 -9.92 -9.91
N SER B 374 17.96 -8.73 -10.14
CA SER B 374 18.64 -8.49 -11.40
C SER B 374 19.77 -9.49 -11.59
N ALA B 375 19.82 -10.12 -12.76
CA ALA B 375 20.82 -11.17 -12.98
C ALA B 375 22.24 -10.59 -13.00
N ASN B 376 23.15 -11.27 -12.34
CA ASN B 376 24.57 -10.94 -12.35
C ASN B 376 25.27 -11.95 -13.28
N ILE B 377 25.46 -11.56 -14.53
CA ILE B 377 26.01 -12.44 -15.56
C ILE B 377 27.43 -11.99 -15.89
N ASP B 378 28.41 -12.88 -15.69
CA ASP B 378 29.81 -12.53 -15.84
C ASP B 378 30.11 -11.94 -17.21
N GLY B 379 30.79 -10.80 -17.23
CA GLY B 379 31.11 -10.13 -18.47
C GLY B 379 29.93 -9.48 -19.17
N LEU B 380 28.75 -9.48 -18.57
CA LEU B 380 27.56 -8.87 -19.14
C LEU B 380 26.97 -7.81 -18.22
N THR B 381 26.59 -8.18 -16.99
CA THR B 381 26.01 -7.25 -16.05
C THR B 381 26.83 -7.10 -14.77
N VAL B 382 27.92 -7.85 -14.62
CA VAL B 382 28.73 -7.83 -13.40
C VAL B 382 30.14 -8.26 -13.77
N ASN B 383 31.09 -7.94 -12.90
CA ASN B 383 32.41 -8.55 -12.89
C ASN B 383 32.55 -9.28 -11.57
N LEU B 384 32.59 -10.61 -11.63
CA LEU B 384 32.51 -11.40 -10.41
C LEU B 384 33.73 -11.20 -9.54
N ASN B 385 33.53 -11.22 -8.23
CA ASN B 385 34.64 -11.24 -7.29
C ASN B 385 35.21 -12.66 -7.20
N GLU B 386 36.25 -12.83 -6.38
CA GLU B 386 36.99 -14.09 -6.34
C GLU B 386 36.12 -15.24 -5.86
N LYS B 387 35.28 -15.02 -4.85
CA LYS B 387 34.50 -16.12 -4.29
C LYS B 387 33.36 -16.51 -5.22
N GLN B 388 32.72 -15.53 -5.86
CA GLN B 388 31.69 -15.85 -6.84
C GLN B 388 32.25 -16.69 -7.98
N ARG B 389 33.44 -16.32 -8.47
CA ARG B 389 34.05 -17.01 -9.59
C ARG B 389 34.53 -18.40 -9.18
N ASP B 390 34.94 -18.56 -7.92
CA ASP B 390 35.26 -19.88 -7.42
C ASP B 390 34.04 -20.79 -7.42
N LEU B 391 32.90 -20.27 -6.96
CA LEU B 391 31.70 -21.11 -6.93
C LEU B 391 31.23 -21.47 -8.33
N LYS B 392 31.27 -20.51 -9.27
CA LYS B 392 30.84 -20.78 -10.64
C LYS B 392 31.74 -21.83 -11.30
N GLN B 393 33.05 -21.77 -11.04
CA GLN B 393 33.94 -22.80 -11.57
C GLN B 393 33.60 -24.18 -11.02
N TYR B 394 33.22 -24.24 -9.74
CA TYR B 394 32.86 -25.50 -9.13
C TYR B 394 31.59 -26.07 -9.76
N VAL B 395 30.58 -25.22 -9.97
CA VAL B 395 29.37 -25.65 -10.68
C VAL B 395 29.74 -26.15 -12.07
N SER B 396 30.61 -25.45 -12.78
CA SER B 396 31.03 -25.93 -14.09
C SER B 396 31.69 -27.29 -13.98
N GLN B 397 32.54 -27.48 -12.97
CA GLN B 397 33.15 -28.78 -12.71
C GLN B 397 32.09 -29.85 -12.47
N LEU B 398 31.12 -29.55 -11.60
CA LEU B 398 30.06 -30.52 -11.27
C LEU B 398 29.28 -30.93 -12.49
N MET B 399 28.94 -29.96 -13.35
CA MET B 399 28.11 -30.26 -14.51
C MET B 399 28.91 -31.06 -15.54
N THR B 400 30.20 -30.74 -15.70
CA THR B 400 31.05 -31.54 -16.56
C THR B 400 31.13 -32.98 -16.05
N LEU B 401 31.43 -33.13 -14.76
CA LEU B 401 31.53 -34.47 -14.18
C LEU B 401 30.23 -35.24 -14.37
N ARG B 402 29.10 -34.60 -14.05
CA ARG B 402 27.81 -35.27 -14.20
C ARG B 402 27.59 -35.74 -15.64
N ALA B 403 27.99 -34.93 -16.62
CA ALA B 403 27.78 -35.30 -18.02
C ALA B 403 28.63 -36.49 -18.45
N ALA B 404 29.74 -36.73 -17.76
CA ALA B 404 30.65 -37.81 -18.10
C ALA B 404 30.38 -39.08 -17.31
N HIS B 405 29.55 -39.05 -16.28
CA HIS B 405 29.36 -40.20 -15.40
C HIS B 405 27.90 -40.63 -15.30
N PRO B 406 27.51 -41.69 -16.00
CA PRO B 406 26.13 -42.19 -15.90
C PRO B 406 25.70 -42.51 -14.48
N ALA B 407 26.65 -42.88 -13.61
CA ALA B 407 26.29 -43.15 -12.22
C ALA B 407 25.62 -41.94 -11.58
N LEU B 408 26.07 -40.73 -11.93
CA LEU B 408 25.51 -39.52 -11.35
C LEU B 408 24.10 -39.24 -11.89
N SER B 409 23.92 -39.26 -13.23
CA SER B 409 22.66 -38.80 -13.80
C SER B 409 21.60 -39.90 -13.85
N ARG B 410 22.00 -41.16 -13.89
CA ARG B 410 21.00 -42.22 -14.00
C ARG B 410 21.36 -43.43 -13.16
N GLY B 411 22.30 -43.28 -12.22
CA GLY B 411 22.72 -44.42 -11.42
C GLY B 411 21.67 -44.89 -10.43
N GLU B 412 21.77 -46.17 -10.09
CA GLU B 412 21.04 -46.75 -8.97
C GLU B 412 21.66 -46.28 -7.66
N ARG B 413 20.84 -45.75 -6.77
CA ARG B 413 21.30 -45.20 -5.50
C ARG B 413 21.17 -46.24 -4.40
N THR B 414 22.24 -46.43 -3.64
CA THR B 414 22.20 -47.17 -2.38
C THR B 414 22.82 -46.31 -1.29
N ASN B 415 22.04 -45.91 -0.30
CA ASN B 415 22.61 -45.13 0.80
C ASN B 415 23.51 -46.01 1.65
N ILE B 416 24.69 -45.49 1.98
CA ILE B 416 25.67 -46.19 2.79
C ILE B 416 25.71 -45.64 4.22
N VAL B 417 25.74 -44.31 4.36
CA VAL B 417 25.75 -43.67 5.68
C VAL B 417 24.83 -42.46 5.62
N ALA B 418 24.07 -42.26 6.69
CA ALA B 418 23.24 -41.06 6.83
C ALA B 418 23.10 -40.79 8.32
N ASN B 419 23.98 -39.95 8.85
CA ASN B 419 23.95 -39.61 10.26
C ASN B 419 23.96 -38.09 10.36
N GLU B 420 24.28 -37.56 11.55
CA GLU B 420 24.22 -36.12 11.74
C GLU B 420 25.37 -35.39 11.07
N THR B 421 26.48 -36.10 10.77
CA THR B 421 27.65 -35.41 10.25
C THR B 421 27.99 -35.73 8.80
N VAL B 422 27.46 -36.82 8.22
CA VAL B 422 27.86 -37.17 6.86
C VAL B 422 26.70 -37.86 6.14
N TYR B 423 26.72 -37.74 4.81
CA TYR B 423 25.79 -38.40 3.89
C TYR B 423 26.62 -39.08 2.82
N ILE B 424 26.46 -40.40 2.68
CA ILE B 424 27.28 -41.20 1.77
C ILE B 424 26.37 -42.08 0.93
N ASP B 425 26.35 -41.84 -0.37
CA ASP B 425 25.57 -42.59 -1.35
C ASP B 425 26.50 -43.38 -2.26
N HIS B 426 26.12 -44.63 -2.54
CA HIS B 426 26.72 -45.41 -3.60
C HIS B 426 25.87 -45.27 -4.85
N LYS B 427 26.50 -44.92 -5.97
CA LYS B 427 25.83 -44.69 -7.24
C LYS B 427 26.45 -45.61 -8.27
N GLN B 428 25.62 -46.25 -9.10
CA GLN B 428 26.13 -47.23 -10.02
C GLN B 428 25.27 -47.27 -11.27
N ALA B 429 25.92 -47.28 -12.44
CA ALA B 429 25.25 -47.48 -13.71
C ALA B 429 26.27 -48.02 -14.70
N ASP B 430 25.86 -49.00 -15.49
CA ASP B 430 26.75 -49.65 -16.45
C ASP B 430 28.03 -50.12 -15.75
N ASP B 431 29.20 -49.62 -16.16
CA ASP B 431 30.45 -49.97 -15.51
C ASP B 431 31.00 -48.84 -14.64
N ASP B 432 30.13 -47.91 -14.24
CA ASP B 432 30.49 -46.68 -13.54
C ASP B 432 29.98 -46.82 -12.11
N ALA B 433 30.89 -46.94 -11.15
CA ALA B 433 30.52 -47.05 -9.74
C ALA B 433 31.33 -46.03 -8.96
N LEU B 434 30.65 -45.26 -8.11
CA LEU B 434 31.32 -44.23 -7.34
C LEU B 434 30.60 -44.06 -6.02
N ILE B 435 31.28 -43.34 -5.12
CA ILE B 435 30.73 -42.91 -3.84
C ILE B 435 30.53 -41.39 -3.90
N TYR B 436 29.38 -40.92 -3.46
CA TYR B 436 29.17 -39.50 -3.19
C TYR B 436 29.16 -39.31 -1.68
N MET B 437 30.09 -38.53 -1.16
CA MET B 437 30.09 -38.25 0.27
C MET B 437 30.12 -36.74 0.49
N VAL B 438 29.25 -36.26 1.39
CA VAL B 438 29.21 -34.83 1.70
C VAL B 438 29.06 -34.68 3.21
N SER B 439 29.83 -33.77 3.79
CA SER B 439 29.72 -33.48 5.22
C SER B 439 28.48 -32.63 5.48
N THR B 440 27.77 -32.94 6.57
CA THR B 440 26.61 -32.16 6.95
C THR B 440 26.83 -31.50 8.31
N THR B 441 28.08 -31.11 8.60
CA THR B 441 28.42 -30.49 9.88
C THR B 441 29.45 -29.39 9.64
N ALA B 442 29.44 -28.39 10.53
CA ALA B 442 30.40 -27.31 10.45
C ALA B 442 31.77 -27.69 11.02
N ASP B 443 31.92 -28.88 11.57
CA ASP B 443 33.18 -29.32 12.17
C ASP B 443 33.95 -30.20 11.21
N GLN B 444 35.27 -30.18 11.33
CA GLN B 444 36.10 -31.22 10.73
C GLN B 444 35.72 -32.58 11.30
N ASP B 445 35.78 -33.62 10.48
CA ASP B 445 35.59 -34.98 10.98
C ASP B 445 36.31 -35.96 10.07
N THR B 446 36.44 -37.20 10.54
CA THR B 446 37.04 -38.26 9.74
C THR B 446 36.04 -39.40 9.64
N VAL B 447 35.79 -39.86 8.43
CA VAL B 447 34.82 -40.92 8.19
C VAL B 447 35.57 -42.23 8.02
N GLU B 448 35.20 -43.22 8.82
CA GLU B 448 35.76 -44.55 8.71
C GLU B 448 34.78 -45.38 7.89
N LEU B 449 35.22 -45.87 6.74
CA LEU B 449 34.34 -46.51 5.78
C LEU B 449 34.93 -47.88 5.42
N LYS B 450 34.20 -48.94 5.70
CA LYS B 450 34.65 -50.28 5.37
C LYS B 450 34.58 -50.52 3.87
N ALA B 451 35.65 -51.06 3.29
CA ALA B 451 35.65 -51.31 1.85
C ALA B 451 34.53 -52.28 1.46
N SER B 452 34.24 -53.24 2.32
CA SER B 452 33.22 -54.23 1.99
C SER B 452 31.81 -53.66 2.06
N ASP B 453 31.61 -52.54 2.76
CA ASP B 453 30.30 -51.89 2.77
C ASP B 453 30.02 -51.13 1.48
N ILE B 454 31.04 -50.81 0.69
CA ILE B 454 30.83 -50.05 -0.54
C ILE B 454 31.23 -50.88 -1.76
N ALA B 455 31.37 -52.19 -1.59
CA ALA B 455 31.78 -53.11 -2.65
C ALA B 455 32.99 -52.58 -3.42
N SER B 456 34.04 -52.23 -2.69
CA SER B 456 35.30 -51.72 -3.27
C SER B 456 36.44 -52.66 -2.94
N ASP B 457 37.11 -53.18 -3.97
CA ASP B 457 38.27 -54.02 -3.77
C ASP B 457 39.59 -53.27 -3.79
N GLY B 458 39.59 -51.99 -4.17
CA GLY B 458 40.86 -51.29 -4.32
C GLY B 458 40.88 -49.87 -3.81
N GLN B 459 41.28 -48.93 -4.65
CA GLN B 459 41.41 -47.54 -4.24
C GLN B 459 40.19 -46.74 -4.66
N LEU B 460 39.98 -45.62 -3.96
CA LEU B 460 38.99 -44.62 -4.30
C LEU B 460 39.74 -43.41 -4.87
N VAL B 461 39.23 -42.86 -5.98
CA VAL B 461 39.90 -41.78 -6.69
C VAL B 461 38.95 -40.58 -6.76
N ASP B 462 39.38 -39.44 -6.23
CA ASP B 462 38.55 -38.24 -6.27
C ASP B 462 38.42 -37.77 -7.71
N LEU B 463 37.18 -37.78 -8.23
CA LEU B 463 36.91 -37.43 -9.62
C LEU B 463 37.12 -35.96 -9.92
N LEU B 464 37.19 -35.11 -8.89
CA LEU B 464 37.42 -33.68 -9.11
C LEU B 464 38.87 -33.27 -8.83
N THR B 465 39.52 -33.81 -7.80
CA THR B 465 40.90 -33.42 -7.52
C THR B 465 41.94 -34.44 -7.95
N GLY B 466 41.55 -35.68 -8.21
CA GLY B 466 42.49 -36.75 -8.49
C GLY B 466 43.02 -37.49 -7.28
N LYS B 467 42.77 -36.99 -6.06
CA LYS B 467 43.35 -37.60 -4.87
C LYS B 467 42.97 -39.07 -4.74
N VAL B 468 43.97 -39.90 -4.40
CA VAL B 468 43.78 -41.34 -4.24
C VAL B 468 43.63 -41.66 -2.75
N HIS B 469 42.59 -42.43 -2.41
CA HIS B 469 42.34 -42.84 -1.03
C HIS B 469 42.46 -44.35 -0.95
N SER B 470 43.32 -44.83 -0.06
CA SER B 470 43.61 -46.25 0.07
C SER B 470 43.04 -46.81 1.36
N ALA B 471 42.65 -48.08 1.32
CA ALA B 471 42.16 -48.79 2.51
C ALA B 471 43.32 -49.43 3.26
N ILE B 472 43.25 -49.38 4.59
CA ILE B 472 44.18 -50.05 5.48
C ILE B 472 43.38 -51.04 6.31
N ASN B 473 43.72 -52.32 6.20
CA ASN B 473 42.97 -53.37 6.87
C ASN B 473 41.49 -53.30 6.49
N GLY B 474 41.23 -53.08 5.20
CA GLY B 474 39.88 -53.09 4.69
C GLY B 474 39.05 -51.87 5.02
N GLU B 475 39.68 -50.78 5.45
CA GLU B 475 38.94 -49.59 5.87
C GLU B 475 39.59 -48.34 5.31
N TYR B 476 38.79 -47.46 4.73
CA TYR B 476 39.23 -46.12 4.36
C TYR B 476 39.10 -45.19 5.57
N GLN B 477 40.00 -44.22 5.64
CA GLN B 477 40.05 -43.25 6.74
C GLN B 477 40.10 -41.88 6.08
N ILE B 478 38.93 -41.32 5.80
CA ILE B 478 38.81 -40.15 4.94
C ILE B 478 38.51 -38.93 5.80
N SER B 479 39.42 -37.96 5.78
CA SER B 479 39.22 -36.70 6.49
C SER B 479 38.31 -35.80 5.66
N LEU B 480 37.32 -35.21 6.31
CA LEU B 480 36.29 -34.46 5.60
C LEU B 480 36.13 -33.08 6.24
N ALA B 481 36.43 -32.03 5.46
CA ALA B 481 36.33 -30.68 5.97
C ALA B 481 34.86 -30.30 6.13
N PRO B 482 34.55 -29.22 6.90
CA PRO B 482 33.14 -28.78 7.04
C PRO B 482 32.42 -28.61 5.72
N PHE B 483 31.38 -29.40 5.48
CA PHE B 483 30.51 -29.28 4.30
C PHE B 483 31.25 -29.53 2.99
N GLU B 484 32.39 -30.22 3.08
CA GLU B 484 33.10 -30.67 1.89
C GLU B 484 32.35 -31.84 1.27
N ALA B 485 32.34 -31.88 -0.07
CA ALA B 485 31.85 -33.04 -0.80
C ALA B 485 32.99 -33.67 -1.59
N LYS B 486 32.93 -35.00 -1.74
CA LYS B 486 33.89 -35.74 -2.54
C LYS B 486 33.12 -36.71 -3.41
N PHE B 487 33.45 -36.75 -4.70
CA PHE B 487 32.94 -37.76 -5.62
C PHE B 487 34.07 -38.75 -5.85
N LEU B 488 33.95 -39.95 -5.28
CA LEU B 488 35.07 -40.88 -5.22
C LEU B 488 34.79 -42.07 -6.12
N LEU B 489 35.57 -42.22 -7.18
CA LEU B 489 35.38 -43.34 -8.09
C LEU B 489 35.82 -44.63 -7.40
N ILE B 490 34.97 -45.66 -7.46
CA ILE B 490 35.36 -46.98 -6.95
C ILE B 490 36.17 -47.63 -8.06
N GLU B 491 37.49 -47.57 -7.94
CA GLU B 491 38.34 -47.95 -9.05
C GLU B 491 38.19 -49.43 -9.39
N THR B 492 38.02 -50.28 -8.38
CA THR B 492 37.90 -51.72 -8.56
C THR B 492 36.69 -52.22 -7.78
N PRO B 493 35.50 -52.17 -8.36
CA PRO B 493 34.32 -52.66 -7.64
C PRO B 493 34.41 -54.16 -7.42
N SER B 494 33.86 -54.62 -6.28
CA SER B 494 33.90 -56.03 -5.95
C SER B 494 33.06 -56.84 -6.94
N ALA B 495 33.52 -58.07 -7.20
CA ALA B 495 32.85 -58.95 -8.15
C ALA B 495 31.38 -59.14 -7.79
N SER B 496 31.08 -59.23 -6.50
CA SER B 496 29.72 -59.50 -6.07
C SER B 496 28.82 -58.28 -6.11
N GLY B 497 29.38 -57.08 -6.09
CA GLY B 497 28.58 -55.90 -5.87
C GLY B 497 28.08 -55.80 -4.44
N LEU B 498 27.14 -54.89 -4.25
CA LEU B 498 26.59 -54.61 -2.93
C LEU B 498 25.62 -55.72 -2.50
N THR B 499 25.54 -55.93 -1.19
CA THR B 499 24.70 -56.97 -0.57
C THR B 499 23.34 -57.18 -1.25
N HIS C 1 -29.07 37.83 -17.90
CA HIS C 1 -28.13 36.92 -17.25
C HIS C 1 -27.65 37.50 -15.90
N MET C 2 -28.29 38.60 -15.48
CA MET C 2 -27.94 39.22 -14.22
C MET C 2 -28.26 38.28 -13.07
N CYS C 3 -27.51 38.41 -11.99
CA CYS C 3 -27.79 37.59 -10.81
C CYS C 3 -29.17 37.93 -10.27
N ASP C 4 -29.99 36.89 -10.09
CA ASP C 4 -31.39 37.09 -9.69
C ASP C 4 -31.47 37.99 -8.45
N SER C 5 -32.21 39.10 -8.58
CA SER C 5 -32.12 40.16 -7.58
C SER C 5 -32.83 39.78 -6.29
N ALA C 6 -33.95 39.08 -6.39
CA ALA C 6 -34.60 38.52 -5.20
C ALA C 6 -33.67 37.56 -4.46
N LEU C 7 -33.06 36.63 -5.20
CA LEU C 7 -32.19 35.62 -4.59
C LEU C 7 -31.02 36.27 -3.87
N THR C 8 -30.50 37.36 -4.43
CA THR C 8 -29.41 38.07 -3.78
C THR C 8 -29.79 38.46 -2.36
N ALA C 9 -30.98 39.04 -2.19
CA ALA C 9 -31.46 39.37 -0.85
C ALA C 9 -31.63 38.12 0.00
N GLN C 10 -32.23 37.08 -0.57
CA GLN C 10 -32.42 35.84 0.17
C GLN C 10 -31.10 35.19 0.53
N ALA C 11 -30.09 35.32 -0.35
CA ALA C 11 -28.84 34.60 -0.14
C ALA C 11 -28.04 35.18 1.03
N ASN C 12 -28.10 36.49 1.25
CA ASN C 12 -27.41 37.04 2.42
C ASN C 12 -27.97 36.52 3.73
N ASP C 13 -29.23 36.06 3.74
CA ASP C 13 -29.84 35.53 4.95
C ASP C 13 -29.49 34.08 5.23
N LEU C 14 -28.69 33.42 4.40
CA LEU C 14 -28.48 31.99 4.54
C LEU C 14 -27.49 31.68 5.66
N ARG C 15 -27.86 30.75 6.52
CA ARG C 15 -27.03 30.19 7.59
C ARG C 15 -27.07 28.67 7.36
N ILE C 16 -26.07 28.16 6.65
CA ILE C 16 -26.09 26.82 6.06
C ILE C 16 -25.33 25.85 6.98
N TYR C 17 -25.93 24.69 7.25
CA TYR C 17 -25.30 23.60 8.00
C TYR C 17 -24.87 22.50 7.03
N GLN C 18 -23.58 22.21 6.94
CA GLN C 18 -23.08 21.21 5.99
C GLN C 18 -22.96 19.84 6.66
N VAL C 19 -23.47 18.80 6.00
CA VAL C 19 -23.29 17.41 6.44
C VAL C 19 -22.61 16.61 5.34
N MET C 20 -21.57 15.85 5.73
CA MET C 20 -21.03 14.76 4.93
C MET C 20 -21.88 13.52 5.19
N VAL C 21 -22.67 13.11 4.21
CA VAL C 21 -23.72 12.12 4.47
C VAL C 21 -23.15 10.86 5.10
N GLU C 22 -22.09 10.30 4.51
CA GLU C 22 -21.62 8.98 4.94
C GLU C 22 -21.12 8.99 6.38
N SER C 23 -20.53 10.10 6.82
CA SER C 23 -19.95 10.17 8.16
C SER C 23 -20.86 10.85 9.17
N PHE C 24 -22.07 11.26 8.77
CA PHE C 24 -22.92 12.03 9.68
C PHE C 24 -23.63 11.10 10.66
N VAL C 25 -24.87 10.70 10.37
CA VAL C 25 -25.68 9.96 11.33
C VAL C 25 -26.23 8.70 10.68
N ASN C 26 -25.88 7.54 11.25
CA ASN C 26 -26.36 6.22 10.85
C ASN C 26 -27.77 6.06 11.40
N GLY C 27 -28.76 6.56 10.65
CA GLY C 27 -30.13 6.50 11.09
C GLY C 27 -30.79 5.16 10.90
N ASP C 28 -30.29 4.36 9.96
CA ASP C 28 -30.86 3.06 9.63
C ASP C 28 -29.70 2.06 9.55
N ASP C 29 -29.47 1.30 10.62
CA ASP C 29 -28.30 0.43 10.67
C ASP C 29 -28.34 -0.67 9.62
N ALA C 30 -29.45 -0.83 8.89
CA ALA C 30 -29.55 -1.88 7.88
C ALA C 30 -28.86 -1.49 6.58
N ILE C 31 -28.56 -0.21 6.38
CA ILE C 31 -27.90 0.24 5.16
C ILE C 31 -26.69 1.09 5.52
N GLY C 32 -25.82 1.27 4.56
CA GLY C 32 -24.64 2.09 4.74
C GLY C 32 -23.49 1.55 3.92
N HIS C 33 -22.59 2.44 3.53
CA HIS C 33 -21.42 2.02 2.76
C HIS C 33 -20.51 1.12 3.58
N GLY C 34 -20.34 1.44 4.87
CA GLY C 34 -19.51 0.67 5.75
C GLY C 34 -18.02 0.79 5.54
N THR C 35 -17.59 1.54 4.52
CA THR C 35 -16.18 1.88 4.31
C THR C 35 -16.17 3.27 3.71
N GLY C 36 -14.98 3.89 3.65
CA GLY C 36 -14.89 5.22 3.07
C GLY C 36 -13.57 5.85 3.45
N TYR C 37 -13.51 7.18 3.31
CA TYR C 37 -12.30 7.93 3.62
C TYR C 37 -12.56 8.75 4.87
N GLY C 38 -12.02 8.30 6.00
CA GLY C 38 -12.25 8.95 7.28
C GLY C 38 -12.43 7.91 8.36
N THR C 39 -12.56 8.34 9.62
CA THR C 39 -12.63 7.44 10.76
C THR C 39 -14.06 7.16 11.22
N SER C 40 -15.06 7.65 10.49
CA SER C 40 -16.44 7.51 10.95
C SER C 40 -16.96 6.08 10.78
N HIS C 41 -18.22 5.90 11.14
CA HIS C 41 -18.90 4.63 10.97
C HIS C 41 -19.16 4.29 9.50
N HIS C 42 -19.07 5.28 8.61
CA HIS C 42 -19.31 5.09 7.17
C HIS C 42 -20.70 4.54 6.88
N LYS C 43 -21.64 4.70 7.81
CA LYS C 43 -23.00 4.22 7.61
C LYS C 43 -24.03 5.35 7.67
N GLY C 44 -23.60 6.61 7.65
CA GLY C 44 -24.55 7.71 7.61
C GLY C 44 -25.50 7.60 6.42
N ASP C 45 -26.73 8.07 6.61
CA ASP C 45 -27.77 7.85 5.61
C ASP C 45 -28.79 8.98 5.68
N LEU C 46 -29.78 8.92 4.78
CA LEU C 46 -30.79 9.99 4.75
C LEU C 46 -31.66 9.95 5.99
N GLN C 47 -31.93 8.75 6.52
CA GLN C 47 -32.69 8.65 7.76
C GLN C 47 -32.02 9.42 8.89
N GLY C 48 -30.69 9.33 8.96
CA GLY C 48 -29.98 10.02 10.02
C GLY C 48 -30.09 11.54 9.93
N ILE C 49 -30.05 12.06 8.70
CA ILE C 49 -30.22 13.50 8.52
C ILE C 49 -31.65 13.91 8.85
N ILE C 50 -32.62 13.10 8.44
CA ILE C 50 -34.01 13.36 8.80
C ILE C 50 -34.16 13.44 10.31
N ASP C 51 -33.55 12.48 11.02
CA ASP C 51 -33.57 12.46 12.48
C ASP C 51 -32.87 13.66 13.11
N SER C 52 -32.02 14.36 12.36
CA SER C 52 -31.24 15.46 12.91
C SER C 52 -31.79 16.84 12.56
N LEU C 53 -32.91 16.91 11.82
CA LEU C 53 -33.39 18.20 11.34
C LEU C 53 -33.81 19.12 12.49
N ASP C 54 -34.46 18.57 13.52
CA ASP C 54 -34.87 19.42 14.64
C ASP C 54 -33.67 20.01 15.35
N TYR C 55 -32.61 19.21 15.50
CA TYR C 55 -31.39 19.71 16.11
C TYR C 55 -30.82 20.87 15.30
N ILE C 56 -30.75 20.70 13.98
CA ILE C 56 -30.13 21.69 13.13
C ILE C 56 -30.89 23.01 13.18
N GLU C 57 -32.22 22.91 13.08
CA GLU C 57 -33.05 24.11 13.19
C GLU C 57 -32.85 24.79 14.54
N SER C 58 -32.57 24.00 15.58
CA SER C 58 -32.46 24.54 16.93
C SER C 58 -31.18 25.35 17.11
N LEU C 59 -30.14 25.05 16.31
CA LEU C 59 -28.94 25.87 16.22
C LEU C 59 -29.21 27.26 15.64
N GLY C 60 -30.39 27.50 15.07
CA GLY C 60 -30.65 28.73 14.36
C GLY C 60 -30.23 28.71 12.91
N MET C 61 -29.80 27.57 12.39
CA MET C 61 -29.55 27.44 10.97
C MET C 61 -30.86 27.52 10.21
N ASN C 62 -30.78 27.96 8.95
CA ASN C 62 -31.97 27.96 8.08
C ASN C 62 -31.74 27.24 6.76
N ALA C 63 -30.66 26.46 6.65
CA ALA C 63 -30.44 25.67 5.45
C ALA C 63 -29.50 24.53 5.79
N ILE C 64 -29.60 23.46 5.00
CA ILE C 64 -28.68 22.33 5.08
C ILE C 64 -28.11 22.11 3.69
N TRP C 65 -26.81 21.81 3.65
CA TRP C 65 -26.15 21.38 2.42
C TRP C 65 -25.69 19.93 2.64
N LEU C 66 -26.19 19.03 1.81
CA LEU C 66 -25.83 17.62 1.81
C LEU C 66 -24.82 17.37 0.70
N THR C 67 -23.73 16.66 1.03
CA THR C 67 -22.77 16.20 0.03
C THR C 67 -23.51 15.25 -0.91
N PRO C 68 -22.94 14.84 -2.06
CA PRO C 68 -23.77 14.19 -3.09
C PRO C 68 -24.40 12.90 -2.61
N ILE C 69 -25.68 12.70 -2.93
CA ILE C 69 -26.41 11.51 -2.52
C ILE C 69 -26.78 10.63 -3.71
N PHE C 70 -26.20 10.89 -4.88
CA PHE C 70 -26.60 10.19 -6.09
C PHE C 70 -25.92 8.82 -6.16
N ASP C 71 -26.43 7.97 -7.06
CA ASP C 71 -26.09 6.55 -7.04
C ASP C 71 -24.71 6.32 -7.65
N SER C 72 -23.73 6.01 -6.80
CA SER C 72 -22.41 5.60 -7.29
C SER C 72 -22.43 4.07 -7.38
N ILE C 73 -22.57 3.55 -8.59
CA ILE C 73 -22.83 2.13 -8.78
C ILE C 73 -21.53 1.34 -8.76
N PRO C 74 -21.39 0.34 -7.88
CA PRO C 74 -20.17 -0.48 -7.86
C PRO C 74 -20.03 -1.30 -9.13
N VAL C 75 -18.80 -1.39 -9.62
CA VAL C 75 -18.45 -2.18 -10.79
C VAL C 75 -17.86 -3.50 -10.30
N GLU C 76 -18.28 -4.61 -10.90
CA GLU C 76 -17.81 -5.90 -10.44
C GLU C 76 -16.29 -5.96 -10.51
N GLY C 77 -15.67 -6.41 -9.42
CA GLY C 77 -14.23 -6.50 -9.33
C GLY C 77 -13.52 -5.23 -8.90
N GLN C 78 -14.23 -4.12 -8.66
CA GLN C 78 -13.55 -2.87 -8.35
C GLN C 78 -12.82 -3.00 -7.01
N ASP C 79 -11.76 -2.20 -6.85
CA ASP C 79 -10.92 -2.31 -5.66
C ASP C 79 -11.53 -1.55 -4.49
N HIS C 80 -10.89 -1.69 -3.32
CA HIS C 80 -11.41 -1.05 -2.12
C HIS C 80 -11.36 0.46 -2.21
N TRP C 81 -10.41 1.01 -2.97
CA TRP C 81 -10.40 2.45 -3.17
C TRP C 81 -11.70 2.92 -3.82
N ALA C 82 -12.20 2.18 -4.81
CA ALA C 82 -13.45 2.53 -5.46
C ALA C 82 -14.64 2.38 -4.51
N ASP C 83 -14.62 1.36 -3.64
CA ASP C 83 -15.65 1.26 -2.60
C ASP C 83 -15.65 2.49 -1.71
N ARG C 84 -14.46 2.95 -1.31
CA ARG C 84 -14.38 4.12 -0.45
C ARG C 84 -14.84 5.36 -1.18
N LEU C 85 -14.50 5.48 -2.46
CA LEU C 85 -14.86 6.67 -3.22
C LEU C 85 -16.36 6.73 -3.50
N ASP C 86 -17.00 5.55 -3.71
CA ASP C 86 -18.45 5.50 -3.81
C ASP C 86 -19.12 6.09 -2.58
N ALA C 87 -18.53 5.86 -1.39
CA ALA C 87 -19.09 6.42 -0.16
C ALA C 87 -19.00 7.95 -0.12
N THR C 88 -18.09 8.57 -0.87
CA THR C 88 -18.01 10.03 -0.78
C THR C 88 -19.14 10.70 -1.56
N GLY C 89 -19.68 10.03 -2.58
CA GLY C 89 -20.63 10.63 -3.49
C GLY C 89 -20.03 11.43 -4.63
N TYR C 90 -18.73 11.74 -4.58
CA TYR C 90 -18.18 12.74 -5.51
C TYR C 90 -17.86 12.20 -6.90
N PHE C 91 -17.90 10.88 -7.12
CA PHE C 91 -17.69 10.29 -8.44
C PHE C 91 -18.86 9.34 -8.66
N THR C 92 -19.97 9.90 -9.12
CA THR C 92 -21.24 9.18 -9.15
C THR C 92 -21.46 8.53 -10.52
N SER C 93 -22.49 7.69 -10.59
CA SER C 93 -22.86 6.99 -11.81
C SER C 93 -24.20 7.44 -12.35
N ASN C 94 -25.23 7.46 -11.51
CA ASN C 94 -26.56 7.86 -11.94
C ASN C 94 -26.93 9.14 -11.18
N TYR C 95 -26.77 10.30 -11.83
CA TYR C 95 -27.16 11.57 -11.21
C TYR C 95 -28.65 11.67 -10.91
N PHE C 96 -29.46 10.74 -11.40
CA PHE C 96 -30.91 10.86 -11.31
C PHE C 96 -31.53 9.86 -10.34
N ALA C 97 -30.71 9.19 -9.53
CA ALA C 97 -31.22 8.26 -8.54
C ALA C 97 -30.44 8.45 -7.24
N VAL C 98 -31.06 8.03 -6.15
CA VAL C 98 -30.45 8.09 -4.83
C VAL C 98 -29.62 6.83 -4.63
N ASP C 99 -28.43 6.99 -4.07
CA ASP C 99 -27.60 5.83 -3.76
C ASP C 99 -28.30 4.96 -2.72
N PRO C 100 -28.49 3.67 -2.97
CA PRO C 100 -29.20 2.83 -2.00
C PRO C 100 -28.51 2.73 -0.66
N ARG C 101 -27.19 2.98 -0.58
CA ARG C 101 -26.55 2.96 0.73
C ARG C 101 -26.95 4.16 1.58
N PHE C 102 -27.53 5.20 0.98
CA PHE C 102 -28.04 6.36 1.70
C PHE C 102 -29.54 6.31 1.93
N GLY C 103 -30.31 5.84 0.95
CA GLY C 103 -31.75 5.73 1.08
C GLY C 103 -32.39 5.58 -0.29
N THR C 104 -33.69 5.81 -0.32
CA THR C 104 -34.50 5.72 -1.53
C THR C 104 -34.91 7.12 -2.00
N MET C 105 -35.47 7.16 -3.21
CA MET C 105 -36.02 8.42 -3.73
C MET C 105 -37.12 8.94 -2.82
N GLU C 106 -37.95 8.05 -2.28
CA GLU C 106 -39.02 8.46 -1.36
C GLU C 106 -38.46 9.14 -0.12
N GLN C 107 -37.31 8.66 0.38
CA GLN C 107 -36.75 9.26 1.58
C GLN C 107 -36.10 10.61 1.29
N ALA C 108 -35.43 10.74 0.13
CA ALA C 108 -34.92 12.06 -0.25
C ALA C 108 -36.06 13.06 -0.32
N LYS C 109 -37.18 12.67 -0.95
CA LYS C 109 -38.35 13.54 -0.97
C LYS C 109 -38.86 13.83 0.44
N GLU C 110 -38.92 12.80 1.28
CA GLU C 110 -39.31 12.99 2.68
C GLU C 110 -38.37 13.96 3.39
N LEU C 111 -37.07 13.81 3.15
CA LEU C 111 -36.09 14.69 3.78
C LEU C 111 -36.35 16.16 3.41
N VAL C 112 -36.56 16.43 2.13
CA VAL C 112 -36.74 17.81 1.69
C VAL C 112 -38.04 18.38 2.21
N GLU C 113 -39.13 17.61 2.14
CA GLU C 113 -40.42 18.09 2.63
C GLU C 113 -40.36 18.36 4.13
N LYS C 114 -39.71 17.48 4.91
CA LYS C 114 -39.61 17.71 6.34
C LYS C 114 -38.71 18.90 6.64
N ALA C 115 -37.60 19.03 5.92
CA ALA C 115 -36.73 20.18 6.11
C ALA C 115 -37.49 21.47 5.87
N HIS C 116 -38.21 21.54 4.75
CA HIS C 116 -39.00 22.73 4.42
C HIS C 116 -40.04 23.02 5.49
N GLU C 117 -40.72 21.98 5.97
CA GLU C 117 -41.71 22.13 7.03
C GLU C 117 -41.11 22.80 8.25
N LYS C 118 -39.85 22.51 8.57
CA LYS C 118 -39.20 23.07 9.73
C LYS C 118 -38.52 24.40 9.46
N GLY C 119 -38.57 24.91 8.23
CA GLY C 119 -37.96 26.20 7.90
C GLY C 119 -36.52 26.13 7.41
N LEU C 120 -36.09 25.01 6.87
CA LEU C 120 -34.73 24.83 6.34
C LEU C 120 -34.77 24.73 4.82
N TYR C 121 -33.98 25.56 4.15
CA TYR C 121 -33.68 25.32 2.74
C TYR C 121 -32.80 24.08 2.60
N VAL C 122 -32.82 23.49 1.41
CA VAL C 122 -32.04 22.27 1.16
C VAL C 122 -31.21 22.49 -0.09
N PHE C 123 -29.90 22.31 0.04
CA PHE C 123 -28.99 22.41 -1.09
C PHE C 123 -28.36 21.04 -1.33
N PHE C 124 -28.33 20.62 -2.58
CA PHE C 124 -27.65 19.40 -2.97
C PHE C 124 -26.26 19.77 -3.50
N ASP C 125 -25.44 18.75 -3.74
CA ASP C 125 -24.03 18.92 -4.09
C ASP C 125 -23.84 18.44 -5.54
N GLY C 126 -23.55 19.36 -6.44
CA GLY C 126 -23.53 19.04 -7.84
C GLY C 126 -22.12 18.97 -8.40
N VAL C 127 -21.73 17.79 -8.88
CA VAL C 127 -20.40 17.57 -9.42
C VAL C 127 -20.56 17.53 -10.94
N PHE C 128 -20.39 18.68 -11.58
CA PHE C 128 -20.72 18.84 -12.99
C PHE C 128 -19.49 18.85 -13.89
N GLY C 129 -18.33 18.53 -13.31
CA GLY C 129 -17.08 18.46 -14.06
C GLY C 129 -16.50 17.07 -14.16
N HIS C 130 -16.99 16.10 -13.38
CA HIS C 130 -16.45 14.74 -13.43
C HIS C 130 -17.46 13.76 -12.84
N HIS C 131 -17.21 12.46 -13.08
CA HIS C 131 -18.14 11.40 -12.72
C HIS C 131 -17.40 10.06 -12.82
N LYS C 132 -18.07 9.02 -12.34
CA LYS C 132 -17.50 7.67 -12.41
C LYS C 132 -17.60 7.15 -13.84
N ASP C 133 -16.65 6.27 -14.20
CA ASP C 133 -16.59 5.78 -15.57
C ASP C 133 -17.88 5.10 -16.02
N ASN C 134 -18.67 4.56 -15.11
CA ASN C 134 -19.88 3.82 -15.49
C ASN C 134 -21.13 4.71 -15.45
N VAL C 135 -21.01 5.99 -15.83
CA VAL C 135 -22.14 6.91 -15.80
C VAL C 135 -23.26 6.39 -16.69
N VAL C 136 -24.50 6.54 -16.23
CA VAL C 136 -25.64 6.02 -16.99
C VAL C 136 -26.39 7.17 -17.65
N PRO C 137 -27.11 6.90 -18.74
CA PRO C 137 -27.84 7.99 -19.42
C PRO C 137 -28.97 8.53 -18.56
N SER C 138 -29.26 9.81 -18.77
CA SER C 138 -30.33 10.53 -18.11
C SER C 138 -31.70 10.00 -18.53
N PRO C 139 -32.76 10.37 -17.82
CA PRO C 139 -34.12 10.01 -18.26
C PRO C 139 -34.43 10.44 -19.69
N GLU C 140 -33.76 11.46 -20.20
CA GLU C 140 -34.02 11.92 -21.55
C GLU C 140 -32.98 11.43 -22.55
N GLY C 141 -32.17 10.44 -22.16
CA GLY C 141 -31.26 9.80 -23.08
C GLY C 141 -29.94 10.51 -23.28
N ARG C 142 -29.57 11.43 -22.40
CA ARG C 142 -28.37 12.21 -22.55
C ARG C 142 -27.23 11.61 -21.73
N LEU C 143 -26.01 11.88 -22.16
CA LEU C 143 -24.81 11.50 -21.44
C LEU C 143 -23.86 12.68 -21.47
N PRO C 144 -22.94 12.78 -20.52
CA PRO C 144 -21.83 13.73 -20.66
C PRO C 144 -20.90 13.26 -21.75
N VAL C 145 -19.99 14.14 -22.16
CA VAL C 145 -19.12 13.89 -23.30
C VAL C 145 -17.69 14.18 -22.91
N GLY C 146 -16.78 13.30 -23.33
CA GLY C 146 -15.36 13.48 -23.13
C GLY C 146 -14.79 12.53 -22.11
N GLU C 147 -13.70 12.94 -21.46
CA GLU C 147 -13.12 12.15 -20.40
C GLU C 147 -14.07 12.10 -19.21
N ASN C 148 -13.76 11.18 -18.27
CA ASN C 148 -14.53 11.11 -17.04
C ASN C 148 -14.19 12.29 -16.12
N ASN C 149 -12.99 12.87 -16.26
CA ASN C 149 -12.52 13.94 -15.39
C ASN C 149 -11.33 14.70 -15.99
N PRO C 150 -11.57 15.92 -16.50
CA PRO C 150 -12.88 16.59 -16.55
C PRO C 150 -13.64 16.29 -17.83
N VAL C 151 -14.97 16.44 -17.79
CA VAL C 151 -15.79 16.30 -19.00
C VAL C 151 -15.52 17.50 -19.91
N SER C 152 -16.04 17.43 -21.12
CA SER C 152 -15.86 18.48 -22.11
C SER C 152 -17.12 19.33 -22.17
N TYR C 153 -16.94 20.65 -22.17
CA TYR C 153 -18.03 21.59 -22.44
C TYR C 153 -17.73 22.30 -23.75
N PRO C 154 -18.78 22.71 -24.49
CA PRO C 154 -20.22 22.63 -24.22
C PRO C 154 -20.87 21.26 -24.50
N GLU C 155 -20.09 20.27 -24.91
CA GLU C 155 -20.67 18.97 -25.24
C GLU C 155 -21.46 18.38 -24.08
N SER C 156 -21.00 18.61 -22.84
CA SER C 156 -21.71 18.04 -21.69
C SER C 156 -22.80 18.95 -21.12
N LEU C 157 -23.03 20.13 -21.71
CA LEU C 157 -23.91 21.10 -21.08
C LEU C 157 -25.36 20.61 -21.02
N ALA C 158 -25.87 20.00 -22.09
CA ALA C 158 -27.26 19.56 -22.05
C ALA C 158 -27.48 18.51 -20.96
N PHE C 159 -26.51 17.61 -20.77
CA PHE C 159 -26.63 16.62 -19.70
C PHE C 159 -26.71 17.28 -18.34
N TYR C 160 -25.78 18.20 -18.03
CA TYR C 160 -25.73 18.76 -16.69
C TYR C 160 -26.83 19.79 -16.45
N GLN C 161 -27.33 20.45 -17.50
CA GLN C 161 -28.58 21.21 -17.33
C GLN C 161 -29.70 20.27 -16.90
N GLU C 162 -29.77 19.08 -17.48
CA GLU C 162 -30.81 18.15 -17.08
C GLU C 162 -30.66 17.72 -15.63
N VAL C 163 -29.41 17.46 -15.20
CA VAL C 163 -29.15 17.15 -13.80
C VAL C 163 -29.58 18.31 -12.92
N ALA C 164 -29.13 19.52 -13.25
CA ALA C 164 -29.34 20.65 -12.34
C ALA C 164 -30.82 20.92 -12.14
N THR C 165 -31.62 20.80 -13.22
CA THR C 165 -33.04 21.12 -13.13
C THR C 165 -33.86 19.94 -12.59
N PHE C 166 -33.38 18.71 -12.76
CA PHE C 166 -34.17 17.54 -12.39
C PHE C 166 -34.51 17.56 -10.90
N TRP C 167 -33.50 17.74 -10.04
CA TRP C 167 -33.78 17.66 -8.61
C TRP C 167 -34.60 18.85 -8.14
N ILE C 168 -34.46 20.01 -8.77
CA ILE C 168 -35.32 21.15 -8.44
C ILE C 168 -36.78 20.84 -8.80
N GLU C 169 -37.00 20.38 -10.03
CA GLU C 169 -38.38 20.12 -10.45
C GLU C 169 -38.97 18.93 -9.70
N GLU C 170 -38.17 17.91 -9.40
CA GLU C 170 -38.71 16.70 -8.77
C GLU C 170 -38.82 16.81 -7.25
N LEU C 171 -37.81 17.35 -6.58
CA LEU C 171 -37.79 17.38 -5.12
C LEU C 171 -37.94 18.78 -4.53
N LYS C 172 -37.91 19.82 -5.36
CA LYS C 172 -38.04 21.20 -4.90
C LYS C 172 -36.86 21.61 -4.04
N ILE C 173 -35.66 21.08 -4.31
CA ILE C 173 -34.48 21.58 -3.61
C ILE C 173 -34.22 23.04 -3.96
N ASP C 174 -33.53 23.74 -3.06
CA ASP C 174 -33.37 25.18 -3.11
C ASP C 174 -32.08 25.60 -3.81
N GLY C 175 -31.27 24.67 -4.26
CA GLY C 175 -30.08 25.05 -4.99
C GLY C 175 -28.98 24.01 -4.86
N TRP C 176 -27.80 24.42 -5.32
CA TRP C 176 -26.68 23.53 -5.55
C TRP C 176 -25.41 24.15 -5.01
N ARG C 177 -24.63 23.35 -4.29
CA ARG C 177 -23.23 23.64 -4.08
C ARG C 177 -22.47 22.97 -5.23
N LEU C 178 -21.54 23.71 -5.85
CA LEU C 178 -20.90 23.24 -7.07
C LEU C 178 -19.45 22.82 -6.78
N ASP C 179 -19.19 21.52 -6.87
CA ASP C 179 -17.86 20.97 -6.63
C ASP C 179 -16.89 21.38 -7.73
N GLN C 180 -15.66 21.75 -7.32
CA GLN C 180 -14.55 22.05 -8.24
C GLN C 180 -14.99 22.84 -9.46
N ALA C 181 -15.57 24.00 -9.18
CA ALA C 181 -16.40 24.68 -10.17
C ALA C 181 -15.59 25.18 -11.37
N TYR C 182 -14.29 25.43 -11.21
CA TYR C 182 -13.45 25.87 -12.32
C TYR C 182 -13.29 24.81 -13.41
N GLN C 183 -13.71 23.56 -13.18
CA GLN C 183 -13.72 22.58 -14.26
C GLN C 183 -14.77 22.88 -15.33
N VAL C 184 -15.78 23.66 -14.98
CA VAL C 184 -16.88 24.02 -15.88
C VAL C 184 -16.68 25.46 -16.31
N PRO C 185 -16.63 25.75 -17.62
CA PRO C 185 -16.32 27.11 -18.07
C PRO C 185 -17.40 28.10 -17.69
N THR C 186 -17.02 29.37 -17.62
CA THR C 186 -17.94 30.40 -17.16
C THR C 186 -19.18 30.50 -18.04
N GLU C 187 -19.00 30.37 -19.36
CA GLU C 187 -20.17 30.42 -20.25
C GLU C 187 -21.13 29.29 -19.96
N ALA C 188 -20.62 28.12 -19.57
CA ALA C 188 -21.51 27.04 -19.16
C ALA C 188 -22.22 27.37 -17.86
N TRP C 189 -21.51 27.98 -16.89
CA TRP C 189 -22.18 28.30 -15.63
C TRP C 189 -23.30 29.31 -15.82
N THR C 190 -23.09 30.32 -16.68
CA THR C 190 -24.18 31.25 -16.97
C THR C 190 -25.42 30.51 -17.45
N ALA C 191 -25.24 29.55 -18.36
CA ALA C 191 -26.37 28.80 -18.91
C ALA C 191 -26.97 27.87 -17.87
N ILE C 192 -26.12 27.15 -17.12
CA ILE C 192 -26.65 26.31 -16.05
C ILE C 192 -27.44 27.15 -15.04
N ARG C 193 -26.90 28.32 -14.67
CA ARG C 193 -27.62 29.19 -13.72
C ARG C 193 -28.97 29.63 -14.28
N ALA C 194 -29.02 29.94 -15.58
CA ALA C 194 -30.31 30.30 -16.18
C ALA C 194 -31.30 29.14 -16.12
N SER C 195 -30.81 27.91 -16.33
CA SER C 195 -31.65 26.71 -16.20
C SER C 195 -32.16 26.55 -14.78
N VAL C 196 -31.28 26.75 -13.80
CA VAL C 196 -31.68 26.63 -12.40
C VAL C 196 -32.71 27.70 -12.03
N ASP C 197 -32.49 28.95 -12.47
CA ASP C 197 -33.45 30.01 -12.16
C ASP C 197 -34.80 29.72 -12.78
N GLU C 198 -34.81 29.32 -14.06
CA GLU C 198 -36.06 29.00 -14.73
C GLU C 198 -36.78 27.86 -14.02
N ALA C 199 -36.07 26.76 -13.72
CA ALA C 199 -36.70 25.62 -13.07
C ALA C 199 -37.19 25.98 -11.66
N SER C 200 -36.46 26.85 -10.97
CA SER C 200 -36.88 27.21 -9.62
C SER C 200 -38.14 28.07 -9.67
N LYS C 201 -38.19 29.03 -10.59
CA LYS C 201 -39.38 29.87 -10.73
C LYS C 201 -40.57 29.09 -11.27
N SER C 202 -40.34 27.88 -11.78
CA SER C 202 -41.40 27.10 -12.40
C SER C 202 -42.11 26.17 -11.43
N VAL C 203 -41.64 26.05 -10.17
CA VAL C 203 -42.27 25.16 -9.20
C VAL C 203 -42.36 25.88 -7.85
N THR C 204 -43.21 25.34 -6.97
CA THR C 204 -43.39 25.90 -5.63
C THR C 204 -43.50 24.80 -4.60
N TYR C 205 -43.17 25.16 -3.35
CA TYR C 205 -43.51 24.37 -2.18
C TYR C 205 -44.04 25.31 -1.09
N VAL C 206 -44.71 24.72 -0.12
CA VAL C 206 -45.23 25.47 1.02
C VAL C 206 -44.16 25.54 2.10
N ASN C 207 -43.80 26.75 2.50
CA ASN C 207 -42.75 26.93 3.49
C ASN C 207 -43.32 26.70 4.89
N SER C 208 -42.46 26.87 5.90
CA SER C 208 -42.81 26.65 7.30
C SER C 208 -43.83 27.63 7.83
N LYS C 209 -44.31 28.56 7.02
CA LYS C 209 -45.30 29.53 7.44
C LYS C 209 -46.50 29.54 6.50
N GLY C 210 -46.76 28.41 5.83
CA GLY C 210 -47.96 28.22 5.06
C GLY C 210 -47.91 28.71 3.63
N GLU C 211 -46.97 29.59 3.28
CA GLU C 211 -46.95 30.25 1.98
C GLU C 211 -46.24 29.40 0.94
N ALA C 212 -46.83 29.34 -0.26
CA ALA C 212 -46.21 28.69 -1.40
C ALA C 212 -45.11 29.59 -1.97
N VAL C 213 -43.87 29.09 -1.99
CA VAL C 213 -42.71 29.86 -2.43
C VAL C 213 -41.99 29.09 -3.52
N ASN C 214 -41.23 29.82 -4.35
CA ASN C 214 -40.36 29.08 -5.26
C ASN C 214 -39.08 28.66 -4.54
N PRO C 215 -38.46 27.56 -4.97
CA PRO C 215 -37.12 27.25 -4.49
C PRO C 215 -36.19 28.41 -4.79
N LEU C 216 -35.17 28.58 -3.92
CA LEU C 216 -34.30 29.74 -4.05
C LEU C 216 -33.56 29.77 -5.39
N GLY C 217 -33.08 28.61 -5.86
CA GLY C 217 -32.15 28.59 -6.96
C GLY C 217 -30.75 29.07 -6.60
N TYR C 218 -30.36 28.96 -5.34
CA TYR C 218 -29.04 29.42 -4.90
C TYR C 218 -27.96 28.50 -5.46
N MET C 219 -26.87 29.08 -5.93
CA MET C 219 -25.73 28.28 -6.39
C MET C 219 -24.46 28.84 -5.81
N VAL C 220 -23.67 27.99 -5.17
CA VAL C 220 -22.42 28.43 -4.56
C VAL C 220 -21.29 27.55 -5.10
N ALA C 221 -20.27 28.19 -5.67
CA ALA C 221 -19.15 27.48 -6.27
C ALA C 221 -18.08 27.17 -5.24
N GLU C 222 -17.50 25.98 -5.32
CA GLU C 222 -16.28 25.64 -4.58
C GLU C 222 -15.11 25.88 -5.51
N ILE C 223 -14.34 26.94 -5.24
CA ILE C 223 -13.12 27.25 -5.98
C ILE C 223 -12.03 27.47 -4.94
N TRP C 224 -11.18 26.46 -4.73
CA TRP C 224 -10.19 26.46 -3.65
C TRP C 224 -8.95 27.17 -4.17
N ASN C 225 -9.02 28.50 -4.16
CA ASN C 225 -7.96 29.33 -4.72
C ASN C 225 -8.16 30.74 -4.16
N ASN C 226 -7.31 31.66 -4.59
CA ASN C 226 -7.37 33.02 -4.07
C ASN C 226 -8.32 33.87 -4.91
N GLU C 227 -8.48 35.14 -4.50
CA GLU C 227 -9.55 35.98 -5.05
C GLU C 227 -9.49 36.08 -6.56
N ASN C 228 -8.29 36.23 -7.12
CA ASN C 228 -8.22 36.43 -8.56
C ASN C 228 -8.66 35.20 -9.33
N TYR C 229 -8.46 34.00 -8.76
CA TYR C 229 -8.91 32.78 -9.43
C TYR C 229 -10.41 32.56 -9.25
N ILE C 230 -10.96 32.99 -8.12
CA ILE C 230 -12.39 32.86 -7.89
C ILE C 230 -13.18 33.80 -8.82
N LYS C 231 -12.67 35.00 -9.07
CA LYS C 231 -13.38 35.84 -10.04
C LYS C 231 -13.18 35.31 -11.47
N GLU C 232 -11.98 34.83 -11.81
CA GLU C 232 -11.71 34.41 -13.17
C GLU C 232 -12.56 33.18 -13.56
N THR C 233 -12.66 32.20 -12.66
CA THR C 233 -13.35 30.95 -12.95
C THR C 233 -14.71 30.81 -12.27
N GLY C 234 -15.09 31.74 -11.39
CA GLY C 234 -16.35 31.58 -10.71
C GLY C 234 -17.32 32.72 -10.88
N TYR C 235 -16.94 33.92 -10.47
CA TYR C 235 -17.87 35.04 -10.56
C TYR C 235 -18.02 35.55 -11.98
N GLY C 236 -16.95 35.50 -12.76
CA GLY C 236 -16.96 36.07 -14.10
C GLY C 236 -16.83 37.58 -14.05
N ALA C 237 -16.75 38.17 -15.24
CA ALA C 237 -16.57 39.61 -15.37
C ALA C 237 -17.79 40.38 -14.87
N GLU C 238 -17.53 41.59 -14.36
CA GLU C 238 -18.59 42.57 -14.21
C GLU C 238 -19.38 42.66 -15.50
N GLY C 239 -20.70 42.61 -15.39
CA GLY C 239 -21.54 42.70 -16.57
C GLY C 239 -21.73 41.40 -17.33
N GLU C 240 -20.93 40.38 -17.05
CA GLU C 240 -21.12 39.04 -17.63
C GLU C 240 -21.04 37.98 -16.54
N PRO C 241 -21.96 38.02 -15.57
CA PRO C 241 -21.84 37.12 -14.42
C PRO C 241 -21.95 35.66 -14.82
N ALA C 242 -21.06 34.85 -14.25
CA ALA C 242 -21.11 33.40 -14.42
C ALA C 242 -21.89 32.81 -13.25
N LEU C 243 -21.30 32.82 -12.07
CA LEU C 243 -22.00 32.44 -10.86
C LEU C 243 -22.05 33.66 -9.93
N CYS C 244 -22.98 33.61 -8.97
CA CYS C 244 -23.21 34.73 -8.07
C CYS C 244 -22.63 34.54 -6.68
N SER C 245 -22.26 33.31 -6.31
CA SER C 245 -21.74 33.04 -4.98
C SER C 245 -20.65 31.98 -5.04
N ALA C 246 -19.65 32.12 -4.16
CA ALA C 246 -18.56 31.15 -4.07
C ALA C 246 -17.97 31.20 -2.67
N PHE C 247 -17.44 30.09 -2.21
CA PHE C 247 -16.93 30.03 -0.85
C PHE C 247 -15.75 30.97 -0.68
N ASP C 248 -15.71 31.63 0.48
CA ASP C 248 -14.65 32.57 0.78
C ASP C 248 -13.47 31.82 1.40
N PHE C 249 -12.80 31.05 0.54
CA PHE C 249 -11.57 30.42 1.00
C PHE C 249 -10.53 31.42 1.50
N PRO C 250 -10.27 32.56 0.83
CA PRO C 250 -9.28 33.50 1.37
C PRO C 250 -9.58 33.95 2.80
N VAL C 251 -10.83 34.31 3.10
CA VAL C 251 -11.11 34.78 4.44
C VAL C 251 -11.16 33.62 5.42
N ARG C 252 -11.57 32.43 4.98
CA ARG C 252 -11.47 31.27 5.87
C ARG C 252 -10.05 31.12 6.38
N TYR C 253 -9.06 31.19 5.48
CA TYR C 253 -7.68 31.08 5.91
C TYR C 253 -7.31 32.20 6.89
N ARG C 254 -7.70 33.44 6.61
CA ARG C 254 -7.38 34.53 7.54
C ARG C 254 -7.94 34.26 8.93
N VAL C 255 -9.18 33.77 9.00
CA VAL C 255 -9.83 33.50 10.28
C VAL C 255 -9.08 32.41 11.05
N VAL C 256 -8.79 31.27 10.39
CA VAL C 256 -8.12 30.22 11.15
C VAL C 256 -6.69 30.63 11.47
N GLU C 257 -6.07 31.45 10.62
CA GLU C 257 -4.71 31.92 10.89
C GLU C 257 -4.67 32.97 11.99
N THR C 258 -5.81 33.61 12.29
CA THR C 258 -5.94 34.54 13.41
C THR C 258 -6.31 33.85 14.71
N PHE C 259 -7.32 32.97 14.69
CA PHE C 259 -7.79 32.38 15.94
C PHE C 259 -7.24 30.99 16.20
N ALA C 260 -6.58 30.37 15.22
CA ALA C 260 -5.89 29.10 15.41
C ALA C 260 -4.59 29.14 14.62
N ALA C 261 -4.34 28.10 13.84
CA ALA C 261 -3.36 28.12 12.76
C ALA C 261 -3.93 27.32 11.60
N ASN C 262 -3.51 27.60 10.37
CA ASN C 262 -4.00 26.81 9.23
C ASN C 262 -3.31 25.45 9.21
N GLU C 263 -3.70 24.62 8.23
CA GLU C 263 -3.20 23.23 8.17
C GLU C 263 -1.68 23.16 8.10
N ASN C 264 -1.03 24.17 7.51
CA ASN C 264 0.43 24.22 7.43
C ASN C 264 1.08 24.89 8.63
N GLY C 265 0.31 25.31 9.63
CA GLY C 265 0.87 25.91 10.83
C GLY C 265 1.06 27.40 10.82
N ILE C 266 0.59 28.12 9.80
CA ILE C 266 0.66 29.58 9.83
C ILE C 266 -0.43 30.10 10.76
N GLY C 267 -0.05 30.86 11.76
CA GLY C 267 -1.04 31.31 12.71
C GLY C 267 -0.53 32.39 13.64
N ASN C 268 -1.28 32.60 14.71
CA ASN C 268 -1.04 33.66 15.70
C ASN C 268 -1.15 35.05 15.08
N LYS C 269 -1.96 35.20 14.03
CA LYS C 269 -2.13 36.52 13.42
C LYS C 269 -3.14 37.35 14.23
N GLY C 270 -3.32 38.61 13.84
CA GLY C 270 -4.19 39.49 14.59
C GLY C 270 -5.27 40.15 13.77
N GLY C 271 -5.94 41.17 14.34
CA GLY C 271 -7.00 41.86 13.62
C GLY C 271 -6.56 42.47 12.30
N LYS C 272 -5.31 42.94 12.23
CA LYS C 272 -4.78 43.46 10.98
C LYS C 272 -4.86 42.43 9.86
N TRP C 273 -4.57 41.16 10.19
CA TRP C 273 -4.63 40.08 9.21
C TRP C 273 -6.06 39.86 8.71
N LEU C 274 -7.04 39.86 9.63
CA LEU C 274 -8.45 39.71 9.26
C LEU C 274 -8.91 40.81 8.32
N ASP C 275 -8.59 42.06 8.67
CA ASP C 275 -9.00 43.20 7.86
C ASP C 275 -8.38 43.15 6.47
N GLU C 276 -7.12 42.72 6.36
CA GLU C 276 -6.48 42.66 5.05
C GLU C 276 -7.20 41.67 4.14
N GLY C 277 -7.67 40.56 4.69
CA GLY C 277 -8.44 39.63 3.88
C GLY C 277 -9.80 40.17 3.48
N MET C 278 -10.52 40.79 4.42
CA MET C 278 -11.84 41.34 4.13
C MET C 278 -11.74 42.48 3.11
N ASN C 279 -10.67 43.25 3.18
CA ASN C 279 -10.46 44.36 2.25
C ASN C 279 -10.35 43.87 0.82
N LEU C 280 -9.83 42.66 0.62
CA LEU C 280 -9.63 42.12 -0.71
C LEU C 280 -10.94 41.75 -1.40
N HIS C 281 -12.08 41.83 -0.70
CA HIS C 281 -13.37 41.71 -1.37
C HIS C 281 -13.57 42.80 -2.43
N ARG C 282 -12.85 43.91 -2.33
CA ARG C 282 -12.94 44.95 -3.36
C ARG C 282 -12.50 44.45 -4.74
N LEU C 283 -11.80 43.31 -4.81
CA LEU C 283 -11.42 42.78 -6.13
C LEU C 283 -12.61 42.17 -6.86
N TYR C 284 -13.62 41.71 -6.13
CA TYR C 284 -14.73 40.98 -6.73
C TYR C 284 -15.65 41.92 -7.51
N PRO C 285 -16.23 41.43 -8.61
CA PRO C 285 -17.28 42.21 -9.29
C PRO C 285 -18.44 42.46 -8.36
N SER C 286 -19.29 43.44 -8.74
CA SER C 286 -20.33 43.90 -7.84
C SER C 286 -21.38 42.82 -7.55
N HIS C 287 -21.53 41.84 -8.43
CA HIS C 287 -22.55 40.84 -8.22
C HIS C 287 -22.10 39.74 -7.27
N ALA C 288 -20.83 39.70 -6.91
CA ALA C 288 -20.27 38.57 -6.17
C ALA C 288 -20.79 38.53 -4.74
N GLN C 289 -21.10 37.33 -4.26
CA GLN C 289 -21.61 37.12 -2.90
C GLN C 289 -20.81 36.02 -2.21
N PRO C 290 -19.65 36.35 -1.65
CA PRO C 290 -18.83 35.32 -1.00
C PRO C 290 -19.55 34.69 0.20
N ASN C 291 -19.29 33.40 0.40
CA ASN C 291 -19.94 32.60 1.43
C ASN C 291 -18.84 32.14 2.38
N LEU C 292 -18.83 32.63 3.62
CA LEU C 292 -17.75 32.30 4.56
C LEU C 292 -18.05 30.99 5.29
N MET C 293 -17.12 30.04 5.19
CA MET C 293 -17.08 28.91 6.09
C MET C 293 -15.79 28.98 6.91
N LEU C 294 -15.78 28.25 8.03
CA LEU C 294 -14.53 28.03 8.76
C LEU C 294 -13.90 26.69 8.40
N GLY C 295 -14.71 25.71 8.00
CA GLY C 295 -14.20 24.39 7.68
C GLY C 295 -15.16 23.72 6.72
N ASN C 296 -14.78 22.53 6.30
CA ASN C 296 -15.64 21.68 5.47
C ASN C 296 -15.07 20.26 5.54
N HIS C 297 -15.60 19.38 4.70
CA HIS C 297 -15.20 17.98 4.71
C HIS C 297 -13.81 17.76 4.11
N ASP C 298 -13.16 18.80 3.59
CA ASP C 298 -11.83 18.71 3.02
C ASP C 298 -10.77 19.36 3.90
N LEU C 299 -11.17 19.98 5.00
CA LEU C 299 -10.27 20.78 5.83
C LEU C 299 -10.19 20.14 7.21
N VAL C 300 -9.06 20.34 7.90
CA VAL C 300 -8.90 19.77 9.23
C VAL C 300 -9.84 20.50 10.18
N ARG C 301 -10.42 19.76 11.14
CA ARG C 301 -11.32 20.41 12.08
C ARG C 301 -10.62 21.54 12.84
N PHE C 302 -11.35 22.64 13.03
CA PHE C 302 -10.82 23.80 13.75
C PHE C 302 -10.18 23.39 15.07
N GLY C 303 -10.85 22.52 15.82
CA GLY C 303 -10.31 22.09 17.10
C GLY C 303 -9.03 21.29 16.96
N ASP C 304 -8.94 20.48 15.89
CA ASP C 304 -7.69 19.76 15.63
C ASP C 304 -6.59 20.71 15.17
N LEU C 305 -6.96 21.78 14.47
CA LEU C 305 -5.99 22.83 14.12
C LEU C 305 -5.42 23.48 15.36
N LEU C 306 -6.25 23.74 16.38
CA LEU C 306 -5.75 24.33 17.60
C LEU C 306 -4.71 23.42 18.26
N GLN C 307 -5.00 22.12 18.32
CA GLN C 307 -4.07 21.16 18.90
C GLN C 307 -2.81 21.00 18.06
N ARG C 308 -2.98 20.92 16.73
CA ARG C 308 -1.81 20.79 15.84
C ARG C 308 -0.80 21.89 16.08
N GLY C 309 -1.27 23.13 16.22
CA GLY C 309 -0.43 24.27 16.47
C GLY C 309 0.08 24.39 17.89
N ASN C 310 -0.28 23.46 18.77
CA ASN C 310 0.04 23.54 20.20
C ASN C 310 -0.54 24.81 20.82
N ILE C 311 -1.69 25.24 20.31
CA ILE C 311 -2.32 26.48 20.76
C ILE C 311 -3.25 26.22 21.93
N ALA C 312 -4.15 25.25 21.77
CA ALA C 312 -5.15 24.98 22.77
C ALA C 312 -5.71 23.57 22.57
N SER C 313 -6.21 23.00 23.64
CA SER C 313 -6.78 21.67 23.68
CA SER C 313 -6.78 21.67 23.69
C SER C 313 -8.09 21.73 24.45
N PRO C 314 -9.01 20.78 24.20
CA PRO C 314 -10.36 20.92 24.77
C PRO C 314 -10.42 21.04 26.28
N GLU C 315 -9.38 20.65 27.01
CA GLU C 315 -9.46 20.76 28.46
C GLU C 315 -9.11 22.16 28.95
N GLN C 316 -8.73 23.07 28.06
CA GLN C 316 -8.39 24.44 28.41
C GLN C 316 -9.48 25.40 27.95
N ALA C 317 -9.73 26.42 28.76
CA ALA C 317 -10.77 27.38 28.42
C ALA C 317 -10.47 28.08 27.09
N GLU C 318 -9.20 28.37 26.83
CA GLU C 318 -8.84 29.13 25.63
C GLU C 318 -9.27 28.41 24.35
N TYR C 319 -9.27 27.06 24.36
CA TYR C 319 -9.80 26.29 23.24
C TYR C 319 -11.20 26.74 22.88
N TRP C 320 -12.04 26.95 23.90
CA TRP C 320 -13.43 27.29 23.66
C TRP C 320 -13.59 28.76 23.32
N GLU C 321 -12.81 29.63 23.98
CA GLU C 321 -12.80 31.05 23.63
CA GLU C 321 -12.88 31.03 23.60
C GLU C 321 -12.44 31.25 22.16
N ARG C 322 -11.46 30.48 21.67
CA ARG C 322 -11.00 30.68 20.30
C ARG C 322 -12.04 30.20 19.29
N HIS C 323 -12.78 29.13 19.62
CA HIS C 323 -13.94 28.76 18.82
C HIS C 323 -14.96 29.88 18.78
N LYS C 324 -15.34 30.40 19.95
CA LYS C 324 -16.32 31.47 20.00
C LYS C 324 -15.88 32.68 19.17
N ALA C 325 -14.59 33.03 19.25
CA ALA C 325 -14.14 34.21 18.51
C ALA C 325 -14.27 33.99 17.01
N ALA C 326 -13.81 32.85 16.52
CA ALA C 326 -13.91 32.58 15.08
C ALA C 326 -15.37 32.51 14.65
N LEU C 327 -16.21 31.85 15.43
CA LEU C 327 -17.63 31.79 15.06
C LEU C 327 -18.26 33.18 15.12
N SER C 328 -17.81 34.03 16.04
CA SER C 328 -18.36 35.39 16.11
C SER C 328 -17.99 36.18 14.86
N PHE C 329 -16.77 35.99 14.33
CA PHE C 329 -16.40 36.67 13.09
C PHE C 329 -17.32 36.28 11.95
N GLN C 330 -17.64 34.99 11.87
CA GLN C 330 -18.58 34.52 10.87
C GLN C 330 -19.95 35.17 11.06
N ALA C 331 -20.36 35.35 12.32
CA ALA C 331 -21.68 35.89 12.61
C ALA C 331 -21.79 37.36 12.23
N ALA C 332 -20.66 38.05 12.10
CA ALA C 332 -20.62 39.46 11.75
C ALA C 332 -20.37 39.69 10.27
N TYR C 333 -20.19 38.61 9.51
CA TYR C 333 -19.79 38.64 8.12
C TYR C 333 -21.01 38.82 7.23
N SER C 334 -21.03 39.88 6.43
CA SER C 334 -22.14 40.09 5.49
C SER C 334 -22.10 39.04 4.37
N GLY C 335 -23.22 38.35 4.17
CA GLY C 335 -23.32 37.38 3.12
C GLY C 335 -23.66 36.01 3.66
N PRO C 336 -23.87 35.03 2.77
CA PRO C 336 -24.20 33.68 3.25
C PRO C 336 -23.04 33.11 4.06
N ILE C 337 -23.37 32.27 5.04
CA ILE C 337 -22.34 31.64 5.86
C ILE C 337 -22.67 30.17 6.02
N THR C 338 -21.62 29.37 6.18
CA THR C 338 -21.76 27.92 6.23
C THR C 338 -20.98 27.36 7.41
N LEU C 339 -21.64 26.52 8.21
CA LEU C 339 -21.00 25.86 9.35
C LEU C 339 -20.88 24.37 9.08
N TYR C 340 -19.70 23.80 9.33
CA TYR C 340 -19.48 22.37 9.14
C TYR C 340 -19.91 21.62 10.41
N TYR C 341 -20.60 20.49 10.21
CA TYR C 341 -21.18 19.79 11.36
C TYR C 341 -20.10 19.48 12.39
N GLY C 342 -20.40 19.75 13.67
CA GLY C 342 -19.47 19.53 14.74
C GLY C 342 -18.71 20.77 15.17
N GLU C 343 -18.60 21.78 14.31
CA GLU C 343 -17.96 23.03 14.74
C GLU C 343 -18.70 23.65 15.92
N GLU C 344 -20.03 23.53 15.93
CA GLU C 344 -20.85 24.16 16.96
C GLU C 344 -20.64 23.55 18.33
N ILE C 345 -19.99 22.38 18.43
CA ILE C 345 -19.69 21.77 19.71
C ILE C 345 -18.19 21.60 19.93
N GLY C 346 -17.37 22.27 19.12
CA GLY C 346 -15.92 22.16 19.30
C GLY C 346 -15.37 20.77 19.04
N ASP C 347 -15.94 20.06 18.06
CA ASP C 347 -15.51 18.70 17.75
C ASP C 347 -14.03 18.68 17.35
N GLU C 348 -13.38 17.56 17.65
CA GLU C 348 -12.00 17.28 17.23
C GLU C 348 -11.81 15.78 17.34
N LEU C 349 -10.89 15.24 16.54
CA LEU C 349 -10.71 13.79 16.51
C LEU C 349 -9.76 13.34 17.63
N GLU C 350 -10.26 12.49 18.52
CA GLU C 350 -9.47 12.06 19.66
C GLU C 350 -8.23 11.28 19.21
N GLY C 351 -7.09 11.59 19.84
CA GLY C 351 -5.85 10.93 19.47
C GLY C 351 -5.22 11.40 18.19
N TYR C 352 -5.68 12.52 17.63
CA TYR C 352 -5.17 13.02 16.36
C TYR C 352 -4.95 14.52 16.47
N ALA C 353 -3.90 15.02 15.80
CA ALA C 353 -3.74 16.46 15.64
C ALA C 353 -2.69 16.80 14.59
N GLN C 354 -1.46 16.35 14.80
CA GLN C 354 -0.38 16.56 13.84
C GLN C 354 -0.72 15.90 12.51
N LYS C 355 -0.17 16.46 11.43
CA LYS C 355 -0.46 15.95 10.10
C LYS C 355 0.04 14.52 9.95
N VAL C 356 -0.82 13.66 9.41
CA VAL C 356 -0.51 12.26 9.14
C VAL C 356 -0.43 12.11 7.64
N GLU C 357 0.74 11.72 7.14
CA GLU C 357 0.96 11.62 5.71
C GLU C 357 1.07 10.18 5.23
N GLN C 358 2.10 9.44 5.66
CA GLN C 358 2.31 8.10 5.13
C GLN C 358 1.13 7.20 5.45
N ASP C 359 0.59 6.54 4.42
CA ASP C 359 -0.47 5.56 4.58
C ASP C 359 -1.72 6.14 5.25
N CYS C 360 -1.98 7.44 5.08
CA CYS C 360 -3.03 8.07 5.88
C CYS C 360 -4.43 7.69 5.41
N ALA C 361 -4.61 7.37 4.12
CA ALA C 361 -5.96 7.25 3.59
C ALA C 361 -6.68 6.03 4.15
N VAL C 362 -6.01 4.87 4.23
CA VAL C 362 -6.66 3.69 4.79
C VAL C 362 -6.95 3.85 6.28
N GLN C 363 -6.24 4.75 6.96
CA GLN C 363 -6.52 5.03 8.36
C GLN C 363 -7.55 6.14 8.56
N GLY C 364 -7.90 6.87 7.50
CA GLY C 364 -8.84 7.97 7.62
C GLY C 364 -8.26 9.23 8.22
N LEU C 365 -6.95 9.43 8.09
CA LEU C 365 -6.23 10.49 8.78
C LEU C 365 -5.60 11.54 7.87
N CYS C 366 -5.77 11.42 6.55
CA CYS C 366 -5.24 12.47 5.67
C CYS C 366 -5.95 13.79 5.94
N ASP C 367 -5.21 14.89 5.74
CA ASP C 367 -5.79 16.22 5.93
C ASP C 367 -7.04 16.44 5.08
N ASP C 368 -7.12 15.85 3.89
CA ASP C 368 -8.26 16.16 3.02
C ASP C 368 -9.53 15.41 3.40
N HIS C 369 -9.50 14.53 4.40
CA HIS C 369 -10.74 13.85 4.80
C HIS C 369 -10.83 13.55 6.28
N VAL C 370 -9.84 13.94 7.09
CA VAL C 370 -9.85 13.60 8.51
C VAL C 370 -11.02 14.24 9.24
N ALA C 371 -11.59 15.32 8.70
CA ALA C 371 -12.73 15.97 9.37
C ALA C 371 -14.01 15.15 9.24
N ARG C 372 -14.03 14.09 8.44
CA ARG C 372 -15.25 13.30 8.22
C ARG C 372 -15.36 12.28 9.35
N THR C 373 -15.60 12.80 10.54
CA THR C 373 -15.75 12.00 11.75
C THR C 373 -17.23 11.79 12.05
N SER C 374 -17.54 10.70 12.75
CA SER C 374 -18.91 10.39 13.13
C SER C 374 -19.54 11.55 13.89
N ALA C 375 -20.75 11.95 13.49
CA ALA C 375 -21.35 13.17 14.03
C ALA C 375 -21.82 12.98 15.46
N ASN C 376 -21.61 14.01 16.27
CA ASN C 376 -22.10 14.04 17.65
C ASN C 376 -23.32 14.97 17.68
N ILE C 377 -24.50 14.39 17.53
CA ILE C 377 -25.75 15.15 17.58
C ILE C 377 -26.41 14.92 18.94
N ASP C 378 -26.55 16.01 19.70
CA ASP C 378 -27.05 15.91 21.06
C ASP C 378 -28.40 15.20 21.14
N GLY C 379 -28.53 14.28 22.08
CA GLY C 379 -29.75 13.51 22.23
C GLY C 379 -29.97 12.46 21.17
N LEU C 380 -29.03 12.28 20.25
CA LEU C 380 -29.14 11.29 19.19
C LEU C 380 -27.96 10.33 19.17
N THR C 381 -26.73 10.86 19.11
CA THR C 381 -25.54 10.02 19.12
C THR C 381 -24.57 10.40 20.22
N VAL C 382 -24.96 11.33 21.11
CA VAL C 382 -24.04 11.84 22.13
C VAL C 382 -24.87 12.53 23.20
N ASN C 383 -24.34 12.54 24.42
CA ASN C 383 -24.78 13.45 25.48
C ASN C 383 -23.65 14.46 25.68
N LEU C 384 -23.92 15.72 25.33
CA LEU C 384 -22.89 16.74 25.37
C LEU C 384 -22.45 17.05 26.79
N ASN C 385 -21.16 17.36 26.95
CA ASN C 385 -20.64 17.84 28.23
C ASN C 385 -20.92 19.32 28.36
N GLU C 386 -20.47 19.91 29.48
CA GLU C 386 -20.85 21.29 29.78
C GLU C 386 -20.20 22.28 28.83
N LYS C 387 -18.95 22.03 28.42
CA LYS C 387 -18.28 22.97 27.51
C LYS C 387 -18.87 22.87 26.10
N GLN C 388 -19.16 21.65 25.64
CA GLN C 388 -19.80 21.47 24.34
C GLN C 388 -21.15 22.15 24.31
N ARG C 389 -21.93 21.98 25.37
CA ARG C 389 -23.25 22.58 25.43
C ARG C 389 -23.15 24.10 25.50
N ASP C 390 -22.16 24.61 26.22
CA ASP C 390 -21.96 26.06 26.29
C ASP C 390 -21.66 26.64 24.91
N LEU C 391 -20.79 25.98 24.13
CA LEU C 391 -20.47 26.51 22.80
C LEU C 391 -21.66 26.42 21.87
N LYS C 392 -22.46 25.35 21.99
CA LYS C 392 -23.60 25.20 21.11
C LYS C 392 -24.66 26.26 21.39
N GLN C 393 -24.91 26.56 22.68
CA GLN C 393 -25.82 27.65 23.02
C GLN C 393 -25.29 28.98 22.50
N TYR C 394 -23.97 29.18 22.54
CA TYR C 394 -23.37 30.41 22.01
C TYR C 394 -23.63 30.53 20.51
N VAL C 395 -23.45 29.43 19.77
CA VAL C 395 -23.76 29.45 18.35
C VAL C 395 -25.22 29.78 18.13
N SER C 396 -26.11 29.12 18.88
CA SER C 396 -27.54 29.43 18.77
C SER C 396 -27.80 30.90 19.01
N GLN C 397 -27.12 31.50 19.99
CA GLN C 397 -27.26 32.93 20.24
C GLN C 397 -26.79 33.75 19.05
N LEU C 398 -25.62 33.41 18.50
CA LEU C 398 -25.09 34.11 17.34
C LEU C 398 -26.08 34.07 16.18
N MET C 399 -26.63 32.90 15.90
CA MET C 399 -27.50 32.76 14.74
C MET C 399 -28.82 33.50 14.95
N THR C 400 -29.32 33.52 16.18
CA THR C 400 -30.53 34.29 16.47
C THR C 400 -30.28 35.78 16.28
N LEU C 401 -29.19 36.29 16.86
CA LEU C 401 -28.83 37.70 16.70
C LEU C 401 -28.66 38.05 15.23
N ARG C 402 -27.99 37.16 14.48
CA ARG C 402 -27.78 37.42 13.05
C ARG C 402 -29.10 37.50 12.31
N ALA C 403 -30.04 36.58 12.62
CA ALA C 403 -31.33 36.61 11.96
C ALA C 403 -32.10 37.90 12.25
N ALA C 404 -31.82 38.55 13.37
CA ALA C 404 -32.60 39.73 13.76
C ALA C 404 -31.96 41.04 13.31
N HIS C 405 -30.71 41.05 12.85
CA HIS C 405 -30.01 42.30 12.58
C HIS C 405 -29.46 42.34 11.17
N PRO C 406 -30.13 43.02 10.24
CA PRO C 406 -29.60 43.15 8.88
C PRO C 406 -28.21 43.75 8.81
N ALA C 407 -27.80 44.55 9.78
CA ALA C 407 -26.43 45.03 9.81
C ALA C 407 -25.44 43.86 9.80
N LEU C 408 -25.79 42.75 10.45
CA LEU C 408 -24.86 41.62 10.47
C LEU C 408 -24.85 40.86 9.15
N SER C 409 -26.03 40.57 8.60
CA SER C 409 -26.11 39.71 7.41
C SER C 409 -25.91 40.48 6.11
N ARG C 410 -26.31 41.74 6.05
CA ARG C 410 -26.19 42.46 4.80
C ARG C 410 -25.64 43.87 4.98
N GLY C 411 -25.12 44.20 6.16
CA GLY C 411 -24.67 45.55 6.39
C GLY C 411 -23.44 45.90 5.57
N GLU C 412 -23.31 47.19 5.28
CA GLU C 412 -22.06 47.72 4.76
C GLU C 412 -21.01 47.71 5.87
N ARG C 413 -19.81 47.25 5.53
CA ARG C 413 -18.72 47.12 6.49
C ARG C 413 -17.79 48.33 6.39
N THR C 414 -17.43 48.90 7.55
CA THR C 414 -16.33 49.85 7.63
C THR C 414 -15.43 49.44 8.80
N ASN C 415 -14.17 49.14 8.51
CA ASN C 415 -13.28 48.80 9.59
C ASN C 415 -12.93 50.04 10.39
N ILE C 416 -12.92 49.91 11.71
CA ILE C 416 -12.56 50.99 12.61
C ILE C 416 -11.16 50.78 13.20
N VAL C 417 -10.88 49.58 13.68
CA VAL C 417 -9.57 49.24 14.20
C VAL C 417 -9.21 47.84 13.69
N ALA C 418 -7.94 47.67 13.33
CA ALA C 418 -7.44 46.33 13.05
C ALA C 418 -5.94 46.33 13.38
N ASN C 419 -5.60 45.88 14.58
CA ASN C 419 -4.21 45.88 15.01
C ASN C 419 -3.92 44.47 15.50
N GLU C 420 -2.89 44.32 16.34
CA GLU C 420 -2.49 42.97 16.70
C GLU C 420 -3.36 42.39 17.81
N THR C 421 -4.12 43.22 18.54
CA THR C 421 -4.91 42.72 19.65
C THR C 421 -6.42 42.84 19.47
N VAL C 422 -6.92 43.59 18.51
CA VAL C 422 -8.37 43.73 18.39
C VAL C 422 -8.75 43.98 16.94
N TYR C 423 -9.98 43.60 16.62
CA TYR C 423 -10.57 43.82 15.32
C TYR C 423 -11.92 44.46 15.56
N ILE C 424 -12.13 45.67 15.05
CA ILE C 424 -13.39 46.36 15.25
C ILE C 424 -13.95 46.80 13.91
N ASP C 425 -15.17 46.35 13.60
CA ASP C 425 -15.89 46.70 12.38
C ASP C 425 -17.14 47.48 12.71
N HIS C 426 -17.41 48.52 11.93
CA HIS C 426 -18.72 49.17 11.91
C HIS C 426 -19.57 48.50 10.83
N LYS C 427 -20.78 48.07 11.20
CA LYS C 427 -21.73 47.45 10.27
C LYS C 427 -23.02 48.27 10.26
N GLN C 428 -23.52 48.58 9.06
CA GLN C 428 -24.73 49.38 8.93
C GLN C 428 -25.62 48.84 7.82
N ALA C 429 -26.88 48.58 8.17
CA ALA C 429 -27.93 48.29 7.19
C ALA C 429 -29.11 49.19 7.50
N ASP C 430 -29.46 50.07 6.56
CA ASP C 430 -30.55 51.02 6.73
C ASP C 430 -30.32 51.87 7.98
N ASP C 431 -31.17 51.73 9.00
CA ASP C 431 -30.98 52.43 10.27
C ASP C 431 -30.32 51.58 11.34
N ASP C 432 -30.27 50.26 11.16
CA ASP C 432 -29.55 49.33 12.04
C ASP C 432 -28.04 49.57 11.88
N ALA C 433 -27.39 50.12 12.91
CA ALA C 433 -25.95 50.27 12.94
C ALA C 433 -25.40 49.66 14.23
N LEU C 434 -24.28 48.94 14.13
CA LEU C 434 -23.68 48.35 15.31
C LEU C 434 -22.17 48.24 15.14
N ILE C 435 -21.51 47.93 16.25
CA ILE C 435 -20.08 47.67 16.30
C ILE C 435 -19.87 46.19 16.59
N TYR C 436 -19.06 45.54 15.78
CA TYR C 436 -18.58 44.21 16.07
C TYR C 436 -17.13 44.33 16.49
N MET C 437 -16.80 43.83 17.67
CA MET C 437 -15.42 43.88 18.14
C MET C 437 -15.01 42.52 18.69
N VAL C 438 -13.81 42.06 18.33
CA VAL C 438 -13.32 40.77 18.80
C VAL C 438 -11.85 40.90 19.15
N SER C 439 -11.49 40.37 20.32
CA SER C 439 -10.09 40.36 20.72
C SER C 439 -9.34 39.30 19.92
N THR C 440 -8.11 39.62 19.53
CA THR C 440 -7.23 38.68 18.84
C THR C 440 -5.98 38.40 19.67
N THR C 441 -6.11 38.48 20.99
CA THR C 441 -4.97 38.30 21.88
C THR C 441 -5.40 37.53 23.12
N ALA C 442 -4.44 36.80 23.70
CA ALA C 442 -4.70 36.06 24.91
C ALA C 442 -4.66 36.92 26.16
N ASP C 443 -4.39 38.23 26.03
CA ASP C 443 -4.43 39.16 27.15
C ASP C 443 -5.79 39.83 27.27
N GLN C 444 -6.25 40.00 28.50
CA GLN C 444 -7.33 40.95 28.75
C GLN C 444 -6.89 42.34 28.32
N ASP C 445 -7.81 43.11 27.76
CA ASP C 445 -7.48 44.49 27.42
C ASP C 445 -8.72 45.36 27.45
N THR C 446 -8.47 46.67 27.62
CA THR C 446 -9.51 47.68 27.64
C THR C 446 -9.36 48.53 26.38
N VAL C 447 -10.43 48.59 25.58
CA VAL C 447 -10.39 49.26 24.29
C VAL C 447 -11.03 50.63 24.43
N GLU C 448 -10.32 51.64 23.93
CA GLU C 448 -10.73 53.03 23.95
C GLU C 448 -11.27 53.39 22.56
N LEU C 449 -12.52 53.84 22.49
CA LEU C 449 -13.20 54.07 21.21
C LEU C 449 -13.86 55.44 21.22
N LYS C 450 -13.38 56.35 20.36
CA LYS C 450 -13.98 57.67 20.21
C LYS C 450 -15.37 57.54 19.60
N ALA C 451 -16.36 58.13 20.26
CA ALA C 451 -17.72 58.08 19.73
C ALA C 451 -17.82 58.70 18.34
N SER C 452 -17.01 59.74 18.07
CA SER C 452 -17.02 60.37 16.76
C SER C 452 -16.45 59.46 15.69
N ASP C 453 -15.58 58.51 16.04
CA ASP C 453 -15.03 57.60 15.04
C ASP C 453 -16.03 56.53 14.60
N ILE C 454 -17.18 56.39 15.26
CA ILE C 454 -18.13 55.35 14.88
C ILE C 454 -19.53 55.94 14.64
N ALA C 455 -19.61 57.26 14.45
CA ALA C 455 -20.87 57.93 14.17
C ALA C 455 -21.93 57.58 15.21
N SER C 456 -21.56 57.73 16.47
CA SER C 456 -22.44 57.40 17.60
C SER C 456 -22.69 58.66 18.41
N ASP C 457 -23.97 59.05 18.49
CA ASP C 457 -24.37 60.21 19.29
C ASP C 457 -24.83 59.85 20.69
N GLY C 458 -25.01 58.57 21.00
CA GLY C 458 -25.53 58.19 22.30
C GLY C 458 -24.77 57.05 22.94
N GLN C 459 -25.50 56.05 23.42
CA GLN C 459 -24.90 54.92 24.11
C GLN C 459 -24.75 53.72 23.17
N LEU C 460 -23.83 52.84 23.53
CA LEU C 460 -23.69 51.51 22.94
C LEU C 460 -24.37 50.49 23.85
N VAL C 461 -25.15 49.58 23.26
CA VAL C 461 -25.87 48.59 24.05
C VAL C 461 -25.47 47.20 23.59
N ASP C 462 -24.92 46.41 24.51
CA ASP C 462 -24.54 45.04 24.18
C ASP C 462 -25.77 44.25 23.74
N LEU C 463 -25.73 43.72 22.51
CA LEU C 463 -26.91 43.04 21.96
C LEU C 463 -27.16 41.68 22.61
N LEU C 464 -26.18 41.12 23.32
CA LEU C 464 -26.34 39.82 23.95
C LEU C 464 -26.56 39.88 25.45
N THR C 465 -26.10 40.94 26.11
CA THR C 465 -26.23 41.06 27.56
C THR C 465 -27.07 42.26 27.99
N GLY C 466 -27.37 43.19 27.08
CA GLY C 466 -28.07 44.40 27.46
C GLY C 466 -27.22 45.42 28.18
N LYS C 467 -25.93 45.15 28.38
CA LYS C 467 -25.07 46.11 29.07
C LYS C 467 -25.03 47.42 28.29
N VAL C 468 -25.19 48.53 29.00
CA VAL C 468 -25.17 49.85 28.39
C VAL C 468 -23.80 50.48 28.62
N HIS C 469 -23.10 50.79 27.53
CA HIS C 469 -21.81 51.49 27.59
C HIS C 469 -22.05 52.95 27.26
N SER C 470 -21.70 53.83 28.19
CA SER C 470 -21.89 55.26 27.97
C SER C 470 -20.57 55.89 27.53
N ALA C 471 -20.68 56.97 26.78
CA ALA C 471 -19.51 57.74 26.38
C ALA C 471 -19.25 58.78 27.46
N ILE C 472 -18.00 58.87 27.89
CA ILE C 472 -17.58 59.89 28.86
C ILE C 472 -16.69 60.87 28.11
N ASN C 473 -17.16 62.11 28.00
CA ASN C 473 -16.48 63.14 27.23
C ASN C 473 -16.09 62.61 25.85
N GLY C 474 -17.04 61.93 25.20
CA GLY C 474 -16.87 61.46 23.84
C GLY C 474 -16.15 60.14 23.64
N GLU C 475 -15.80 59.42 24.70
CA GLU C 475 -15.03 58.19 24.54
C GLU C 475 -15.65 57.04 25.31
N TYR C 476 -15.67 55.86 24.67
CA TYR C 476 -16.11 54.64 25.30
C TYR C 476 -14.90 53.87 25.82
N GLN C 477 -15.08 53.18 26.95
CA GLN C 477 -14.03 52.34 27.53
C GLN C 477 -14.62 50.95 27.71
N ILE C 478 -14.21 50.02 26.85
CA ILE C 478 -14.83 48.70 26.76
C ILE C 478 -13.79 47.64 27.07
N SER C 479 -14.03 46.87 28.12
CA SER C 479 -13.12 45.82 28.54
C SER C 479 -13.37 44.58 27.69
N LEU C 480 -12.29 44.00 27.16
CA LEU C 480 -12.38 42.80 26.32
C LEU C 480 -11.53 41.69 26.92
N ALA C 481 -12.17 40.61 27.34
CA ALA C 481 -11.46 39.40 27.80
C ALA C 481 -10.73 38.76 26.62
N PRO C 482 -9.80 37.84 26.89
CA PRO C 482 -9.06 37.18 25.80
C PRO C 482 -9.97 36.49 24.80
N PHE C 483 -9.86 36.92 23.54
CA PHE C 483 -10.62 36.38 22.42
C PHE C 483 -12.11 36.52 22.63
N GLU C 484 -12.52 37.50 23.42
CA GLU C 484 -13.93 37.78 23.59
C GLU C 484 -14.44 38.64 22.42
N ALA C 485 -15.66 38.35 21.98
CA ALA C 485 -16.34 39.16 20.99
C ALA C 485 -17.54 39.87 21.60
N LYS C 486 -17.81 41.07 21.12
CA LYS C 486 -18.99 41.82 21.56
C LYS C 486 -19.69 42.39 20.35
N PHE C 487 -21.03 42.42 20.42
CA PHE C 487 -21.89 43.04 19.42
C PHE C 487 -22.61 44.19 20.11
N LEU C 488 -22.29 45.42 19.71
CA LEU C 488 -22.76 46.61 20.42
C LEU C 488 -23.64 47.45 19.50
N LEU C 489 -24.92 47.55 19.85
CA LEU C 489 -25.84 48.40 19.12
C LEU C 489 -25.45 49.85 19.27
N ILE C 490 -25.35 50.55 18.15
CA ILE C 490 -25.22 52.00 18.18
C ILE C 490 -26.65 52.52 18.30
N GLU C 491 -27.05 52.84 19.52
CA GLU C 491 -28.44 53.12 19.81
C GLU C 491 -28.91 54.42 19.18
N THR C 492 -28.03 55.41 19.06
CA THR C 492 -28.35 56.70 18.46
C THR C 492 -27.28 57.05 17.45
N PRO C 493 -27.38 56.53 16.23
CA PRO C 493 -26.40 56.87 15.19
C PRO C 493 -26.52 58.33 14.77
N SER C 494 -25.38 58.92 14.43
CA SER C 494 -25.38 60.28 13.90
C SER C 494 -26.17 60.33 12.60
N ALA C 495 -26.88 61.43 12.37
CA ALA C 495 -27.75 61.53 11.21
C ALA C 495 -26.96 61.53 9.91
N SER C 496 -25.71 62.00 9.95
CA SER C 496 -24.87 62.00 8.77
C SER C 496 -24.24 60.64 8.48
N GLY C 497 -24.26 59.72 9.44
CA GLY C 497 -23.61 58.43 9.28
C GLY C 497 -22.10 58.57 9.41
N HIS D 1 20.12 45.13 8.80
CA HIS D 1 18.94 44.34 8.44
C HIS D 1 18.57 44.56 6.97
N MET D 2 19.09 45.63 6.37
CA MET D 2 18.85 45.86 4.96
C MET D 2 19.46 44.74 4.11
N CYS D 3 18.87 44.51 2.94
CA CYS D 3 19.43 43.53 2.03
C CYS D 3 20.78 44.00 1.52
N ASP D 4 21.75 43.08 1.48
CA ASP D 4 23.07 43.41 0.97
C ASP D 4 23.00 43.82 -0.50
N SER D 5 23.46 45.03 -0.82
CA SER D 5 23.19 45.59 -2.14
C SER D 5 24.11 45.01 -3.21
N ALA D 6 25.35 44.64 -2.88
CA ALA D 6 26.18 43.91 -3.82
C ALA D 6 25.53 42.59 -4.20
N LEU D 7 25.00 41.86 -3.21
CA LEU D 7 24.32 40.61 -3.50
C LEU D 7 23.09 40.86 -4.37
N THR D 8 22.41 41.98 -4.17
CA THR D 8 21.23 42.26 -4.97
C THR D 8 21.57 42.27 -6.46
N ALA D 9 22.67 42.94 -6.82
CA ALA D 9 23.09 42.97 -8.22
C ALA D 9 23.47 41.58 -8.72
N GLN D 10 24.21 40.81 -7.93
CA GLN D 10 24.62 39.48 -8.36
C GLN D 10 23.42 38.55 -8.53
N ALA D 11 22.43 38.64 -7.63
CA ALA D 11 21.32 37.70 -7.67
C ALA D 11 20.50 37.85 -8.94
N ASN D 12 20.37 39.07 -9.47
CA ASN D 12 19.66 39.29 -10.72
C ASN D 12 20.31 38.54 -11.87
N ASP D 13 21.60 38.24 -11.78
CA ASP D 13 22.31 37.51 -12.82
C ASP D 13 22.16 36.00 -12.71
N LEU D 14 21.46 35.50 -11.69
CA LEU D 14 21.49 34.06 -11.44
C LEU D 14 20.64 33.30 -12.44
N ARG D 15 21.22 32.26 -13.02
CA ARG D 15 20.50 31.32 -13.87
C ARG D 15 20.74 29.93 -13.29
N ILE D 16 19.76 29.40 -12.53
CA ILE D 16 19.96 28.27 -11.61
C ILE D 16 19.39 26.98 -12.18
N TYR D 17 20.19 25.91 -12.15
CA TYR D 17 19.77 24.58 -12.56
C TYR D 17 19.49 23.77 -11.30
N GLN D 18 18.25 23.31 -11.13
CA GLN D 18 17.89 22.56 -9.92
C GLN D 18 18.01 21.07 -10.20
N VAL D 19 18.71 20.36 -9.31
CA VAL D 19 18.80 18.90 -9.38
C VAL D 19 18.22 18.29 -8.11
N MET D 20 17.29 17.35 -8.28
CA MET D 20 16.87 16.46 -7.20
C MET D 20 17.88 15.33 -7.13
N VAL D 21 18.66 15.28 -6.04
CA VAL D 21 19.87 14.46 -6.03
C VAL D 21 19.55 12.99 -6.31
N GLU D 22 18.67 12.37 -5.50
CA GLU D 22 18.42 10.93 -5.62
C GLU D 22 17.94 10.53 -7.01
N SER D 23 17.18 11.40 -7.69
CA SER D 23 16.59 11.04 -8.98
C SER D 23 17.40 11.54 -10.19
N PHE D 24 18.56 12.15 -9.98
CA PHE D 24 19.26 12.83 -11.08
C PHE D 24 20.12 11.84 -11.84
N VAL D 25 21.39 11.69 -11.46
CA VAL D 25 22.32 10.83 -12.21
C VAL D 25 23.01 9.89 -11.24
N ASN D 26 22.93 8.59 -11.55
CA ASN D 26 23.60 7.53 -10.79
C ASN D 26 25.03 7.47 -11.29
N GLY D 27 25.90 8.29 -10.66
CA GLY D 27 27.27 8.37 -11.11
C GLY D 27 28.15 7.26 -10.58
N ASP D 28 27.79 6.71 -9.42
CA ASP D 28 28.53 5.62 -8.78
C ASP D 28 27.52 4.53 -8.41
N ASP D 29 27.44 3.50 -9.25
CA ASP D 29 26.44 2.45 -9.05
C ASP D 29 26.66 1.63 -7.79
N ALA D 30 27.78 1.81 -7.09
CA ALA D 30 27.95 1.11 -5.83
C ALA D 30 27.16 1.74 -4.68
N ILE D 31 26.67 2.97 -4.84
CA ILE D 31 25.97 3.65 -3.76
C ILE D 31 24.63 4.16 -4.28
N GLY D 32 23.73 4.41 -3.36
CA GLY D 32 22.44 4.96 -3.71
C GLY D 32 21.38 4.45 -2.77
N HIS D 33 20.34 5.25 -2.58
CA HIS D 33 19.24 4.84 -1.71
C HIS D 33 18.53 3.63 -2.30
N GLY D 34 18.30 3.62 -3.61
CA GLY D 34 17.58 2.54 -4.26
C GLY D 34 16.08 2.56 -4.11
N THR D 35 15.53 3.37 -3.20
CA THR D 35 14.10 3.58 -3.11
C THR D 35 13.88 5.07 -2.92
N GLY D 36 12.62 5.49 -2.96
CA GLY D 36 12.30 6.89 -2.81
C GLY D 36 10.89 7.16 -3.33
N TYR D 37 10.59 8.45 -3.47
CA TYR D 37 9.29 8.88 -3.98
C TYR D 37 9.47 9.42 -5.39
N GLY D 38 9.01 8.64 -6.37
CA GLY D 38 9.23 8.93 -7.78
C GLY D 38 9.58 7.67 -8.56
N THR D 39 9.76 7.80 -9.88
CA THR D 39 9.97 6.64 -10.75
C THR D 39 11.42 6.48 -11.17
N SER D 40 12.31 7.26 -10.59
CA SER D 40 13.71 7.24 -10.98
C SER D 40 14.41 5.99 -10.46
N HIS D 41 15.69 5.89 -10.83
CA HIS D 41 16.56 4.84 -10.33
C HIS D 41 16.79 4.94 -8.81
N HIS D 42 16.52 6.10 -8.21
CA HIS D 42 16.75 6.34 -6.78
C HIS D 42 18.19 6.10 -6.37
N LYS D 43 19.12 6.16 -7.32
CA LYS D 43 20.53 5.98 -7.03
C LYS D 43 21.37 7.19 -7.41
N GLY D 44 20.73 8.34 -7.61
CA GLY D 44 21.48 9.54 -7.94
C GLY D 44 22.42 9.92 -6.81
N ASP D 45 23.56 10.50 -7.18
CA ASP D 45 24.62 10.71 -6.21
C ASP D 45 25.44 11.93 -6.59
N LEU D 46 26.41 12.27 -5.74
CA LEU D 46 27.25 13.43 -5.99
C LEU D 46 28.14 13.22 -7.21
N GLN D 47 28.63 11.99 -7.39
CA GLN D 47 29.43 11.71 -8.57
C GLN D 47 28.65 12.00 -9.85
N GLY D 48 27.37 11.65 -9.87
CA GLY D 48 26.55 11.94 -11.03
C GLY D 48 26.43 13.44 -11.30
N ILE D 49 26.34 14.24 -10.23
CA ILE D 49 26.28 15.69 -10.41
C ILE D 49 27.62 16.20 -10.92
N ILE D 50 28.71 15.74 -10.31
CA ILE D 50 30.05 16.08 -10.80
C ILE D 50 30.17 15.77 -12.30
N ASP D 51 29.72 14.58 -12.70
CA ASP D 51 29.79 14.22 -14.11
C ASP D 51 28.92 15.07 -15.01
N SER D 52 27.99 15.85 -14.43
CA SER D 52 27.07 16.65 -15.23
C SER D 52 27.40 18.14 -15.25
N LEU D 53 28.45 18.57 -14.55
CA LEU D 53 28.73 20.00 -14.45
C LEU D 53 29.03 20.63 -15.81
N ASP D 54 29.72 19.90 -16.68
CA ASP D 54 29.99 20.43 -18.03
C ASP D 54 28.71 20.64 -18.81
N TYR D 55 27.80 19.66 -18.76
CA TYR D 55 26.52 19.81 -19.45
C TYR D 55 25.75 21.02 -18.93
N ILE D 56 25.72 21.20 -17.61
CA ILE D 56 24.96 22.30 -17.04
C ILE D 56 25.56 23.64 -17.45
N GLU D 57 26.90 23.75 -17.44
CA GLU D 57 27.53 24.98 -17.90
C GLU D 57 27.28 25.21 -19.38
N SER D 58 27.21 24.15 -20.18
CA SER D 58 27.01 24.34 -21.61
C SER D 58 25.61 24.86 -21.92
N LEU D 59 24.64 24.61 -21.03
CA LEU D 59 23.31 25.21 -21.20
C LEU D 59 23.32 26.72 -21.00
N GLY D 60 24.36 27.27 -20.39
CA GLY D 60 24.39 28.68 -20.08
C GLY D 60 23.93 29.03 -18.69
N MET D 61 23.67 28.03 -17.85
CA MET D 61 23.42 28.28 -16.44
C MET D 61 24.71 28.72 -15.76
N ASN D 62 24.57 29.51 -14.69
CA ASN D 62 25.71 29.90 -13.89
C ASN D 62 25.55 29.49 -12.43
N ALA D 63 24.64 28.55 -12.13
CA ALA D 63 24.50 28.08 -10.75
C ALA D 63 23.76 26.75 -10.73
N ILE D 64 24.03 25.97 -9.69
CA ILE D 64 23.31 24.72 -9.45
C ILE D 64 22.75 24.77 -8.02
N TRP D 65 21.52 24.32 -7.86
CA TRP D 65 20.90 24.13 -6.55
C TRP D 65 20.68 22.65 -6.37
N LEU D 66 21.32 22.08 -5.35
CA LEU D 66 21.12 20.69 -4.95
C LEU D 66 20.10 20.62 -3.81
N THR D 67 19.17 19.69 -3.93
CA THR D 67 18.28 19.36 -2.82
C THR D 67 19.13 18.82 -1.67
N PRO D 68 18.61 18.65 -0.46
CA PRO D 68 19.51 18.40 0.69
C PRO D 68 20.33 17.13 0.52
N ILE D 69 21.61 17.22 0.88
CA ILE D 69 22.54 16.10 0.75
C ILE D 69 23.02 15.60 2.11
N PHE D 70 22.38 16.04 3.19
CA PHE D 70 22.87 15.76 4.53
C PHE D 70 22.42 14.38 4.99
N ASP D 71 22.99 13.93 6.09
CA ASP D 71 22.89 12.52 6.48
C ASP D 71 21.54 12.24 7.13
N SER D 72 20.64 11.58 6.41
CA SER D 72 19.38 11.11 6.97
C SER D 72 19.61 9.67 7.42
N ILE D 73 19.75 9.49 8.73
CA ILE D 73 20.23 8.22 9.28
C ILE D 73 19.08 7.26 9.52
N PRO D 74 19.15 6.04 8.97
CA PRO D 74 18.07 5.07 9.18
C PRO D 74 18.03 4.57 10.61
N VAL D 75 16.82 4.44 11.13
CA VAL D 75 16.57 3.87 12.45
C VAL D 75 16.24 2.39 12.28
N GLU D 76 16.82 1.55 13.14
CA GLU D 76 16.50 0.13 13.14
C GLU D 76 14.99 -0.10 13.17
N GLY D 77 14.51 -0.88 12.22
CA GLY D 77 13.10 -1.23 12.16
C GLY D 77 12.21 -0.27 11.42
N GLN D 78 12.75 0.83 10.87
CA GLN D 78 11.89 1.83 10.24
C GLN D 78 11.26 1.25 8.97
N ASP D 79 10.08 1.77 8.62
CA ASP D 79 9.31 1.21 7.51
C ASP D 79 9.81 1.75 6.17
N HIS D 80 9.23 1.26 5.07
CA HIS D 80 9.73 1.66 3.76
C HIS D 80 9.42 3.13 3.49
N TRP D 81 8.33 3.64 4.06
CA TRP D 81 8.06 5.06 3.97
C TRP D 81 9.24 5.88 4.50
N ALA D 82 9.82 5.47 5.64
CA ALA D 82 10.96 6.20 6.18
C ALA D 82 12.20 6.06 5.31
N ASP D 83 12.42 4.88 4.71
CA ASP D 83 13.50 4.73 3.75
C ASP D 83 13.33 5.68 2.58
N ARG D 84 12.11 5.78 2.05
CA ARG D 84 11.87 6.71 0.95
C ARG D 84 12.11 8.15 1.39
N LEU D 85 11.63 8.52 2.57
CA LEU D 85 11.82 9.90 3.02
C LEU D 85 13.31 10.21 3.20
N ASP D 86 14.10 9.22 3.66
CA ASP D 86 15.56 9.43 3.76
C ASP D 86 16.13 9.82 2.40
N ALA D 87 15.64 9.21 1.34
CA ALA D 87 16.14 9.46 -0.01
C ALA D 87 15.85 10.88 -0.48
N THR D 88 14.83 11.55 0.07
CA THR D 88 14.53 12.91 -0.37
C THR D 88 15.48 13.93 0.24
N GLY D 89 16.07 13.62 1.40
CA GLY D 89 16.94 14.54 2.10
C GLY D 89 16.24 15.58 2.95
N TYR D 90 14.92 15.70 2.88
CA TYR D 90 14.22 16.81 3.53
C TYR D 90 13.91 16.54 4.99
N PHE D 91 14.18 15.34 5.51
CA PHE D 91 13.99 15.05 6.94
C PHE D 91 15.30 14.42 7.39
N THR D 92 16.28 15.26 7.67
CA THR D 92 17.64 14.78 7.85
C THR D 92 17.95 14.58 9.33
N SER D 93 19.04 13.85 9.58
CA SER D 93 19.51 13.58 10.94
C SER D 93 20.73 14.39 11.32
N ASN D 94 21.77 14.39 10.48
CA ASN D 94 23.02 15.08 10.80
C ASN D 94 23.21 16.17 9.76
N TYR D 95 22.86 17.41 10.13
CA TYR D 95 23.01 18.54 9.22
C TYR D 95 24.46 18.84 8.88
N PHE D 96 25.44 18.15 9.47
CA PHE D 96 26.84 18.51 9.30
C PHE D 96 27.65 17.41 8.66
N ALA D 97 27.00 16.45 8.02
CA ALA D 97 27.71 15.41 7.30
C ALA D 97 26.91 15.06 6.04
N VAL D 98 27.61 14.49 5.07
CA VAL D 98 26.99 14.10 3.80
C VAL D 98 26.41 12.71 3.95
N ASP D 99 25.18 12.53 3.45
CA ASP D 99 24.57 11.21 3.43
C ASP D 99 25.44 10.23 2.62
N PRO D 100 25.80 9.08 3.18
CA PRO D 100 26.71 8.18 2.45
C PRO D 100 26.08 7.55 1.22
N ARG D 101 24.75 7.49 1.12
CA ARG D 101 24.15 7.08 -0.14
C ARG D 101 24.34 8.11 -1.25
N PHE D 102 24.73 9.34 -0.91
CA PHE D 102 25.06 10.34 -1.94
C PHE D 102 26.56 10.42 -2.19
N GLY D 103 27.36 10.27 -1.16
CA GLY D 103 28.80 10.37 -1.28
C GLY D 103 29.41 10.79 0.05
N THR D 104 30.61 11.35 -0.04
CA THR D 104 31.41 11.70 1.13
C THR D 104 31.60 13.21 1.21
N MET D 105 32.04 13.65 2.39
CA MET D 105 32.41 15.05 2.56
C MET D 105 33.44 15.49 1.53
N GLU D 106 34.43 14.64 1.24
CA GLU D 106 35.44 15.02 0.26
C GLU D 106 34.84 15.14 -1.14
N GLN D 107 33.88 14.28 -1.47
CA GLN D 107 33.23 14.39 -2.77
C GLN D 107 32.41 15.67 -2.87
N ALA D 108 31.72 16.04 -1.79
CA ALA D 108 30.98 17.30 -1.79
C ALA D 108 31.92 18.48 -1.95
N LYS D 109 33.07 18.44 -1.28
CA LYS D 109 34.04 19.51 -1.47
C LYS D 109 34.54 19.50 -2.91
N GLU D 110 34.79 18.32 -3.48
CA GLU D 110 35.21 18.23 -4.87
C GLU D 110 34.15 18.84 -5.80
N LEU D 111 32.88 18.54 -5.55
CA LEU D 111 31.80 19.06 -6.39
C LEU D 111 31.77 20.59 -6.38
N VAL D 112 31.88 21.20 -5.19
CA VAL D 112 31.82 22.65 -5.10
C VAL D 112 33.03 23.28 -5.78
N GLU D 113 34.21 22.69 -5.61
CA GLU D 113 35.41 23.23 -6.24
C GLU D 113 35.32 23.12 -7.76
N LYS D 114 34.90 21.96 -8.27
CA LYS D 114 34.79 21.83 -9.71
C LYS D 114 33.68 22.71 -10.28
N ALA D 115 32.59 22.91 -9.53
CA ALA D 115 31.55 23.80 -10.02
C ALA D 115 32.07 25.23 -10.12
N HIS D 116 32.78 25.68 -9.08
CA HIS D 116 33.37 27.01 -9.12
C HIS D 116 34.39 27.14 -10.25
N GLU D 117 35.22 26.11 -10.43
CA GLU D 117 36.19 26.13 -11.50
C GLU D 117 35.52 26.29 -12.86
N LYS D 118 34.33 25.72 -13.03
CA LYS D 118 33.63 25.78 -14.31
C LYS D 118 32.69 26.97 -14.44
N GLY D 119 32.63 27.85 -13.45
CA GLY D 119 31.80 29.05 -13.54
C GLY D 119 30.40 28.93 -12.99
N LEU D 120 30.15 27.98 -12.10
CA LEU D 120 28.83 27.77 -11.52
C LEU D 120 28.86 28.07 -10.03
N TYR D 121 27.92 28.89 -9.56
CA TYR D 121 27.66 28.98 -8.13
C TYR D 121 27.02 27.70 -7.64
N VAL D 122 27.12 27.44 -6.33
CA VAL D 122 26.52 26.24 -5.75
C VAL D 122 25.63 26.64 -4.57
N PHE D 123 24.36 26.21 -4.60
CA PHE D 123 23.42 26.45 -3.51
C PHE D 123 23.02 25.12 -2.90
N PHE D 124 23.01 25.06 -1.58
CA PHE D 124 22.48 23.90 -0.86
C PHE D 124 21.05 24.17 -0.39
N ASP D 125 20.38 23.11 0.03
CA ASP D 125 18.97 23.18 0.36
C ASP D 125 18.86 23.10 1.88
N GLY D 126 18.40 24.18 2.51
CA GLY D 126 18.38 24.27 3.96
C GLY D 126 16.97 24.12 4.52
N VAL D 127 16.78 23.06 5.29
CA VAL D 127 15.49 22.77 5.90
C VAL D 127 15.60 23.16 7.37
N PHE D 128 15.21 24.39 7.68
CA PHE D 128 15.44 24.96 8.99
C PHE D 128 14.21 24.92 9.89
N GLY D 129 13.13 24.31 9.43
CA GLY D 129 11.96 24.23 10.28
C GLY D 129 11.57 22.83 10.73
N HIS D 130 12.23 21.80 10.20
CA HIS D 130 11.90 20.43 10.59
C HIS D 130 13.07 19.51 10.25
N HIS D 131 13.01 18.31 10.80
CA HIS D 131 14.09 17.33 10.71
C HIS D 131 13.55 15.99 11.19
N LYS D 132 14.34 14.94 10.95
CA LYS D 132 14.02 13.59 11.43
C LYS D 132 14.21 13.50 12.95
N ASP D 133 13.46 12.59 13.58
CA ASP D 133 13.44 12.51 15.03
C ASP D 133 14.80 12.14 15.65
N ASN D 134 15.70 11.53 14.89
CA ASN D 134 16.99 11.11 15.44
C ASN D 134 18.10 12.12 15.15
N VAL D 135 17.77 13.43 15.19
CA VAL D 135 18.73 14.47 14.84
C VAL D 135 19.91 14.43 15.82
N VAL D 136 21.11 14.71 15.33
CA VAL D 136 22.29 14.59 16.18
C VAL D 136 22.86 15.97 16.52
N PRO D 137 23.55 16.12 17.64
CA PRO D 137 24.11 17.42 17.99
C PRO D 137 25.12 17.88 16.95
N SER D 138 25.14 19.19 16.74
CA SER D 138 26.10 19.93 15.92
C SER D 138 27.53 19.77 16.42
N PRO D 139 28.54 20.13 15.60
CA PRO D 139 29.92 20.12 16.09
C PRO D 139 30.13 20.90 17.38
N GLU D 140 29.47 22.03 17.55
CA GLU D 140 29.55 22.79 18.78
C GLU D 140 28.56 22.32 19.85
N GLY D 141 27.94 21.16 19.66
CA GLY D 141 27.12 20.55 20.69
C GLY D 141 25.70 21.03 20.75
N ARG D 142 25.24 21.80 19.77
CA ARG D 142 23.91 22.38 19.76
C ARG D 142 22.88 21.41 19.20
N LEU D 143 21.62 21.61 19.58
CA LEU D 143 20.48 20.85 19.08
C LEU D 143 19.33 21.81 18.84
N PRO D 144 18.47 21.53 17.86
CA PRO D 144 17.21 22.27 17.74
C PRO D 144 16.30 21.90 18.91
N VAL D 145 15.24 22.67 19.06
CA VAL D 145 14.40 22.56 20.25
C VAL D 145 12.95 22.43 19.84
N GLY D 146 12.22 21.54 20.51
CA GLY D 146 10.79 21.40 20.33
C GLY D 146 10.38 20.13 19.63
N GLU D 147 9.29 20.21 18.87
CA GLU D 147 8.87 19.12 18.03
C GLU D 147 9.82 19.00 16.84
N ASN D 148 9.78 17.84 16.19
CA ASN D 148 10.60 17.64 15.00
C ASN D 148 10.05 18.41 13.81
N ASN D 149 8.76 18.73 13.82
CA ASN D 149 8.11 19.39 12.68
C ASN D 149 6.81 20.06 13.15
N PRO D 150 6.84 21.39 13.31
CA PRO D 150 8.03 22.23 13.14
C PRO D 150 8.81 22.44 14.44
N VAL D 151 10.07 22.84 14.33
CA VAL D 151 10.87 23.13 15.53
C VAL D 151 10.37 24.43 16.15
N SER D 152 10.85 24.76 17.35
CA SER D 152 10.47 25.99 18.02
C SER D 152 11.55 27.04 17.85
N TYR D 153 11.13 28.27 17.54
CA TYR D 153 11.99 29.44 17.55
C TYR D 153 11.52 30.37 18.66
N PRO D 154 12.43 31.17 19.24
CA PRO D 154 13.86 31.36 18.96
C PRO D 154 14.77 30.24 19.45
N GLU D 155 14.23 29.24 20.15
CA GLU D 155 15.09 28.26 20.82
C GLU D 155 15.98 27.50 19.83
N SER D 156 15.50 27.23 18.62
CA SER D 156 16.29 26.51 17.63
C SER D 156 17.20 27.42 16.81
N LEU D 157 17.20 28.73 17.07
CA LEU D 157 17.91 29.66 16.18
C LEU D 157 19.42 29.42 16.18
N ALA D 158 20.03 29.28 17.36
CA ALA D 158 21.49 29.06 17.41
C ALA D 158 21.90 27.84 16.59
N PHE D 159 21.12 26.77 16.67
CA PHE D 159 21.45 25.56 15.93
C PHE D 159 21.48 25.81 14.43
N TYR D 160 20.45 26.50 13.91
CA TYR D 160 20.40 26.64 12.46
C TYR D 160 21.31 27.76 11.94
N GLN D 161 21.63 28.75 12.77
CA GLN D 161 22.75 29.63 12.41
C GLN D 161 24.02 28.83 12.25
N GLU D 162 24.25 27.85 13.12
CA GLU D 162 25.45 27.03 12.99
C GLU D 162 25.43 26.23 11.70
N VAL D 163 24.26 25.68 11.35
CA VAL D 163 24.14 24.92 10.10
C VAL D 163 24.40 25.80 8.88
N ALA D 164 23.74 26.96 8.84
CA ALA D 164 23.86 27.84 7.68
C ALA D 164 25.29 28.30 7.49
N THR D 165 26.01 28.49 8.59
CA THR D 165 27.39 28.96 8.58
C THR D 165 28.37 27.86 8.21
N PHE D 166 28.12 26.64 8.71
CA PHE D 166 29.06 25.54 8.55
C PHE D 166 29.41 25.29 7.10
N TRP D 167 28.39 25.14 6.24
CA TRP D 167 28.64 24.69 4.88
C TRP D 167 29.30 25.79 4.04
N ILE D 168 29.02 27.05 4.35
CA ILE D 168 29.72 28.16 3.70
C ILE D 168 31.18 28.18 4.11
N GLU D 169 31.46 28.12 5.42
CA GLU D 169 32.83 28.25 5.90
C GLU D 169 33.67 27.04 5.52
N GLU D 170 33.07 25.86 5.41
CA GLU D 170 33.82 24.64 5.14
C GLU D 170 33.94 24.36 3.64
N LEU D 171 32.86 24.53 2.88
CA LEU D 171 32.86 24.19 1.46
C LEU D 171 32.76 25.39 0.54
N LYS D 172 32.53 26.58 1.06
CA LYS D 172 32.43 27.82 0.27
C LYS D 172 31.23 27.80 -0.67
N ILE D 173 30.12 27.19 -0.24
CA ILE D 173 28.91 27.26 -1.05
C ILE D 173 28.44 28.71 -1.09
N ASP D 174 27.66 29.03 -2.13
CA ASP D 174 27.25 30.40 -2.42
C ASP D 174 25.88 30.75 -1.86
N GLY D 175 25.25 29.87 -1.10
CA GLY D 175 24.04 30.24 -0.40
C GLY D 175 23.09 29.07 -0.27
N TRP D 176 21.83 29.42 0.05
CA TRP D 176 20.84 28.46 0.52
C TRP D 176 19.49 28.68 -0.13
N ARG D 177 18.86 27.59 -0.59
CA ARG D 177 17.43 27.58 -0.84
C ARG D 177 16.75 27.15 0.47
N LEU D 178 15.68 27.84 0.86
CA LEU D 178 15.12 27.63 2.20
C LEU D 178 13.76 26.93 2.08
N ASP D 179 13.72 25.68 2.51
CA ASP D 179 12.52 24.86 2.42
C ASP D 179 11.44 25.34 3.39
N GLN D 180 10.20 25.38 2.90
CA GLN D 180 9.02 25.67 3.74
C GLN D 180 9.29 26.83 4.70
N ALA D 181 9.71 27.96 4.12
CA ALA D 181 10.36 29.01 4.91
C ALA D 181 9.44 29.67 5.92
N TYR D 182 8.11 29.64 5.70
CA TYR D 182 7.18 30.21 6.66
C TYR D 182 7.18 29.50 8.00
N GLN D 183 7.82 28.33 8.11
CA GLN D 183 7.94 27.70 9.42
C GLN D 183 8.91 28.43 10.33
N VAL D 184 9.83 29.19 9.76
CA VAL D 184 10.82 29.98 10.50
C VAL D 184 10.33 31.43 10.55
N PRO D 185 10.25 32.06 11.73
CA PRO D 185 9.71 33.42 11.80
C PRO D 185 10.66 34.46 11.21
N THR D 186 10.09 35.63 10.89
CA THR D 186 10.85 36.68 10.21
C THR D 186 12.03 37.15 11.04
N GLU D 187 11.86 37.27 12.37
CA GLU D 187 13.00 37.68 13.19
C GLU D 187 14.13 36.67 13.13
N ALA D 188 13.79 35.38 13.00
CA ALA D 188 14.82 34.37 12.88
C ALA D 188 15.53 34.47 11.53
N TRP D 189 14.78 34.69 10.45
CA TRP D 189 15.41 34.76 9.13
C TRP D 189 16.40 35.92 9.07
N THR D 190 16.06 37.07 9.64
CA THR D 190 16.98 38.19 9.65
C THR D 190 18.30 37.81 10.33
N ALA D 191 18.21 37.07 11.44
CA ALA D 191 19.41 36.63 12.15
C ALA D 191 20.19 35.61 11.34
N ILE D 192 19.51 34.66 10.70
CA ILE D 192 20.21 33.67 9.87
C ILE D 192 20.88 34.34 8.70
N ARG D 193 20.20 35.31 8.09
CA ARG D 193 20.76 36.04 6.96
C ARG D 193 22.00 36.82 7.37
N ALA D 194 21.97 37.41 8.58
CA ALA D 194 23.18 38.06 9.08
C ALA D 194 24.33 37.07 9.22
N SER D 195 24.04 35.90 9.80
CA SER D 195 25.07 34.87 9.95
C SER D 195 25.59 34.43 8.59
N VAL D 196 24.70 34.26 7.62
CA VAL D 196 25.11 33.83 6.27
C VAL D 196 25.96 34.91 5.61
N ASP D 197 25.56 36.18 5.75
CA ASP D 197 26.31 37.26 5.12
C ASP D 197 27.72 37.36 5.71
N GLU D 198 27.83 37.24 7.03
CA GLU D 198 29.15 37.31 7.68
C GLU D 198 30.02 36.11 7.31
N ALA D 199 29.45 34.91 7.30
CA ALA D 199 30.25 33.75 6.93
C ALA D 199 30.71 33.83 5.49
N SER D 200 29.84 34.32 4.59
CA SER D 200 30.24 34.45 3.18
C SER D 200 31.38 35.44 2.99
N LYS D 201 31.42 36.48 3.81
CA LYS D 201 32.52 37.44 3.73
C LYS D 201 33.83 36.92 4.29
N SER D 202 33.77 35.87 5.11
CA SER D 202 34.96 35.39 5.81
C SER D 202 35.80 34.42 5.00
N VAL D 203 35.38 34.06 3.77
CA VAL D 203 36.14 33.13 2.95
C VAL D 203 36.12 33.60 1.49
N THR D 204 37.08 33.09 0.72
CA THR D 204 37.19 33.39 -0.71
C THR D 204 37.50 32.10 -1.47
N TYR D 205 37.12 32.09 -2.75
CA TYR D 205 37.58 31.09 -3.70
C TYR D 205 37.96 31.81 -5.00
N VAL D 206 38.51 31.06 -5.94
CA VAL D 206 38.90 31.62 -7.23
C VAL D 206 37.85 31.19 -8.26
N ASN D 207 37.27 32.15 -8.96
CA ASN D 207 36.22 31.79 -9.91
C ASN D 207 36.82 31.32 -11.22
N SER D 208 35.95 30.96 -12.18
CA SER D 208 36.39 30.41 -13.45
C SER D 208 37.23 31.40 -14.24
N LYS D 209 37.13 32.69 -13.92
CA LYS D 209 37.89 33.72 -14.60
C LYS D 209 39.09 34.19 -13.78
N GLY D 210 39.46 33.45 -12.74
CA GLY D 210 40.73 33.66 -12.07
C GLY D 210 40.76 34.74 -11.01
N GLU D 211 39.61 35.30 -10.62
CA GLU D 211 39.55 36.32 -9.59
C GLU D 211 39.12 35.70 -8.27
N ALA D 212 39.61 36.28 -7.17
CA ALA D 212 39.22 35.85 -5.84
C ALA D 212 37.90 36.51 -5.47
N VAL D 213 36.91 35.70 -5.09
CA VAL D 213 35.59 36.20 -4.76
C VAL D 213 35.13 35.55 -3.47
N ASN D 214 34.24 36.24 -2.77
CA ASN D 214 33.53 35.69 -1.64
C ASN D 214 32.30 34.95 -2.14
N PRO D 215 31.89 33.88 -1.46
CA PRO D 215 30.60 33.25 -1.74
C PRO D 215 29.48 34.29 -1.71
N LEU D 216 28.47 34.06 -2.54
CA LEU D 216 27.41 35.06 -2.73
C LEU D 216 26.65 35.33 -1.43
N GLY D 217 26.33 34.27 -0.67
CA GLY D 217 25.40 34.45 0.41
C GLY D 217 23.95 34.57 -0.02
N TYR D 218 23.62 34.14 -1.25
CA TYR D 218 22.24 34.19 -1.73
C TYR D 218 21.35 33.30 -0.88
N MET D 219 20.13 33.78 -0.62
CA MET D 219 19.13 32.99 0.12
C MET D 219 17.80 33.19 -0.56
N VAL D 220 17.14 32.09 -0.95
CA VAL D 220 15.84 32.17 -1.62
C VAL D 220 14.85 31.28 -0.88
N ALA D 221 13.76 31.89 -0.40
CA ALA D 221 12.73 31.20 0.37
C ALA D 221 11.78 30.44 -0.54
N GLU D 222 11.40 29.21 -0.14
CA GLU D 222 10.28 28.50 -0.75
C GLU D 222 9.05 28.71 0.12
N ILE D 223 8.12 29.50 -0.37
CA ILE D 223 6.86 29.78 0.31
C ILE D 223 5.78 29.55 -0.74
N TRP D 224 5.16 28.37 -0.70
CA TRP D 224 4.22 27.93 -1.74
C TRP D 224 2.84 28.52 -1.41
N ASN D 225 2.64 29.75 -1.84
CA ASN D 225 1.45 30.51 -1.46
C ASN D 225 1.42 31.75 -2.34
N ASN D 226 0.41 32.60 -2.13
CA ASN D 226 0.22 33.75 -2.99
C ASN D 226 1.01 34.95 -2.44
N GLU D 227 0.98 36.06 -3.18
CA GLU D 227 1.85 37.20 -2.86
C GLU D 227 1.68 37.69 -1.43
N ASN D 228 0.45 37.64 -0.90
CA ASN D 228 0.25 38.21 0.44
C ASN D 228 1.00 37.41 1.48
N TYR D 229 1.07 36.08 1.30
CA TYR D 229 1.74 35.22 2.25
C TYR D 229 3.25 35.22 2.04
N ILE D 230 3.72 35.33 0.80
CA ILE D 230 5.15 35.45 0.57
C ILE D 230 5.67 36.73 1.21
N LYS D 231 4.88 37.82 1.16
CA LYS D 231 5.29 39.04 1.83
C LYS D 231 5.30 38.87 3.35
N GLU D 232 4.22 38.32 3.89
CA GLU D 232 4.06 38.21 5.34
C GLU D 232 5.12 37.32 5.98
N THR D 233 5.44 36.19 5.36
CA THR D 233 6.32 35.19 5.95
C THR D 233 7.71 35.14 5.34
N GLY D 234 7.95 35.86 4.25
CA GLY D 234 9.23 35.78 3.57
C GLY D 234 9.93 37.13 3.44
N TYR D 235 9.34 38.06 2.68
CA TYR D 235 10.00 39.34 2.43
C TYR D 235 10.01 40.23 3.67
N GLY D 236 8.98 40.16 4.51
CA GLY D 236 8.80 41.12 5.57
C GLY D 236 8.28 42.46 5.04
N ALA D 237 8.07 43.38 5.98
CA ALA D 237 7.46 44.66 5.64
C ALA D 237 8.46 45.59 4.96
N GLU D 238 7.92 46.63 4.32
CA GLU D 238 8.77 47.66 3.74
C GLU D 238 9.68 48.26 4.80
N GLY D 239 10.99 48.18 4.58
CA GLY D 239 11.94 48.72 5.53
C GLY D 239 12.29 47.81 6.68
N GLU D 240 11.70 46.62 6.77
CA GLU D 240 12.05 45.62 7.77
C GLU D 240 12.26 44.29 7.07
N PRO D 241 13.29 44.18 6.24
CA PRO D 241 13.47 42.96 5.43
C PRO D 241 13.72 41.75 6.31
N ALA D 242 13.05 40.65 5.97
CA ALA D 242 13.37 39.37 6.56
C ALA D 242 14.29 38.62 5.61
N LEU D 243 13.73 38.15 4.50
CA LEU D 243 14.50 37.59 3.40
C LEU D 243 14.37 38.48 2.17
N CYS D 244 15.33 38.35 1.27
CA CYS D 244 15.42 39.23 0.12
C CYS D 244 14.94 38.60 -1.18
N SER D 245 14.83 37.28 -1.23
CA SER D 245 14.43 36.56 -2.43
C SER D 245 13.53 35.38 -2.05
N ALA D 246 12.44 35.19 -2.81
CA ALA D 246 11.59 34.02 -2.67
C ALA D 246 11.12 33.56 -4.04
N PHE D 247 10.80 32.27 -4.15
CA PHE D 247 10.33 31.76 -5.44
C PHE D 247 9.01 32.37 -5.82
N ASP D 248 8.84 32.62 -7.11
CA ASP D 248 7.66 33.31 -7.62
C ASP D 248 6.62 32.27 -8.03
N PHE D 249 6.06 31.59 -7.03
CA PHE D 249 4.93 30.71 -7.34
C PHE D 249 3.79 31.42 -8.04
N PRO D 250 3.36 32.63 -7.65
CA PRO D 250 2.23 33.26 -8.35
C PRO D 250 2.46 33.38 -9.85
N VAL D 251 3.62 33.89 -10.27
CA VAL D 251 3.87 33.99 -11.70
C VAL D 251 4.13 32.63 -12.33
N ARG D 252 4.73 31.68 -11.61
CA ARG D 252 4.83 30.33 -12.16
C ARG D 252 3.47 29.80 -12.55
N TYR D 253 2.47 29.95 -11.67
CA TYR D 253 1.13 29.49 -12.00
C TYR D 253 0.57 30.23 -13.23
N ARG D 254 0.77 31.55 -13.32
CA ARG D 254 0.27 32.28 -14.50
C ARG D 254 0.90 31.77 -15.79
N VAL D 255 2.21 31.48 -15.76
CA VAL D 255 2.91 31.01 -16.95
C VAL D 255 2.42 29.64 -17.38
N VAL D 256 2.27 28.69 -16.44
CA VAL D 256 1.77 27.40 -16.91
C VAL D 256 0.30 27.49 -17.27
N GLU D 257 -0.46 28.40 -16.66
CA GLU D 257 -1.87 28.50 -17.02
C GLU D 257 -2.06 29.17 -18.38
N THR D 258 -1.06 29.92 -18.85
CA THR D 258 -1.10 30.55 -20.17
C THR D 258 -0.61 29.58 -21.24
N PHE D 259 0.57 29.00 -21.06
CA PHE D 259 1.14 28.17 -22.11
C PHE D 259 0.84 26.68 -21.96
N ALA D 260 0.30 26.25 -20.81
CA ALA D 260 -0.21 24.89 -20.69
C ALA D 260 -1.51 24.92 -19.91
N ALA D 261 -1.59 24.09 -18.86
CA ALA D 261 -2.59 24.22 -17.81
C ALA D 261 -1.91 23.85 -16.50
N ASN D 262 -2.41 24.38 -15.39
CA ASN D 262 -1.82 24.00 -14.10
C ASN D 262 -2.27 22.60 -13.71
N GLU D 263 -1.74 22.10 -12.58
CA GLU D 263 -2.00 20.73 -12.16
C GLU D 263 -3.50 20.44 -12.06
N ASN D 264 -4.30 21.45 -11.70
CA ASN D 264 -5.73 21.27 -11.54
C ASN D 264 -6.51 21.43 -12.85
N GLY D 265 -5.86 21.81 -13.95
CA GLY D 265 -6.55 21.92 -15.22
C GLY D 265 -6.96 23.32 -15.64
N ILE D 266 -6.66 24.35 -14.85
CA ILE D 266 -6.94 25.72 -15.29
C ILE D 266 -5.90 26.11 -16.32
N GLY D 267 -6.36 26.48 -17.52
CA GLY D 267 -5.40 26.80 -18.55
C GLY D 267 -6.02 27.54 -19.72
N ASN D 268 -5.25 27.58 -20.81
CA ASN D 268 -5.65 28.28 -22.03
C ASN D 268 -5.80 29.78 -21.82
N LYS D 269 -5.06 30.36 -20.87
CA LYS D 269 -5.14 31.80 -20.62
C LYS D 269 -4.26 32.55 -21.62
N GLY D 270 -4.28 33.88 -21.56
CA GLY D 270 -3.55 34.68 -22.53
C GLY D 270 -2.60 35.70 -21.96
N GLY D 271 -2.12 36.61 -22.81
CA GLY D 271 -1.14 37.60 -22.35
C GLY D 271 -1.66 38.44 -21.20
N LYS D 272 -2.96 38.76 -21.21
CA LYS D 272 -3.56 39.52 -20.11
C LYS D 272 -3.34 38.82 -18.78
N TRP D 273 -3.42 37.48 -18.77
CA TRP D 273 -3.23 36.69 -17.54
C TRP D 273 -1.81 36.81 -17.04
N LEU D 274 -0.82 36.67 -17.94
CA LEU D 274 0.57 36.88 -17.56
C LEU D 274 0.77 38.27 -16.97
N ASP D 275 0.27 39.30 -17.64
CA ASP D 275 0.50 40.67 -17.19
C ASP D 275 -0.11 40.92 -15.81
N GLU D 276 -1.30 40.37 -15.58
CA GLU D 276 -1.93 40.53 -14.27
C GLU D 276 -1.05 39.95 -13.17
N GLY D 277 -0.42 38.81 -13.41
CA GLY D 277 0.47 38.25 -12.41
C GLY D 277 1.73 39.08 -12.23
N MET D 278 2.34 39.53 -13.33
CA MET D 278 3.57 40.33 -13.21
C MET D 278 3.30 41.64 -12.47
N ASN D 279 2.13 42.25 -12.69
CA ASN D 279 1.80 43.51 -12.04
C ASN D 279 1.73 43.37 -10.53
N LEU D 280 1.41 42.18 -10.02
CA LEU D 280 1.27 42.01 -8.58
C LEU D 280 2.61 41.99 -7.85
N HIS D 281 3.73 42.02 -8.58
CA HIS D 281 5.00 42.32 -7.95
C HIS D 281 4.97 43.65 -7.21
N ARG D 282 4.10 44.57 -7.63
CA ARG D 282 3.97 45.84 -6.93
C ARG D 282 3.48 45.65 -5.49
N LEU D 283 2.90 44.50 -5.17
CA LEU D 283 2.50 44.23 -3.78
C LEU D 283 3.70 43.98 -2.88
N TYR D 284 4.82 43.53 -3.43
CA TYR D 284 5.98 43.22 -2.60
C TYR D 284 6.65 44.50 -2.11
N PRO D 285 7.38 44.43 -0.99
CA PRO D 285 8.21 45.59 -0.59
C PRO D 285 9.36 45.79 -1.57
N SER D 286 9.94 46.98 -1.53
CA SER D 286 10.91 47.39 -2.55
C SER D 286 12.13 46.48 -2.61
N HIS D 287 12.47 45.78 -1.54
CA HIS D 287 13.66 44.94 -1.53
C HIS D 287 13.42 43.55 -2.09
N ALA D 288 12.18 43.20 -2.43
CA ALA D 288 11.86 41.83 -2.81
C ALA D 288 12.44 41.50 -4.17
N GLN D 289 12.97 40.29 -4.30
CA GLN D 289 13.70 39.87 -5.48
C GLN D 289 13.15 38.49 -5.87
N PRO D 290 11.98 38.45 -6.48
CA PRO D 290 11.35 37.14 -6.76
C PRO D 290 12.15 36.35 -7.79
N ASN D 291 12.10 35.03 -7.61
CA ASN D 291 12.89 34.07 -8.37
C ASN D 291 11.91 33.19 -9.16
N LEU D 292 11.94 33.30 -10.50
CA LEU D 292 10.94 32.60 -11.31
C LEU D 292 11.44 31.21 -11.67
N MET D 293 10.66 30.18 -11.34
CA MET D 293 10.80 28.85 -11.90
C MET D 293 9.54 28.50 -12.68
N LEU D 294 9.67 27.50 -13.54
CA LEU D 294 8.52 26.91 -14.23
C LEU D 294 8.06 25.62 -13.59
N GLY D 295 8.98 24.86 -13.00
CA GLY D 295 8.63 23.68 -12.25
C GLY D 295 9.63 23.49 -11.15
N ASN D 296 9.47 22.39 -10.41
CA ASN D 296 10.47 21.96 -9.45
C ASN D 296 10.16 20.52 -9.09
N HIS D 297 10.80 20.01 -8.04
CA HIS D 297 10.64 18.60 -7.66
C HIS D 297 9.29 18.31 -7.00
N ASP D 298 8.47 19.34 -6.73
CA ASP D 298 7.14 19.17 -6.14
C ASP D 298 6.00 19.44 -7.12
N LEU D 299 6.31 19.80 -8.37
CA LEU D 299 5.31 20.20 -9.34
C LEU D 299 5.40 19.26 -10.54
N VAL D 300 4.27 19.04 -11.19
CA VAL D 300 4.24 18.16 -12.35
C VAL D 300 5.07 18.78 -13.48
N ARG D 301 5.83 17.93 -14.20
CA ARG D 301 6.62 18.43 -15.33
C ARG D 301 5.75 19.17 -16.34
N PHE D 302 6.27 20.27 -16.87
CA PHE D 302 5.55 21.08 -17.86
C PHE D 302 5.00 20.23 -18.99
N GLY D 303 5.81 19.29 -19.51
CA GLY D 303 5.35 18.46 -20.59
C GLY D 303 4.22 17.52 -20.20
N ASP D 304 4.22 17.05 -18.95
CA ASP D 304 3.11 16.25 -18.49
C ASP D 304 1.87 17.10 -18.26
N LEU D 305 2.05 18.37 -17.89
CA LEU D 305 0.90 19.28 -17.79
C LEU D 305 0.26 19.51 -19.16
N LEU D 306 1.08 19.60 -20.20
CA LEU D 306 0.55 19.74 -21.56
C LEU D 306 -0.30 18.54 -21.94
N GLN D 307 0.18 17.34 -21.61
CA GLN D 307 -0.59 16.14 -21.90
C GLN D 307 -1.81 16.00 -20.99
N ARG D 308 -1.67 16.34 -19.70
CA ARG D 308 -2.82 16.24 -18.80
C ARG D 308 -4.00 17.05 -19.30
N GLY D 309 -3.75 18.26 -19.81
CA GLY D 309 -4.82 19.10 -20.33
C GLY D 309 -5.26 18.81 -21.74
N ASN D 310 -4.86 17.66 -22.30
CA ASN D 310 -5.09 17.35 -23.71
C ASN D 310 -4.69 18.52 -24.63
N ILE D 311 -3.59 19.18 -24.30
CA ILE D 311 -3.14 20.32 -25.09
C ILE D 311 -2.14 19.91 -26.15
N ALA D 312 -1.12 19.14 -25.78
CA ALA D 312 -0.04 18.83 -26.70
C ALA D 312 0.76 17.65 -26.15
N SER D 313 1.42 16.94 -27.06
CA SER D 313 2.17 15.73 -26.75
C SER D 313 3.46 15.77 -27.55
N PRO D 314 4.50 15.07 -27.09
CA PRO D 314 5.83 15.26 -27.71
C PRO D 314 5.88 14.97 -29.21
N GLU D 315 4.92 14.20 -29.75
CA GLU D 315 4.91 13.96 -31.18
C GLU D 315 4.38 15.15 -31.98
N GLN D 316 3.85 16.17 -31.32
CA GLN D 316 3.27 17.34 -32.01
C GLN D 316 4.20 18.54 -31.91
N ALA D 317 4.23 19.34 -32.97
CA ALA D 317 5.06 20.54 -33.00
C ALA D 317 4.67 21.50 -31.88
N GLU D 318 3.39 21.60 -31.57
CA GLU D 318 2.92 22.59 -30.59
C GLU D 318 3.47 22.31 -29.19
N TYR D 319 3.76 21.04 -28.89
CA TYR D 319 4.36 20.71 -27.60
C TYR D 319 5.67 21.44 -27.41
N TRP D 320 6.49 21.49 -28.45
CA TRP D 320 7.78 22.17 -28.35
C TRP D 320 7.63 23.67 -28.45
N GLU D 321 6.66 24.16 -29.22
CA GLU D 321 6.42 25.61 -29.31
CA GLU D 321 6.51 25.61 -29.29
C GLU D 321 5.99 26.17 -27.96
N ARG D 322 5.13 25.44 -27.25
CA ARG D 322 4.65 25.91 -25.95
C ARG D 322 5.75 25.89 -24.90
N HIS D 323 6.65 24.90 -24.96
CA HIS D 323 7.84 24.90 -24.11
C HIS D 323 8.71 26.13 -24.41
N LYS D 324 8.99 26.37 -25.69
CA LYS D 324 9.81 27.52 -26.05
C LYS D 324 9.18 28.82 -25.56
N ALA D 325 7.85 28.90 -25.61
CA ALA D 325 7.18 30.13 -25.17
C ALA D 325 7.38 30.36 -23.68
N ALA D 326 7.07 29.34 -22.86
CA ALA D 326 7.20 29.48 -21.41
C ALA D 326 8.64 29.78 -21.02
N LEU D 327 9.60 29.08 -21.63
CA LEU D 327 11.00 29.32 -21.30
C LEU D 327 11.45 30.70 -21.75
N SER D 328 10.92 31.21 -22.86
CA SER D 328 11.28 32.56 -23.26
C SER D 328 10.75 33.58 -22.27
N PHE D 329 9.56 33.33 -21.71
CA PHE D 329 9.04 34.26 -20.71
C PHE D 329 9.99 34.33 -19.52
N GLN D 330 10.51 33.18 -19.11
CA GLN D 330 11.48 33.17 -18.04
C GLN D 330 12.73 33.96 -18.43
N ALA D 331 13.16 33.81 -19.68
CA ALA D 331 14.36 34.46 -20.15
C ALA D 331 14.24 35.98 -20.15
N ALA D 332 13.01 36.50 -20.23
CA ALA D 332 12.74 37.93 -20.27
C ALA D 332 12.46 38.51 -18.88
N TYR D 333 12.43 37.68 -17.85
CA TYR D 333 11.98 38.03 -16.51
C TYR D 333 13.16 38.61 -15.71
N SER D 334 12.99 39.82 -15.18
CA SER D 334 14.05 40.45 -14.38
C SER D 334 14.16 39.76 -13.03
N GLY D 335 15.39 39.42 -12.65
CA GLY D 335 15.68 38.82 -11.37
C GLY D 335 16.17 37.40 -11.55
N PRO D 336 16.50 36.72 -10.45
CA PRO D 336 16.97 35.33 -10.54
C PRO D 336 15.92 34.42 -11.15
N ILE D 337 16.39 33.41 -11.89
CA ILE D 337 15.49 32.42 -12.50
C ILE D 337 16.05 31.02 -12.25
N THR D 338 15.14 30.05 -12.22
CA THR D 338 15.52 28.66 -11.92
C THR D 338 14.86 27.71 -12.91
N LEU D 339 15.65 26.82 -13.47
CA LEU D 339 15.19 25.81 -14.41
C LEU D 339 15.31 24.45 -13.74
N TYR D 340 14.27 23.63 -13.86
CA TYR D 340 14.24 22.31 -13.23
C TYR D 340 14.75 21.29 -14.24
N TYR D 341 15.65 20.40 -13.79
CA TYR D 341 16.35 19.52 -14.73
C TYR D 341 15.37 18.76 -15.61
N GLY D 342 15.61 18.78 -16.91
CA GLY D 342 14.74 18.14 -17.87
C GLY D 342 13.81 19.09 -18.60
N GLU D 343 13.52 20.26 -18.01
CA GLU D 343 12.72 21.25 -18.73
C GLU D 343 13.39 21.65 -20.05
N GLU D 344 14.72 21.63 -20.11
CA GLU D 344 15.46 22.08 -21.27
C GLU D 344 15.40 21.10 -22.45
N ILE D 345 14.96 19.87 -22.23
CA ILE D 345 14.74 18.91 -23.30
C ILE D 345 13.28 18.48 -23.39
N GLY D 346 12.37 19.19 -22.71
CA GLY D 346 10.96 18.87 -22.81
C GLY D 346 10.62 17.52 -22.20
N ASP D 347 11.21 17.21 -21.05
CA ASP D 347 11.04 15.90 -20.45
C ASP D 347 9.61 15.68 -19.97
N GLU D 348 9.19 14.43 -19.99
CA GLU D 348 7.86 14.05 -19.53
C GLU D 348 7.88 12.56 -19.24
N LEU D 349 7.07 12.15 -18.26
CA LEU D 349 7.07 10.76 -17.81
C LEU D 349 6.23 9.92 -18.76
N GLU D 350 6.85 8.92 -19.38
CA GLU D 350 6.16 8.06 -20.34
C GLU D 350 5.01 7.31 -19.68
N GLY D 351 3.90 7.22 -20.40
CA GLY D 351 2.75 6.49 -19.88
C GLY D 351 2.02 7.17 -18.75
N TYR D 352 2.23 8.47 -18.57
CA TYR D 352 1.66 9.21 -17.44
C TYR D 352 1.26 10.59 -17.91
N ALA D 353 0.12 11.10 -17.42
CA ALA D 353 -0.24 12.49 -17.63
C ALA D 353 -1.33 12.92 -16.68
N GLN D 354 -2.45 12.20 -16.72
CA GLN D 354 -3.55 12.50 -15.82
C GLN D 354 -3.11 12.29 -14.37
N LYS D 355 -3.72 13.06 -13.47
CA LYS D 355 -3.36 12.97 -12.06
C LYS D 355 -3.66 11.57 -11.54
N VAL D 356 -2.77 11.06 -10.70
CA VAL D 356 -2.95 9.73 -10.09
C VAL D 356 -2.97 9.91 -8.57
N GLU D 357 -4.07 9.50 -7.94
CA GLU D 357 -4.22 9.69 -6.50
C GLU D 357 -4.15 8.40 -5.71
N GLN D 358 -4.90 7.37 -6.10
CA GLN D 358 -4.97 6.18 -5.27
C GLN D 358 -3.64 5.45 -5.28
N ASP D 359 -3.15 5.12 -4.08
CA ASP D 359 -1.89 4.43 -3.93
C ASP D 359 -0.78 5.06 -4.77
N CYS D 360 -0.79 6.39 -4.93
CA CYS D 360 0.12 7.00 -5.88
C CYS D 360 1.58 6.97 -5.40
N ALA D 361 1.81 6.98 -4.09
CA ALA D 361 3.18 7.16 -3.59
C ALA D 361 4.06 5.94 -3.85
N VAL D 362 3.52 4.73 -3.71
CA VAL D 362 4.35 3.57 -4.03
C VAL D 362 4.60 3.49 -5.53
N GLN D 363 3.78 4.17 -6.33
CA GLN D 363 3.99 4.23 -7.77
C GLN D 363 4.94 5.34 -8.20
N GLY D 364 5.26 6.28 -7.31
CA GLY D 364 6.04 7.43 -7.73
C GLY D 364 5.28 8.37 -8.63
N LEU D 365 3.94 8.41 -8.51
CA LEU D 365 3.10 9.16 -9.43
C LEU D 365 2.28 10.27 -8.77
N CYS D 366 2.43 10.53 -7.49
CA CYS D 366 1.68 11.64 -6.90
C CYS D 366 2.17 12.95 -7.50
N ASP D 367 1.25 13.90 -7.65
CA ASP D 367 1.63 15.21 -8.19
C ASP D 367 2.84 15.80 -7.49
N ASP D 368 2.97 15.58 -6.17
CA ASP D 368 4.02 16.26 -5.43
C ASP D 368 5.39 15.59 -5.57
N HIS D 369 5.52 14.48 -6.30
CA HIS D 369 6.84 13.95 -6.58
C HIS D 369 7.00 13.32 -7.95
N VAL D 370 5.97 13.30 -8.79
CA VAL D 370 6.10 12.60 -10.07
C VAL D 370 7.18 13.22 -10.96
N ALA D 371 7.57 14.48 -10.73
CA ALA D 371 8.63 15.08 -11.55
C ALA D 371 10.03 14.56 -11.24
N ARG D 372 10.20 13.76 -10.20
CA ARG D 372 11.54 13.25 -9.82
C ARG D 372 11.84 11.98 -10.64
N THR D 373 12.02 12.20 -11.93
CA THR D 373 12.28 11.17 -12.92
C THR D 373 13.76 11.08 -13.19
N SER D 374 14.22 9.90 -13.63
CA SER D 374 15.64 9.72 -13.92
C SER D 374 16.11 10.74 -14.94
N ALA D 375 17.18 11.45 -14.62
CA ALA D 375 17.62 12.54 -15.49
C ALA D 375 18.10 12.01 -16.84
N ASN D 376 17.81 12.76 -17.88
CA ASN D 376 18.26 12.49 -19.24
C ASN D 376 19.31 13.53 -19.60
N ILE D 377 20.59 13.18 -19.43
CA ILE D 377 21.69 14.10 -19.66
C ILE D 377 22.40 13.67 -20.93
N ASP D 378 22.38 14.55 -21.93
CA ASP D 378 22.96 14.26 -23.24
C ASP D 378 24.40 13.79 -23.10
N GLY D 379 24.69 12.63 -23.71
CA GLY D 379 26.02 12.05 -23.67
C GLY D 379 26.36 11.35 -22.38
N LEU D 380 25.46 11.31 -21.41
CA LEU D 380 25.71 10.66 -20.14
C LEU D 380 24.69 9.58 -19.83
N THR D 381 23.40 9.89 -19.92
CA THR D 381 22.35 8.92 -19.65
C THR D 381 21.35 8.79 -20.80
N VAL D 382 21.56 9.51 -21.90
CA VAL D 382 20.58 9.55 -23.00
C VAL D 382 21.27 10.07 -24.25
N ASN D 383 20.71 9.73 -25.40
CA ASN D 383 21.05 10.33 -26.70
C ASN D 383 19.82 11.09 -27.17
N LEU D 384 19.89 12.42 -27.13
CA LEU D 384 18.73 13.24 -27.44
C LEU D 384 18.27 13.04 -28.88
N ASN D 385 16.94 13.01 -29.06
CA ASN D 385 16.38 13.01 -30.39
C ASN D 385 16.40 14.43 -30.97
N GLU D 386 15.86 14.59 -32.18
CA GLU D 386 15.94 15.85 -32.89
C GLU D 386 15.20 16.96 -32.16
N LYS D 387 14.01 16.68 -31.63
CA LYS D 387 13.22 17.74 -31.00
C LYS D 387 13.82 18.14 -29.66
N GLN D 388 14.31 17.18 -28.89
CA GLN D 388 14.98 17.48 -27.62
C GLN D 388 16.21 18.34 -27.84
N ARG D 389 17.03 17.96 -28.83
CA ARG D 389 18.24 18.72 -29.16
C ARG D 389 17.89 20.14 -29.55
N ASP D 390 16.82 20.30 -30.31
CA ASP D 390 16.37 21.63 -30.74
C ASP D 390 16.01 22.49 -29.55
N LEU D 391 15.22 21.95 -28.61
CA LEU D 391 14.81 22.74 -27.45
C LEU D 391 16.00 23.08 -26.58
N LYS D 392 16.92 22.12 -26.38
CA LYS D 392 18.10 22.38 -25.57
C LYS D 392 18.95 23.49 -26.16
N GLN D 393 19.11 23.50 -27.48
CA GLN D 393 19.84 24.57 -28.14
C GLN D 393 19.12 25.91 -27.99
N TYR D 394 17.78 25.89 -28.00
CA TYR D 394 17.02 27.11 -27.79
C TYR D 394 17.26 27.67 -26.39
N VAL D 395 17.22 26.81 -25.37
CA VAL D 395 17.50 27.27 -24.01
C VAL D 395 18.89 27.86 -23.93
N SER D 396 19.88 27.19 -24.53
CA SER D 396 21.22 27.76 -24.53
C SER D 396 21.25 29.13 -25.22
N GLN D 397 20.49 29.28 -26.31
CA GLN D 397 20.38 30.59 -26.95
C GLN D 397 19.79 31.62 -25.99
N LEU D 398 18.69 31.26 -25.33
CA LEU D 398 18.04 32.16 -24.39
C LEU D 398 18.98 32.56 -23.27
N MET D 399 19.70 31.59 -22.70
CA MET D 399 20.58 31.90 -21.58
C MET D 399 21.76 32.77 -22.01
N THR D 400 22.32 32.49 -23.19
CA THR D 400 23.38 33.35 -23.71
C THR D 400 22.88 34.78 -23.91
N LEU D 401 21.75 34.92 -24.59
CA LEU D 401 21.17 36.24 -24.80
C LEU D 401 20.95 36.95 -23.47
N ARG D 402 20.45 36.22 -22.47
CA ARG D 402 20.16 36.83 -21.18
C ARG D 402 21.44 37.32 -20.51
N ALA D 403 22.53 36.56 -20.64
CA ALA D 403 23.81 36.96 -20.05
C ALA D 403 24.38 38.21 -20.72
N ALA D 404 24.03 38.45 -21.99
CA ALA D 404 24.56 39.59 -22.71
C ALA D 404 23.73 40.86 -22.55
N HIS D 405 22.51 40.77 -22.05
CA HIS D 405 21.60 41.91 -22.07
C HIS D 405 21.06 42.24 -20.67
N PRO D 406 21.61 43.26 -20.02
CA PRO D 406 21.09 43.68 -18.72
C PRO D 406 19.60 43.99 -18.72
N ALA D 407 19.03 44.39 -19.87
CA ALA D 407 17.61 44.65 -19.93
C ALA D 407 16.81 43.39 -19.60
N LEU D 408 17.32 42.22 -19.97
CA LEU D 408 16.59 40.99 -19.68
C LEU D 408 16.67 40.63 -18.18
N SER D 409 17.85 40.74 -17.58
CA SER D 409 18.03 40.26 -16.21
C SER D 409 17.72 41.30 -15.15
N ARG D 410 17.91 42.59 -15.45
CA ARG D 410 17.66 43.61 -14.44
C ARG D 410 16.94 44.84 -15.01
N GLY D 411 16.41 44.75 -16.22
CA GLY D 411 15.74 45.91 -16.80
C GLY D 411 14.44 46.23 -16.09
N GLU D 412 14.08 47.51 -16.12
CA GLU D 412 12.75 47.90 -15.68
C GLU D 412 11.73 47.47 -16.71
N ARG D 413 10.63 46.89 -16.24
CA ARG D 413 9.62 46.33 -17.13
C ARG D 413 8.46 47.30 -17.30
N THR D 414 8.08 47.55 -18.55
CA THR D 414 6.83 48.25 -18.84
C THR D 414 6.04 47.43 -19.85
N ASN D 415 4.86 46.97 -19.44
CA ASN D 415 4.02 46.22 -20.37
C ASN D 415 3.50 47.14 -21.46
N ILE D 416 3.59 46.68 -22.70
CA ILE D 416 3.09 47.45 -23.84
C ILE D 416 1.75 46.92 -24.31
N VAL D 417 1.64 45.59 -24.45
CA VAL D 417 0.40 44.93 -24.85
C VAL D 417 0.25 43.68 -24.00
N ALA D 418 -0.98 43.41 -23.56
CA ALA D 418 -1.31 42.14 -22.94
C ALA D 418 -2.79 41.87 -23.19
N ASN D 419 -3.09 41.07 -24.20
CA ASN D 419 -4.46 40.73 -24.54
C ASN D 419 -4.54 39.20 -24.65
N GLU D 420 -5.57 38.70 -25.33
CA GLU D 420 -5.76 37.26 -25.40
C GLU D 420 -4.73 36.57 -26.28
N THR D 421 -4.11 37.27 -27.23
CA THR D 421 -3.27 36.62 -28.22
C THR D 421 -1.78 36.98 -28.14
N VAL D 422 -1.41 38.03 -27.42
CA VAL D 422 -0.01 38.44 -27.40
C VAL D 422 0.30 39.12 -26.08
N TYR D 423 1.59 39.06 -25.70
CA TYR D 423 2.15 39.68 -24.51
C TYR D 423 3.41 40.41 -24.94
N ILE D 424 3.49 41.71 -24.70
CA ILE D 424 4.61 42.53 -25.18
C ILE D 424 5.09 43.41 -24.03
N ASP D 425 6.32 43.19 -23.58
CA ASP D 425 6.96 43.98 -22.55
C ASP D 425 8.10 44.78 -23.17
N HIS D 426 8.31 45.98 -22.65
CA HIS D 426 9.48 46.81 -22.91
C HIS D 426 10.45 46.65 -21.74
N LYS D 427 11.68 46.24 -22.03
CA LYS D 427 12.70 46.03 -21.01
C LYS D 427 13.83 47.03 -21.24
N GLN D 428 14.26 47.69 -20.18
CA GLN D 428 15.27 48.74 -20.31
C GLN D 428 16.20 48.73 -19.11
N ALA D 429 17.48 48.54 -19.36
CA ALA D 429 18.52 48.78 -18.36
C ALA D 429 19.53 49.74 -18.96
N ASP D 430 19.70 50.90 -18.32
CA ASP D 430 20.65 51.91 -18.80
C ASP D 430 20.46 52.23 -20.28
N ASP D 431 21.42 51.85 -21.13
CA ASP D 431 21.35 52.07 -22.57
C ASP D 431 20.96 50.81 -23.34
N ASP D 432 20.54 49.76 -22.65
CA ASP D 432 20.07 48.53 -23.27
C ASP D 432 18.54 48.58 -23.20
N ALA D 433 17.89 48.64 -24.36
CA ALA D 433 16.43 48.64 -24.40
C ALA D 433 15.98 47.66 -25.46
N LEU D 434 14.98 46.83 -25.12
CA LEU D 434 14.51 45.82 -26.06
C LEU D 434 13.04 45.53 -25.80
N ILE D 435 12.43 44.86 -26.78
CA ILE D 435 11.07 44.37 -26.72
C ILE D 435 11.10 42.86 -26.58
N TYR D 436 10.38 42.33 -25.59
CA TYR D 436 10.05 40.91 -25.54
C TYR D 436 8.59 40.73 -25.93
N MET D 437 8.33 39.90 -26.92
CA MET D 437 6.96 39.62 -27.33
C MET D 437 6.79 38.12 -27.54
N VAL D 438 5.64 37.61 -27.10
CA VAL D 438 5.34 36.20 -27.21
C VAL D 438 3.86 36.03 -27.52
N SER D 439 3.57 35.14 -28.46
CA SER D 439 2.21 34.79 -28.82
C SER D 439 1.60 33.89 -27.77
N THR D 440 0.35 34.16 -27.42
CA THR D 440 -0.38 33.31 -26.47
C THR D 440 -1.58 32.66 -27.15
N THR D 441 -1.47 32.35 -28.44
CA THR D 441 -2.57 31.75 -29.18
C THR D 441 -2.04 30.68 -30.13
N ALA D 442 -2.92 29.77 -30.51
CA ALA D 442 -2.53 28.75 -31.47
C ALA D 442 -2.58 29.26 -32.91
N ASP D 443 -3.08 30.48 -33.14
CA ASP D 443 -3.17 31.05 -34.48
C ASP D 443 -1.95 31.92 -34.78
N GLN D 444 -1.60 31.97 -36.06
CA GLN D 444 -0.63 32.92 -36.55
C GLN D 444 -1.22 34.33 -36.53
N ASP D 445 -0.36 35.32 -36.30
CA ASP D 445 -0.87 36.69 -36.29
C ASP D 445 0.27 37.65 -36.58
N THR D 446 -0.10 38.81 -37.12
CA THR D 446 0.82 39.92 -37.34
C THR D 446 0.47 41.02 -36.36
N VAL D 447 1.47 41.51 -35.64
CA VAL D 447 1.25 42.53 -34.63
C VAL D 447 1.79 43.84 -35.16
N GLU D 448 1.05 44.91 -34.91
CA GLU D 448 1.46 46.26 -35.26
C GLU D 448 1.86 46.98 -33.99
N LEU D 449 3.15 47.26 -33.85
CA LEU D 449 3.69 47.89 -32.66
C LEU D 449 4.13 49.31 -33.00
N LYS D 450 3.40 50.30 -32.49
CA LYS D 450 3.69 51.70 -32.79
C LYS D 450 5.02 52.12 -32.19
N ALA D 451 5.88 52.70 -33.02
CA ALA D 451 7.23 53.05 -32.58
C ALA D 451 7.20 53.99 -31.38
N SER D 452 6.31 54.99 -31.40
CA SER D 452 6.25 55.95 -30.31
C SER D 452 5.67 55.34 -29.04
N ASP D 453 4.95 54.22 -29.15
CA ASP D 453 4.49 53.52 -27.96
C ASP D 453 5.62 52.83 -27.21
N ILE D 454 6.77 52.61 -27.86
CA ILE D 454 7.87 51.87 -27.25
C ILE D 454 9.14 52.70 -27.18
N ALA D 455 9.02 54.02 -27.29
CA ALA D 455 10.16 54.93 -27.19
C ALA D 455 11.29 54.50 -28.12
N SER D 456 10.93 54.21 -29.36
CA SER D 456 11.85 53.71 -30.39
C SER D 456 11.92 54.71 -31.55
N ASP D 457 13.13 55.21 -31.83
CA ASP D 457 13.29 56.18 -32.91
C ASP D 457 13.71 55.55 -34.23
N GLY D 458 14.31 54.37 -34.24
CA GLY D 458 14.85 53.79 -35.46
C GLY D 458 14.31 52.43 -35.83
N GLN D 459 15.21 51.45 -35.95
CA GLN D 459 14.89 50.09 -36.33
C GLN D 459 14.82 49.18 -35.11
N LEU D 460 14.09 48.07 -35.24
CA LEU D 460 14.17 46.95 -34.31
C LEU D 460 14.98 45.83 -34.95
N VAL D 461 15.79 45.14 -34.16
CA VAL D 461 16.63 44.08 -34.67
C VAL D 461 16.37 42.81 -33.87
N ASP D 462 16.02 41.74 -34.56
CA ASP D 462 15.81 40.47 -33.88
C ASP D 462 17.14 39.98 -33.33
N LEU D 463 17.23 39.87 -32.00
CA LEU D 463 18.50 39.54 -31.37
C LEU D 463 18.89 38.08 -31.54
N LEU D 464 18.06 37.27 -32.18
CA LEU D 464 18.41 35.88 -32.45
C LEU D 464 18.55 35.56 -33.93
N THR D 465 17.78 36.21 -34.80
CA THR D 465 17.89 36.00 -36.24
C THR D 465 18.58 37.15 -36.97
N GLY D 466 18.71 38.31 -36.32
CA GLY D 466 19.30 39.47 -36.96
C GLY D 466 18.39 40.26 -37.87
N LYS D 467 17.17 39.78 -38.12
CA LYS D 467 16.23 40.50 -38.99
C LYS D 467 16.01 41.92 -38.51
N VAL D 468 16.05 42.87 -39.45
CA VAL D 468 15.84 44.29 -39.16
C VAL D 468 14.39 44.62 -39.50
N HIS D 469 13.71 45.32 -38.59
CA HIS D 469 12.33 45.75 -38.80
C HIS D 469 12.29 47.27 -38.85
N SER D 470 11.60 47.80 -39.86
CA SER D 470 11.47 49.24 -40.04
C SER D 470 10.02 49.65 -39.84
N ALA D 471 9.84 50.82 -39.24
CA ALA D 471 8.48 51.35 -39.06
C ALA D 471 7.85 51.62 -40.41
N ILE D 472 6.59 51.22 -40.55
CA ILE D 472 5.74 51.56 -41.68
C ILE D 472 4.56 52.35 -41.14
N ASN D 473 4.42 53.61 -41.59
CA ASN D 473 3.41 54.49 -41.01
C ASN D 473 3.54 54.56 -39.49
N GLY D 474 4.79 54.56 -39.03
CA GLY D 474 5.10 54.66 -37.61
C GLY D 474 4.93 53.39 -36.82
N GLU D 475 4.71 52.25 -37.47
CA GLU D 475 4.45 50.98 -36.78
C GLU D 475 5.35 49.90 -37.35
N TYR D 476 6.03 49.17 -36.48
CA TYR D 476 6.69 47.94 -36.91
C TYR D 476 5.64 46.86 -37.05
N GLN D 477 5.65 46.17 -38.19
CA GLN D 477 4.76 45.05 -38.42
C GLN D 477 5.57 43.75 -38.24
N ILE D 478 5.18 42.95 -37.26
CA ILE D 478 5.95 41.79 -36.83
C ILE D 478 5.04 40.58 -36.83
N SER D 479 5.45 39.53 -37.53
CA SER D 479 4.67 38.30 -37.59
C SER D 479 5.07 37.40 -36.43
N LEU D 480 4.09 36.77 -35.81
CA LEU D 480 4.33 35.84 -34.73
C LEU D 480 3.61 34.54 -35.05
N ALA D 481 4.40 33.48 -35.27
CA ALA D 481 3.91 32.13 -35.38
C ALA D 481 3.19 31.75 -34.09
N PRO D 482 2.39 30.69 -34.06
CA PRO D 482 1.69 30.31 -32.82
C PRO D 482 2.67 30.09 -31.69
N PHE D 483 2.46 30.82 -30.59
CA PHE D 483 3.31 30.75 -29.40
C PHE D 483 4.76 31.07 -29.70
N GLU D 484 5.03 31.77 -30.80
CA GLU D 484 6.39 32.21 -31.07
C GLU D 484 6.76 33.36 -30.15
N ALA D 485 8.01 33.38 -29.70
CA ALA D 485 8.55 34.51 -28.97
C ALA D 485 9.64 35.18 -29.79
N LYS D 486 9.74 36.51 -29.66
CA LYS D 486 10.82 37.26 -30.27
C LYS D 486 11.43 38.22 -29.26
N PHE D 487 12.75 38.36 -29.32
CA PHE D 487 13.50 39.37 -28.58
C PHE D 487 14.01 40.39 -29.59
N LEU D 488 13.56 41.65 -29.46
CA LEU D 488 13.86 42.67 -30.46
C LEU D 488 14.61 43.84 -29.84
N LEU D 489 15.83 44.07 -30.30
CA LEU D 489 16.61 45.21 -29.82
C LEU D 489 16.01 46.52 -30.33
N ILE D 490 15.78 47.48 -29.42
CA ILE D 490 15.42 48.82 -29.84
C ILE D 490 16.73 49.54 -30.15
N GLU D 491 17.12 49.51 -31.42
CA GLU D 491 18.44 49.99 -31.80
C GLU D 491 18.66 51.44 -31.40
N THR D 492 17.64 52.28 -31.53
CA THR D 492 17.76 53.71 -31.21
C THR D 492 16.64 54.13 -30.25
N PRO D 493 16.84 53.96 -28.95
CA PRO D 493 15.82 54.40 -27.98
C PRO D 493 15.67 55.92 -27.98
N SER D 494 14.45 56.38 -27.73
CA SER D 494 14.16 57.81 -27.63
C SER D 494 14.83 58.40 -26.39
N ALA D 495 14.70 59.72 -26.26
CA ALA D 495 15.25 60.45 -25.12
C ALA D 495 14.48 60.24 -23.82
N SER D 496 13.33 59.56 -23.87
CA SER D 496 12.60 59.16 -22.66
C SER D 496 11.50 58.18 -23.04
N GLY D 497 11.16 57.30 -22.09
CA GLY D 497 10.07 56.36 -22.27
C GLY D 497 8.87 56.69 -21.42
#